data_5JS9
#
_entry.id   5JS9
#
_cell.length_a   261.955
_cell.length_b   261.955
_cell.length_c   261.955
_cell.angle_alpha   90.00
_cell.angle_beta   90.00
_cell.angle_gamma   90.00
#
_symmetry.space_group_name_H-M   'I 2 3'
#
loop_
_entity.id
_entity.type
_entity.pdbx_description
1 polymer 'broadly neutralizing antibody PGT128 heavy chain'
2 polymer 'broadly neutralizing antibody PGT128 light chain'
3 polymer gp120
4 polymer gp41
5 polymer 'broadly neutralizing antibody 8ANC195 heavy chain'
6 polymer 'broadly neutralizing antibody 8ANC195 light chain'
7 branched 2-acetamido-2-deoxy-beta-D-glucopyranose-(1-4)-2-acetamido-2-deoxy-beta-D-glucopyranose
8 branched alpha-D-mannopyranose-(1-2)-alpha-D-mannopyranose-(1-3)-[alpha-D-mannopyranose-(1-3)-[alpha-D-mannopyranose-(1-6)]alpha-D-mannopyranose-(1-6)]beta-D-mannopyranose-(1-4)-2-acetamido-2-deoxy-beta-D-glucopyranose-(1-4)-2-acetamido-2-deoxy-beta-D-glucopyranose
9 branched alpha-D-mannopyranose-(1-2)-alpha-D-mannopyranose-(1-2)-alpha-D-mannopyranose-(1-3)-[alpha-D-mannopyranose-(1-2)-alpha-D-mannopyranose-(1-6)-[alpha-D-mannopyranose-(1-3)]alpha-D-mannopyranose-(1-6)]beta-D-mannopyranose-(1-4)-2-acetamido-2-deoxy-beta-D-glucopyranose-(1-4)-2-acetamido-2-deoxy-beta-D-glucopyranose
10 branched alpha-D-mannopyranose-(1-2)-alpha-D-mannopyranose-(1-2)-alpha-D-mannopyranose-(1-3)-[alpha-D-mannopyranose-(1-3)-alpha-D-mannopyranose-(1-6)]beta-D-mannopyranose-(1-4)-2-acetamido-2-deoxy-beta-D-glucopyranose-(1-4)-2-acetamido-2-deoxy-beta-D-glucopyranose
11 branched alpha-D-mannopyranose-(1-3)-[alpha-D-mannopyranose-(1-6)]beta-D-mannopyranose-(1-4)-2-acetamido-2-deoxy-beta-D-glucopyranose-(1-4)-2-acetamido-2-deoxy-beta-D-glucopyranose
12 branched alpha-D-mannopyranose-(1-2)-alpha-D-mannopyranose-(1-3)-beta-D-mannopyranose-(1-4)-2-acetamido-2-deoxy-beta-D-glucopyranose-(1-4)-2-acetamido-2-deoxy-beta-D-glucopyranose
13 branched beta-D-mannopyranose-(1-4)-2-acetamido-2-deoxy-beta-D-glucopyranose-(1-4)-2-acetamido-2-deoxy-beta-D-glucopyranose
14 branched alpha-D-mannopyranose-(1-2)-alpha-D-mannopyranose-(1-2)-alpha-D-mannopyranose-(1-3)-[alpha-D-mannopyranose-(1-2)-alpha-D-mannopyranose-(1-3)-[alpha-D-mannopyranose-(1-2)-alpha-D-mannopyranose-(1-6)]alpha-D-mannopyranose-(1-6)]beta-D-mannopyranose-(1-4)-2-acetamido-2-deoxy-beta-D-glucopyranose-(1-4)-2-acetamido-2-deoxy-beta-D-glucopyranose
15 branched alpha-D-mannopyranose-(1-6)-beta-D-mannopyranose-(1-4)-2-acetamido-2-deoxy-beta-D-glucopyranose-(1-4)-2-acetamido-2-deoxy-beta-D-glucopyranose
16 non-polymer 2-acetamido-2-deoxy-beta-D-glucopyranose
#
loop_
_entity_poly.entity_id
_entity_poly.type
_entity_poly.pdbx_seq_one_letter_code
_entity_poly.pdbx_strand_id
1 'polypeptide(L)'
;EPQLQESGPTLVEASETLSLTCAVSGDSTAACNSFWGWVRQPPGKGLEWVGSLSHCASYWNRGWTYHNPSLKSRLTLALD
TPKNLVFLKLNSVTAADTATYYCARFGGEVLRYTDWPKPAWVDLWGRGTLVTVSSASTKGPSVFPLAPSSKSTSGGTAAL
GCLVKDYFPEPVTVSWNSGALTSGVHTFPAVLQSSGLYSLSSVVTVPSSSLGTQTYICNVNHKPSNTKVDKRVEPKSCD
;
A
2 'polypeptide(L)'
;QSALTQPPSASGSPGQSITISCTGTSNNFVSWYQQHAGKAPKLVIYDVNKRPSGVPDRFSGSKSGNTASLTVSGLQTDDE
AVYYCGSLVGNWDVIFGGGTKLTVLGQPKAAPSVTLFPPSSEELQANKATLVCLISDFYPGAVTVAWKADSSPVKAGVET
TTPSKQSNNKYAASSYLSLTPEQWKSHRSYSCQVTHEGSTVEKTVAPTECS
;
B
3 'polypeptide(L)'
;AENLWVTVYYGVPVWKDAETTLFCASDAKAYETEKHNVWATHACVPTDPNPQEIHLENVTEEFNMWKNNMVEQMHTDIIS
LWDQSLKPCVKLTPLCVTLQCTNVTAITDDMRGELKNCSFNMTTELRDKKQKVYSLFYRLDVVQINENQGNRSNNSNKEY
RLINCNTSAITQACPKVSFEPIPIHYCAPAGFAILKCKDKKFNGTGPCPSVSTVQCTHGIKPVVSTQLLLNGSLAEEEVM
IRSENITNNAKNILVQFNTPVQINCTRPNNNTRKSIRIGPGQAFYATGDIIGDIRQAHCNVSKATWNETLGKVVKQLRKH
FGNNTIIRFANSSGGDLEVTTHSFNCGGEFFYCNTSGLFNSTWISNTSVQGSNSTGSNDSITLPCRIKQIINMWQRIGQA
MYAPPIQGVIRCVSNITGLILTRDGGSTNSTTETFRPGGGDMRDNWRSELYKYKVVKIEPLGVAPTRCKRRVVGRRRRRR
;
C
4 'polypeptide(L)'
;AVGIGAVFLGFLGAAGSTMGAASMTLTVQARNLLSGNPDWLPDMTVWGIKQLQARVLAVERYLRDQQLLGIWGCSGKLIC
CTNVPWNSSWSNRNLSEIWDNMTWLQWDKEISNYTQIIYGLLEESQNQQEKNEQDLLALD
;
D
5 'polypeptide(L)'
;QIHLVQSGTEVKKPGSSVTVSCKAYGVNTFGLYAVNWVRQAPGQSLEYIGQIWRWKSSASHHFRGRVLISAVDLTGSSPP
ISSLEIKNLTSDDTAVYFCTTTSTYDKWSGLHHDGVMAFSSWGQGTLISVSAASTKGPSVFPLAPSSKSTSGGTAALGCL
VKDYFPEPVTVSWNSGALTSGVHTFPAVLQSSGLYSLSSVVTVPSSSLGTQTYICNVNHKPSNTKVDKKVEPKSCDKT
;
E
6 'polypeptide(L)'
;DIQMTQSPSTLSASIGDTVRISCRASQSITGNWVAWYQQRPGKAPRLLIYRGAALLGGVPSRFSGSAAGTDFTLTIGNLQ
AEDFGTFYCQQYDTYPGTFGQGTKVEVKRTVAAPSVFIFPPSDEQLKSGTASVVCLLNNFYPREAKVQWKVDNALQSGNS
QESVTEQDSKDSTYSLSSTLTLSKADYEKHKVYACEVTHQGLSSPVTKSFNRGEC
;
F
#
# COMPACT_ATOMS: atom_id res chain seq x y z
N PRO A 2 29.30 24.49 -37.96
CA PRO A 2 29.75 24.59 -36.57
C PRO A 2 31.13 25.23 -36.47
N GLN A 3 31.22 26.36 -35.78
CA GLN A 3 32.47 27.08 -35.63
C GLN A 3 32.67 27.55 -34.19
N LEU A 4 33.88 27.37 -33.68
CA LEU A 4 34.21 27.81 -32.34
C LEU A 4 35.20 28.97 -32.37
N GLN A 5 34.80 30.10 -31.80
CA GLN A 5 35.62 31.30 -31.81
C GLN A 5 36.04 31.70 -30.39
N GLU A 6 37.34 31.61 -30.11
CA GLU A 6 37.87 32.00 -28.81
C GLU A 6 38.10 33.51 -28.74
N SER A 7 37.89 34.07 -27.55
CA SER A 7 38.09 35.49 -27.33
C SER A 7 38.52 35.80 -25.90
N GLY A 8 39.35 36.83 -25.74
CA GLY A 8 39.85 37.22 -24.44
C GLY A 8 41.22 37.85 -24.51
N PRO A 9 41.80 38.18 -23.36
CA PRO A 9 43.13 38.80 -23.28
C PRO A 9 44.24 37.86 -23.75
N THR A 10 45.09 38.32 -24.66
CA THR A 10 46.23 37.53 -25.12
C THR A 10 47.43 37.75 -24.20
N LEU A 11 47.39 38.82 -23.43
CA LEU A 11 48.46 39.15 -22.50
C LEU A 11 47.92 39.40 -21.10
N VAL A 12 48.26 38.52 -20.16
CA VAL A 12 47.83 38.68 -18.77
C VAL A 12 49.03 38.68 -17.83
N GLU A 13 48.94 39.47 -16.77
CA GLU A 13 50.00 39.52 -15.77
C GLU A 13 49.91 38.35 -14.79
N ALA A 14 51.04 38.01 -14.18
CA ALA A 14 51.12 36.88 -13.26
C ALA A 14 50.26 37.09 -12.02
N SER A 15 49.82 35.97 -11.43
CA SER A 15 49.05 35.94 -10.19
C SER A 15 47.65 36.55 -10.35
N GLU A 16 47.34 37.07 -11.53
CA GLU A 16 46.04 37.65 -11.78
C GLU A 16 45.03 36.59 -12.23
N THR A 17 43.85 37.04 -12.63
CA THR A 17 42.80 36.14 -13.06
C THR A 17 42.65 36.11 -14.57
N LEU A 18 42.91 34.95 -15.17
CA LEU A 18 42.75 34.78 -16.61
C LEU A 18 41.31 34.42 -16.94
N SER A 19 40.70 35.21 -17.83
CA SER A 19 39.31 34.97 -18.23
C SER A 19 39.21 34.84 -19.75
N LEU A 20 38.53 33.79 -20.20
CA LEU A 20 38.34 33.54 -21.62
C LEU A 20 36.90 33.15 -21.92
N THR A 21 36.40 33.57 -23.08
CA THR A 21 35.01 33.30 -23.46
C THR A 21 34.91 32.76 -24.88
N CYS A 22 34.24 31.62 -25.03
CA CYS A 22 34.05 31.00 -26.34
C CYS A 22 32.67 31.33 -26.90
N ALA A 23 32.63 31.72 -28.17
CA ALA A 23 31.36 32.01 -28.84
C ALA A 23 31.06 30.96 -29.89
N VAL A 24 30.02 30.16 -29.65
CA VAL A 24 29.64 29.09 -30.55
C VAL A 24 28.72 29.60 -31.67
N SER A 25 28.86 29.02 -32.85
CA SER A 25 28.02 29.38 -33.99
C SER A 25 27.60 28.15 -34.78
N GLY A 26 26.30 27.96 -34.93
CA GLY A 26 25.78 26.82 -35.67
C GLY A 26 25.26 25.71 -34.78
N ASP A 27 25.36 25.91 -33.47
CA ASP A 27 24.92 24.91 -32.51
C ASP A 27 24.45 25.55 -31.22
N SER A 28 23.64 24.82 -30.45
CA SER A 28 23.12 25.31 -29.19
C SER A 28 23.86 24.67 -28.02
N THR A 29 24.16 25.48 -27.00
CA THR A 29 24.79 25.00 -25.78
C THR A 29 23.79 24.18 -24.96
N ALA A 30 22.52 24.34 -25.27
CA ALA A 30 21.45 23.60 -24.60
C ALA A 30 21.50 22.12 -24.97
N ALA A 31 22.01 21.82 -26.17
CA ALA A 31 22.05 20.45 -26.67
C ALA A 31 22.75 19.49 -25.70
N CYS A 32 22.10 18.38 -25.42
CA CYS A 32 22.60 17.39 -24.47
C CYS A 32 23.49 16.34 -25.13
N ASN A 33 23.78 16.53 -26.42
CA ASN A 33 24.56 15.55 -27.19
C ASN A 33 26.06 15.60 -26.90
N SER A 34 26.55 16.75 -26.43
CA SER A 34 27.97 16.92 -26.20
C SER A 34 28.27 17.81 -25.01
N PHE A 35 29.47 17.67 -24.44
CA PHE A 35 29.92 18.55 -23.37
C PHE A 35 30.71 19.72 -23.94
N TRP A 36 30.78 20.81 -23.19
CA TRP A 36 31.50 21.99 -23.61
C TRP A 36 32.57 22.37 -22.59
N GLY A 37 33.79 22.57 -23.07
CA GLY A 37 34.90 22.91 -22.20
C GLY A 37 36.10 23.45 -22.94
N TRP A 38 37.28 23.25 -22.38
CA TRP A 38 38.52 23.77 -22.95
C TRP A 38 39.66 22.76 -22.94
N VAL A 39 40.57 22.90 -23.90
CA VAL A 39 41.80 22.13 -23.94
C VAL A 39 42.94 23.08 -24.32
N ARG A 40 43.93 23.19 -23.44
CA ARG A 40 45.03 24.11 -23.69
C ARG A 40 46.29 23.37 -24.14
N GLN A 41 47.01 23.96 -25.09
CA GLN A 41 48.23 23.36 -25.59
C GLN A 41 49.40 24.33 -25.46
N PRO A 42 50.21 24.16 -24.40
CA PRO A 42 51.43 24.96 -24.21
C PRO A 42 52.35 24.88 -25.42
N PRO A 43 53.12 25.95 -25.68
CA PRO A 43 53.97 26.03 -26.86
C PRO A 43 54.94 24.86 -26.98
N GLY A 44 54.91 24.19 -28.13
CA GLY A 44 55.74 23.03 -28.39
C GLY A 44 55.56 21.88 -27.41
N LYS A 45 54.34 21.71 -26.91
CA LYS A 45 54.06 20.65 -25.94
C LYS A 45 52.78 19.90 -26.27
N GLY A 46 52.45 18.91 -25.44
CA GLY A 46 51.29 18.05 -25.67
C GLY A 46 49.96 18.63 -25.26
N LEU A 47 48.89 17.91 -25.59
CA LEU A 47 47.53 18.33 -25.28
C LEU A 47 47.14 17.95 -23.85
N GLU A 48 46.64 18.94 -23.09
CA GLU A 48 46.18 18.70 -21.71
C GLU A 48 44.71 19.04 -21.52
N TRP A 49 43.97 18.13 -20.90
CA TRP A 49 42.55 18.34 -20.61
C TRP A 49 42.33 19.31 -19.45
N VAL A 50 41.44 20.27 -19.65
CA VAL A 50 41.12 21.26 -18.63
C VAL A 50 39.86 20.90 -17.85
N GLY A 51 38.73 20.86 -18.55
CA GLY A 51 37.46 20.52 -17.94
C GLY A 51 36.28 20.80 -18.83
N SER A 52 35.11 20.30 -18.44
CA SER A 52 33.88 20.50 -19.20
C SER A 52 32.65 20.42 -18.29
N LEU A 53 31.54 21.01 -18.71
CA LEU A 53 30.32 20.93 -17.93
C LEU A 53 29.09 20.79 -18.83
N SER A 54 27.92 20.61 -18.21
CA SER A 54 26.67 20.50 -18.94
C SER A 54 25.47 20.72 -18.02
N HIS A 55 24.54 21.55 -18.46
CA HIS A 55 23.35 21.86 -17.68
C HIS A 55 22.31 20.75 -17.76
N CYS A 56 22.42 19.91 -18.79
CA CYS A 56 21.51 18.78 -18.97
C CYS A 56 21.73 17.80 -17.83
N ALA A 57 20.82 17.85 -16.86
CA ALA A 57 21.04 17.16 -15.59
C ALA A 57 20.20 15.91 -15.39
N SER A 58 20.21 15.43 -14.15
CA SER A 58 19.39 14.31 -13.74
C SER A 58 18.57 14.73 -12.51
N TYR A 59 17.97 13.75 -11.83
CA TYR A 59 17.06 14.06 -10.74
C TYR A 59 17.76 14.55 -9.46
N TRP A 60 19.05 14.27 -9.32
CA TRP A 60 19.75 14.64 -8.09
C TRP A 60 20.65 15.86 -8.25
N ASN A 61 20.75 16.37 -9.47
CA ASN A 61 21.60 17.53 -9.72
C ASN A 61 20.99 18.53 -10.67
N ARG A 62 21.52 19.74 -10.67
CA ARG A 62 21.07 20.79 -11.58
C ARG A 62 21.99 20.88 -12.79
N GLY A 63 22.97 19.98 -12.85
CA GLY A 63 23.86 19.90 -13.98
C GLY A 63 25.08 19.03 -13.72
N TRP A 64 26.05 19.11 -14.62
CA TRP A 64 27.31 18.38 -14.46
C TRP A 64 28.47 19.31 -14.74
N THR A 65 29.52 19.23 -13.93
CA THR A 65 30.73 20.02 -14.17
C THR A 65 32.01 19.26 -13.83
N TYR A 66 32.92 19.14 -14.79
CA TYR A 66 34.15 18.39 -14.57
C TYR A 66 35.39 19.29 -14.57
N HIS A 67 36.22 19.14 -13.54
CA HIS A 67 37.46 19.90 -13.43
C HIS A 67 38.65 18.94 -13.43
N ASN A 68 39.75 19.37 -14.05
CA ASN A 68 41.01 18.63 -13.95
C ASN A 68 41.56 18.73 -12.53
N PRO A 69 41.84 17.59 -11.90
CA PRO A 69 42.23 17.49 -10.49
C PRO A 69 43.30 18.50 -10.07
N SER A 70 44.28 18.74 -10.92
CA SER A 70 45.34 19.69 -10.61
C SER A 70 44.89 21.14 -10.77
N LEU A 71 44.13 21.41 -11.83
CA LEU A 71 43.71 22.77 -12.15
C LEU A 71 42.39 23.13 -11.46
N LYS A 72 41.79 22.15 -10.79
CA LYS A 72 40.49 22.31 -10.14
C LYS A 72 40.42 23.53 -9.24
N SER A 73 41.42 23.70 -8.38
CA SER A 73 41.43 24.77 -7.39
C SER A 73 41.44 26.16 -8.02
N ARG A 74 42.16 26.32 -9.12
CA ARG A 74 42.36 27.64 -9.70
C ARG A 74 41.43 27.98 -10.86
N LEU A 75 40.52 27.08 -11.21
CA LEU A 75 39.65 27.34 -12.35
C LEU A 75 38.17 27.35 -11.99
N THR A 76 37.38 28.00 -12.82
CA THR A 76 35.93 28.00 -12.70
C THR A 76 35.29 27.91 -14.08
N LEU A 77 34.43 26.91 -14.27
CA LEU A 77 33.76 26.70 -15.55
C LEU A 77 32.31 27.16 -15.53
N ALA A 78 31.86 27.78 -16.63
CA ALA A 78 30.50 28.30 -16.71
C ALA A 78 29.93 28.22 -18.13
N LEU A 79 28.65 27.88 -18.24
CA LEU A 79 27.96 27.87 -19.53
C LEU A 79 26.73 28.79 -19.54
N ASP A 80 26.66 29.66 -20.53
CA ASP A 80 25.48 30.47 -20.77
C ASP A 80 24.63 29.86 -21.89
N THR A 81 23.51 29.24 -21.52
CA THR A 81 22.65 28.55 -22.49
C THR A 81 21.88 29.47 -23.44
N PRO A 82 21.19 30.51 -22.93
CA PRO A 82 20.50 31.38 -23.88
C PRO A 82 21.45 32.08 -24.83
N LYS A 83 22.52 32.64 -24.31
CA LYS A 83 23.45 33.44 -25.11
C LYS A 83 24.41 32.54 -25.86
N ASN A 84 24.33 31.25 -25.58
CA ASN A 84 25.16 30.24 -26.26
C ASN A 84 26.66 30.52 -26.12
N LEU A 85 27.10 30.78 -24.90
CA LEU A 85 28.50 31.13 -24.66
C LEU A 85 29.16 30.24 -23.61
N VAL A 86 30.47 30.03 -23.79
CA VAL A 86 31.26 29.25 -22.83
C VAL A 86 32.25 30.17 -22.11
N PHE A 87 32.45 29.94 -20.83
CA PHE A 87 33.34 30.79 -20.04
C PHE A 87 34.43 29.99 -19.32
N LEU A 88 35.60 30.60 -19.17
CA LEU A 88 36.69 30.00 -18.41
C LEU A 88 37.40 31.05 -17.57
N LYS A 89 37.49 30.79 -16.27
CA LYS A 89 38.17 31.71 -15.36
C LYS A 89 39.25 31.00 -14.56
N LEU A 90 40.48 31.51 -14.66
CA LEU A 90 41.61 30.93 -13.95
C LEU A 90 42.13 31.89 -12.90
N ASN A 91 42.03 31.51 -11.63
CA ASN A 91 42.50 32.34 -10.54
C ASN A 91 43.98 32.08 -10.26
N SER A 92 44.68 33.12 -9.82
CA SER A 92 46.11 33.05 -9.50
C SER A 92 46.90 32.37 -10.61
N VAL A 93 47.05 33.09 -11.73
CA VAL A 93 47.69 32.52 -12.91
C VAL A 93 49.20 32.78 -12.90
N THR A 94 49.96 31.78 -13.31
CA THR A 94 51.42 31.89 -13.37
C THR A 94 51.92 31.72 -14.80
N ALA A 95 53.17 32.06 -15.03
CA ALA A 95 53.78 31.94 -16.35
C ALA A 95 53.79 30.50 -16.84
N ALA A 96 53.59 29.56 -15.90
CA ALA A 96 53.47 28.16 -16.23
C ALA A 96 52.13 27.85 -16.89
N ASP A 97 51.16 28.74 -16.69
CA ASP A 97 49.84 28.56 -17.27
C ASP A 97 49.75 29.13 -18.69
N THR A 98 50.87 29.62 -19.19
CA THR A 98 50.95 30.16 -20.54
C THR A 98 50.77 29.05 -21.58
N ALA A 99 49.75 29.18 -22.42
CA ALA A 99 49.43 28.16 -23.39
C ALA A 99 48.54 28.68 -24.51
N THR A 100 48.40 27.89 -25.57
CA THR A 100 47.42 28.17 -26.61
C THR A 100 46.10 27.51 -26.25
N TYR A 101 45.10 28.32 -25.90
CA TYR A 101 43.84 27.79 -25.41
C TYR A 101 42.86 27.54 -26.54
N TYR A 102 42.37 26.30 -26.62
CA TYR A 102 41.39 25.92 -27.65
C TYR A 102 40.01 25.69 -27.06
N CYS A 103 38.99 26.18 -27.74
CA CYS A 103 37.60 25.91 -27.38
C CYS A 103 37.23 24.50 -27.83
N ALA A 104 36.83 23.65 -26.88
CA ALA A 104 36.64 22.23 -27.18
C ALA A 104 35.20 21.75 -26.96
N ARG A 105 34.74 20.90 -27.88
CA ARG A 105 33.45 20.22 -27.76
C ARG A 105 33.67 18.74 -27.49
N PHE A 106 33.15 18.24 -26.39
CA PHE A 106 33.42 16.86 -25.98
C PHE A 106 32.34 15.87 -26.42
N GLY A 107 32.76 14.87 -27.19
CA GLY A 107 31.87 13.78 -27.55
C GLY A 107 32.14 12.57 -26.69
N GLY A 108 31.25 11.59 -26.74
CA GLY A 108 31.37 10.41 -25.92
C GLY A 108 30.01 9.85 -25.55
N GLU A 109 29.92 9.23 -24.38
CA GLU A 109 28.65 8.76 -23.88
C GLU A 109 27.95 9.89 -23.13
N VAL A 110 27.54 10.90 -23.89
CA VAL A 110 26.91 12.09 -23.34
C VAL A 110 25.40 12.10 -23.54
N LEU A 111 24.95 11.55 -24.67
CA LEU A 111 23.53 11.60 -25.03
C LEU A 111 22.78 10.41 -24.46
N ARG A 112 23.52 9.35 -24.16
CA ARG A 112 22.97 8.14 -23.55
C ARG A 112 24.02 7.50 -22.65
N TYR A 113 24.03 7.88 -21.38
CA TYR A 113 25.01 7.37 -20.44
C TYR A 113 24.40 6.50 -19.35
N THR A 114 25.28 5.90 -18.56
CA THR A 114 24.87 5.12 -17.39
C THR A 114 25.52 5.80 -16.19
N ASP A 115 24.74 5.99 -15.13
CA ASP A 115 25.22 6.75 -13.97
C ASP A 115 25.58 8.14 -14.45
N TRP A 116 26.83 8.54 -14.22
CA TRP A 116 27.33 9.82 -14.72
C TRP A 116 27.62 9.78 -16.23
N PRO A 117 27.57 10.95 -16.89
CA PRO A 117 27.89 11.05 -18.32
C PRO A 117 29.38 10.85 -18.57
N LYS A 118 29.72 10.21 -19.69
CA LYS A 118 31.12 9.89 -19.97
C LYS A 118 31.62 10.47 -21.30
N PRO A 119 32.16 11.69 -21.25
CA PRO A 119 32.82 12.33 -22.41
C PRO A 119 34.27 11.86 -22.54
N ALA A 120 34.68 11.46 -23.74
CA ALA A 120 35.99 10.85 -23.92
C ALA A 120 36.84 11.45 -25.03
N TRP A 121 36.19 12.06 -26.03
CA TRP A 121 36.92 12.63 -27.15
C TRP A 121 36.34 13.95 -27.65
N VAL A 122 37.22 14.81 -28.14
CA VAL A 122 36.85 16.11 -28.70
C VAL A 122 36.63 16.06 -30.20
N ASP A 123 35.37 16.05 -30.62
CA ASP A 123 35.03 15.97 -32.03
C ASP A 123 35.21 17.30 -32.77
N LEU A 124 34.82 18.41 -32.13
CA LEU A 124 34.90 19.71 -32.77
C LEU A 124 35.86 20.66 -32.03
N TRP A 125 36.82 21.21 -32.77
CA TRP A 125 37.80 22.12 -32.20
C TRP A 125 37.57 23.58 -32.60
N GLY A 126 38.32 24.48 -31.99
CA GLY A 126 38.35 25.88 -32.38
C GLY A 126 39.69 26.22 -32.99
N ARG A 127 39.84 27.47 -33.43
CA ARG A 127 41.12 27.92 -33.98
C ARG A 127 42.17 28.14 -32.88
N GLY A 128 41.71 28.61 -31.73
CA GLY A 128 42.58 28.80 -30.58
C GLY A 128 43.34 30.11 -30.58
N THR A 129 43.70 30.57 -29.39
CA THR A 129 44.49 31.79 -29.22
C THR A 129 45.62 31.57 -28.22
N LEU A 130 46.69 32.35 -28.34
CA LEU A 130 47.82 32.22 -27.43
C LEU A 130 47.76 33.26 -26.31
N VAL A 131 47.75 32.76 -25.08
CA VAL A 131 47.77 33.63 -23.90
C VAL A 131 49.10 33.50 -23.16
N THR A 132 49.84 34.61 -23.08
CA THR A 132 51.13 34.59 -22.41
C THR A 132 51.06 35.28 -21.05
N VAL A 133 51.44 34.55 -20.01
CA VAL A 133 51.41 35.08 -18.65
C VAL A 133 52.78 35.58 -18.22
N SER A 134 52.87 36.88 -17.97
CA SER A 134 54.15 37.49 -17.60
C SER A 134 54.04 38.39 -16.39
N SER A 135 55.05 38.32 -15.52
CA SER A 135 55.08 39.13 -14.31
C SER A 135 55.84 40.41 -14.61
N ALA A 136 56.19 40.58 -15.88
CA ALA A 136 56.99 41.70 -16.34
C ALA A 136 56.32 42.44 -17.50
N SER A 137 57.04 43.38 -18.10
CA SER A 137 56.52 44.16 -19.23
C SER A 137 57.25 43.82 -20.53
N THR A 138 58.26 44.62 -20.88
CA THR A 138 59.08 44.34 -22.06
C THR A 138 60.57 44.52 -21.77
N LYS A 139 61.37 43.50 -22.07
CA LYS A 139 62.79 43.51 -21.70
C LYS A 139 63.74 43.26 -22.86
N GLY A 140 64.86 43.98 -22.86
CA GLY A 140 65.91 43.80 -23.86
C GLY A 140 66.85 42.63 -23.60
N PRO A 141 67.28 41.96 -24.68
CA PRO A 141 68.18 40.80 -24.67
C PRO A 141 69.63 41.14 -24.32
N SER A 142 70.27 40.28 -23.53
CA SER A 142 71.69 40.43 -23.20
C SER A 142 72.58 39.75 -24.24
N VAL A 143 73.44 40.53 -24.88
CA VAL A 143 74.26 40.03 -25.98
C VAL A 143 75.70 39.68 -25.57
N PHE A 144 76.08 38.42 -25.80
CA PHE A 144 77.44 37.97 -25.58
C PHE A 144 77.98 37.23 -26.81
N PRO A 145 79.24 37.48 -27.17
CA PRO A 145 79.86 36.84 -28.33
C PRO A 145 80.28 35.39 -28.06
N LEU A 146 80.22 34.55 -29.09
CA LEU A 146 80.63 33.15 -28.98
C LEU A 146 81.92 32.88 -29.76
N ALA A 147 83.01 32.63 -29.04
CA ALA A 147 84.31 32.39 -29.65
C ALA A 147 84.45 30.95 -30.15
N PRO A 148 84.82 30.79 -31.43
CA PRO A 148 85.04 29.47 -32.03
C PRO A 148 86.40 28.88 -31.69
N SER A 149 86.73 27.75 -32.31
CA SER A 149 88.01 27.10 -32.07
C SER A 149 89.16 27.89 -32.69
N SER A 154 86.12 23.35 -37.33
CA SER A 154 86.80 22.11 -37.68
C SER A 154 86.46 21.68 -39.10
N GLY A 155 87.39 20.98 -39.74
CA GLY A 155 87.19 20.50 -41.09
C GLY A 155 87.52 21.57 -42.12
N GLY A 156 88.46 22.46 -41.78
CA GLY A 156 88.88 23.50 -42.68
C GLY A 156 88.06 24.77 -42.53
N THR A 157 86.83 24.62 -42.06
CA THR A 157 85.96 25.75 -41.82
C THR A 157 85.26 25.63 -40.47
N ALA A 158 85.53 26.56 -39.57
CA ALA A 158 84.93 26.53 -38.23
C ALA A 158 83.62 27.30 -38.20
N ALA A 159 82.96 27.31 -37.05
CA ALA A 159 81.68 27.99 -36.89
C ALA A 159 81.67 28.89 -35.67
N LEU A 160 81.13 30.11 -35.83
CA LEU A 160 81.02 31.06 -34.74
C LEU A 160 79.61 31.68 -34.70
N GLY A 161 79.22 32.24 -33.56
CA GLY A 161 77.90 32.79 -33.41
C GLY A 161 77.75 33.91 -32.40
N CYS A 162 76.54 34.42 -32.27
CA CYS A 162 76.20 35.45 -31.29
C CYS A 162 75.13 34.95 -30.32
N LEU A 163 75.37 35.10 -29.02
CA LEU A 163 74.43 34.61 -28.02
C LEU A 163 73.39 35.67 -27.63
N VAL A 164 72.12 35.30 -27.75
CA VAL A 164 71.02 36.17 -27.32
C VAL A 164 70.35 35.62 -26.06
N LYS A 165 70.58 36.30 -24.94
CA LYS A 165 70.04 35.85 -23.66
C LYS A 165 68.66 36.44 -23.37
N ASP A 166 68.28 36.43 -22.10
CA ASP A 166 66.91 36.70 -21.65
C ASP A 166 66.26 37.94 -22.26
N TYR A 167 65.07 37.76 -22.83
CA TYR A 167 64.33 38.87 -23.42
C TYR A 167 62.84 38.54 -23.48
N PHE A 168 62.03 39.57 -23.73
CA PHE A 168 60.58 39.45 -23.82
C PHE A 168 59.96 40.76 -24.26
N PRO A 169 59.01 40.71 -25.21
CA PRO A 169 58.58 39.53 -25.94
C PRO A 169 59.27 39.37 -27.29
N GLU A 170 58.85 38.38 -28.07
CA GLU A 170 59.38 38.16 -29.41
C GLU A 170 58.92 39.28 -30.35
N PRO A 171 59.52 39.37 -31.55
CA PRO A 171 60.67 38.62 -32.09
C PRO A 171 62.00 39.35 -31.98
N VAL A 172 63.06 38.69 -32.46
CA VAL A 172 64.40 39.28 -32.54
C VAL A 172 65.03 38.91 -33.88
N THR A 173 65.62 39.89 -34.56
CA THR A 173 66.27 39.64 -35.83
C THR A 173 67.78 39.80 -35.73
N VAL A 174 68.52 38.74 -36.06
CA VAL A 174 69.97 38.76 -36.01
C VAL A 174 70.57 38.53 -37.39
N SER A 175 71.30 39.53 -37.89
CA SER A 175 71.94 39.45 -39.20
C SER A 175 73.45 39.54 -39.08
N TRP A 176 74.16 38.87 -39.98
CA TRP A 176 75.61 38.89 -39.97
C TRP A 176 76.14 39.98 -40.89
N ASN A 177 76.85 40.94 -40.31
CA ASN A 177 77.40 42.08 -41.04
C ASN A 177 76.32 42.81 -41.84
N SER A 178 75.13 42.90 -41.24
CA SER A 178 73.97 43.56 -41.85
C SER A 178 73.61 42.97 -43.21
N GLY A 179 73.39 41.65 -43.22
CA GLY A 179 72.95 40.96 -44.43
C GLY A 179 74.02 40.86 -45.50
N ALA A 180 75.28 40.83 -45.09
CA ALA A 180 76.38 40.72 -46.03
C ALA A 180 76.57 39.28 -46.50
N LEU A 181 76.34 38.33 -45.59
CA LEU A 181 76.52 36.92 -45.92
C LEU A 181 75.19 36.17 -45.88
N THR A 182 74.96 35.34 -46.89
CA THR A 182 73.74 34.54 -46.97
C THR A 182 74.05 33.05 -46.88
N SER A 183 74.82 32.55 -47.84
CA SER A 183 75.25 31.16 -47.84
C SER A 183 76.11 30.84 -46.62
N GLY A 184 75.73 29.79 -45.90
CA GLY A 184 76.46 29.38 -44.71
C GLY A 184 76.06 30.18 -43.49
N VAL A 185 74.81 30.66 -43.50
CA VAL A 185 74.27 31.42 -42.37
C VAL A 185 73.05 30.71 -41.81
N HIS A 186 72.96 30.64 -40.49
CA HIS A 186 71.89 29.90 -39.84
C HIS A 186 71.42 30.55 -38.54
N THR A 187 70.13 30.37 -38.24
CA THR A 187 69.54 30.94 -37.02
C THR A 187 68.57 29.95 -36.38
N PHE A 188 68.76 29.71 -35.08
CA PHE A 188 67.91 28.78 -34.34
C PHE A 188 66.72 29.47 -33.67
N PRO A 189 65.60 28.75 -33.53
CA PRO A 189 64.36 29.26 -32.94
C PRO A 189 64.48 29.63 -31.45
N ALA A 190 63.49 30.35 -30.94
CA ALA A 190 63.48 30.83 -29.57
C ALA A 190 63.21 29.74 -28.54
N VAL A 191 63.62 29.98 -27.29
CA VAL A 191 63.43 29.03 -26.19
C VAL A 191 62.79 29.70 -24.96
N LEU A 192 61.74 29.10 -24.43
CA LEU A 192 61.08 29.59 -23.22
C LEU A 192 61.79 29.19 -21.93
N GLN A 193 62.21 30.19 -21.16
CA GLN A 193 62.91 29.96 -19.90
C GLN A 193 61.95 29.69 -18.76
N SER A 194 62.45 29.10 -17.68
CA SER A 194 61.66 28.85 -16.48
C SER A 194 61.23 30.16 -15.81
N SER A 195 61.87 31.26 -16.17
CA SER A 195 61.53 32.58 -15.63
C SER A 195 60.54 33.31 -16.54
N GLY A 196 60.01 32.60 -17.52
CA GLY A 196 59.00 33.15 -18.42
C GLY A 196 59.55 33.95 -19.58
N LEU A 197 60.88 34.04 -19.69
CA LEU A 197 61.50 34.83 -20.74
C LEU A 197 61.77 34.02 -22.01
N TYR A 198 62.44 34.66 -22.97
CA TYR A 198 62.75 34.05 -24.25
C TYR A 198 64.26 34.07 -24.53
N SER A 199 64.74 33.11 -25.33
CA SER A 199 66.14 33.07 -25.71
C SER A 199 66.36 32.33 -27.03
N LEU A 200 67.35 32.77 -27.80
CA LEU A 200 67.70 32.10 -29.06
C LEU A 200 69.16 32.39 -29.44
N SER A 201 69.57 31.92 -30.62
CA SER A 201 70.94 32.13 -31.08
C SER A 201 71.09 32.03 -32.60
N SER A 202 72.32 32.23 -33.07
CA SER A 202 72.63 32.11 -34.50
C SER A 202 74.00 31.45 -34.70
N VAL A 203 74.28 31.02 -35.92
CA VAL A 203 75.55 30.39 -36.25
C VAL A 203 75.93 30.62 -37.71
N VAL A 204 77.21 30.80 -37.97
CA VAL A 204 77.70 31.02 -39.33
C VAL A 204 79.00 30.24 -39.56
N THR A 205 79.17 29.70 -40.76
CA THR A 205 80.35 28.91 -41.09
C THR A 205 81.29 29.69 -42.01
N VAL A 206 82.52 29.88 -41.55
CA VAL A 206 83.51 30.63 -42.31
C VAL A 206 84.87 29.93 -42.29
N PRO A 207 85.66 30.11 -43.36
CA PRO A 207 86.99 29.51 -43.44
C PRO A 207 87.93 30.02 -42.35
N SER A 208 88.98 29.26 -42.07
CA SER A 208 89.94 29.63 -41.03
C SER A 208 90.90 30.70 -41.55
N SER A 209 91.06 30.74 -42.87
CA SER A 209 91.97 31.70 -43.50
C SER A 209 91.46 33.13 -43.37
N SER A 210 90.15 33.26 -43.15
CA SER A 210 89.53 34.58 -43.02
C SER A 210 89.77 35.17 -41.64
N LEU A 211 90.11 34.31 -40.68
CA LEU A 211 90.44 34.75 -39.32
C LEU A 211 91.65 35.68 -39.35
N GLY A 212 91.50 36.85 -38.73
CA GLY A 212 92.50 37.90 -38.83
C GLY A 212 91.88 39.27 -38.64
N THR A 213 92.44 40.27 -39.32
CA THR A 213 91.89 41.62 -39.29
C THR A 213 90.43 41.66 -39.74
N GLN A 214 90.01 40.63 -40.47
CA GLN A 214 88.62 40.49 -40.88
C GLN A 214 87.85 39.80 -39.76
N THR A 215 86.93 40.54 -39.13
CA THR A 215 86.16 40.02 -38.02
C THR A 215 84.69 39.93 -38.35
N TYR A 216 83.91 39.31 -37.47
CA TYR A 216 82.49 39.14 -37.69
C TYR A 216 81.68 39.85 -36.62
N ILE A 217 80.68 40.61 -37.05
CA ILE A 217 79.83 41.35 -36.14
C ILE A 217 78.37 41.08 -36.48
N CYS A 218 77.59 40.68 -35.47
CA CYS A 218 76.18 40.42 -35.66
C CYS A 218 75.34 41.64 -35.31
N ASN A 219 74.28 41.86 -36.09
CA ASN A 219 73.38 42.98 -35.87
C ASN A 219 72.08 42.54 -35.23
N VAL A 220 71.91 42.89 -33.95
CA VAL A 220 70.71 42.50 -33.22
C VAL A 220 69.68 43.61 -33.27
N ASN A 221 68.41 43.23 -33.46
CA ASN A 221 67.33 44.20 -33.53
C ASN A 221 66.10 43.72 -32.76
N HIS A 222 65.64 44.53 -31.81
CA HIS A 222 64.44 44.20 -31.06
C HIS A 222 63.53 45.41 -30.99
N LYS A 223 62.36 45.29 -31.60
CA LYS A 223 61.39 46.39 -31.68
C LYS A 223 60.73 46.72 -30.33
N PRO A 224 60.17 45.73 -29.62
CA PRO A 224 59.43 46.09 -28.40
C PRO A 224 60.28 46.78 -27.33
N SER A 225 61.47 46.22 -27.02
CA SER A 225 62.32 46.80 -25.99
C SER A 225 63.25 47.87 -26.55
N ASN A 226 63.15 48.13 -27.85
CA ASN A 226 64.00 49.11 -28.53
C ASN A 226 65.47 48.81 -28.35
N THR A 227 65.93 47.68 -28.90
CA THR A 227 67.30 47.25 -28.70
C THR A 227 68.00 46.95 -30.03
N LYS A 228 68.98 47.77 -30.37
CA LYS A 228 69.87 47.48 -31.50
C LYS A 228 71.32 47.41 -31.01
N VAL A 229 71.89 46.21 -31.04
CA VAL A 229 73.22 45.97 -30.48
C VAL A 229 74.13 45.20 -31.43
N ASP A 230 75.28 45.77 -31.74
CA ASP A 230 76.28 45.10 -32.55
C ASP A 230 77.50 44.73 -31.70
N LYS A 231 77.97 43.49 -31.86
CA LYS A 231 79.11 43.01 -31.10
C LYS A 231 80.12 42.27 -31.99
N ARG A 232 81.39 42.57 -31.81
CA ARG A 232 82.44 41.89 -32.56
C ARG A 232 82.84 40.59 -31.85
N VAL A 233 83.15 39.56 -32.64
CA VAL A 233 83.48 38.26 -32.09
C VAL A 233 84.95 37.89 -32.30
N GLU A 234 85.64 37.59 -31.20
CA GLU A 234 87.04 37.18 -31.27
C GLU A 234 87.29 35.93 -30.42
N PRO A 235 88.14 35.03 -30.93
CA PRO A 235 88.49 33.79 -30.22
C PRO A 235 89.66 33.97 -29.26
N LEU B 4 49.23 8.15 -21.17
CA LEU B 4 49.37 7.26 -22.31
C LEU B 4 50.73 7.42 -22.98
N THR B 5 51.35 6.30 -23.33
CA THR B 5 52.68 6.33 -23.94
C THR B 5 52.64 6.27 -25.46
N GLN B 6 52.96 7.40 -26.09
CA GLN B 6 53.06 7.47 -27.54
C GLN B 6 54.51 7.65 -27.99
N PRO B 7 54.94 6.86 -28.97
CA PRO B 7 56.30 6.97 -29.55
C PRO B 7 56.59 8.40 -30.00
N PRO B 8 57.82 8.88 -29.76
CA PRO B 8 58.19 10.27 -30.02
C PRO B 8 58.13 10.64 -31.50
N SER B 9 58.57 9.73 -32.36
CA SER B 9 58.67 10.02 -33.78
C SER B 9 58.19 8.85 -34.63
N ALA B 10 57.99 9.14 -35.92
CA ALA B 10 57.60 8.12 -36.89
C ALA B 10 57.83 8.65 -38.29
N SER B 11 58.38 7.80 -39.17
CA SER B 11 58.68 8.20 -40.53
C SER B 11 58.25 7.15 -41.53
N GLY B 12 58.02 7.59 -42.77
CA GLY B 12 57.65 6.68 -43.83
C GLY B 12 57.68 7.36 -45.19
N SER B 13 57.85 6.57 -46.25
CA SER B 13 57.82 7.09 -47.60
C SER B 13 56.38 7.11 -48.11
N PRO B 14 56.09 7.96 -49.10
CA PRO B 14 54.75 8.03 -49.70
C PRO B 14 54.29 6.69 -50.27
N GLY B 15 53.09 6.27 -49.89
CA GLY B 15 52.54 5.00 -50.34
C GLY B 15 52.72 3.88 -49.32
N GLN B 16 53.71 4.01 -48.45
CA GLN B 16 53.93 3.02 -47.41
C GLN B 16 52.90 3.17 -46.30
N SER B 17 52.80 2.14 -45.45
CA SER B 17 51.84 2.16 -44.35
C SER B 17 52.51 2.25 -42.99
N ILE B 18 52.09 3.21 -42.19
CA ILE B 18 52.64 3.41 -40.84
C ILE B 18 51.62 3.04 -39.77
N THR B 19 52.07 2.30 -38.75
CA THR B 19 51.23 1.97 -37.62
C THR B 19 51.83 2.52 -36.32
N ILE B 20 51.17 3.50 -35.73
CA ILE B 20 51.62 4.07 -34.47
C ILE B 20 50.77 3.54 -33.31
N SER B 21 51.43 3.24 -32.20
CA SER B 21 50.76 2.62 -31.06
C SER B 21 50.49 3.58 -29.90
N CYS B 22 49.73 3.09 -28.93
CA CYS B 22 49.48 3.81 -27.69
C CYS B 22 49.15 2.80 -26.60
N THR B 23 49.64 3.03 -25.39
CA THR B 23 49.40 2.09 -24.29
C THR B 23 48.88 2.80 -23.05
N GLY B 24 48.23 2.03 -22.18
CA GLY B 24 47.64 2.58 -20.97
C GLY B 24 46.13 2.64 -21.07
N THR B 25 45.59 2.18 -22.19
CA THR B 25 44.15 2.18 -22.40
C THR B 25 43.55 0.83 -22.02
N SER B 26 42.76 0.83 -20.95
CA SER B 26 42.08 -0.38 -20.50
C SER B 26 40.66 -0.39 -21.04
N ASN B 27 40.23 0.77 -21.54
CA ASN B 27 38.90 0.92 -22.09
C ASN B 27 38.94 1.14 -23.61
N ASN B 28 37.76 1.20 -24.22
CA ASN B 28 37.65 1.34 -25.67
C ASN B 28 37.46 2.78 -26.13
N PHE B 29 37.61 3.73 -25.20
CA PHE B 29 37.32 5.13 -25.50
C PHE B 29 38.46 5.80 -26.26
N VAL B 30 39.46 5.01 -26.63
CA VAL B 30 40.65 5.52 -27.32
C VAL B 30 40.31 6.32 -28.58
N SER B 31 40.99 7.45 -28.75
CA SER B 31 40.81 8.30 -29.92
C SER B 31 42.13 8.96 -30.31
N TRP B 32 42.31 9.18 -31.61
CA TRP B 32 43.54 9.79 -32.11
C TRP B 32 43.26 11.14 -32.77
N TYR B 33 44.22 12.05 -32.67
CA TYR B 33 44.07 13.39 -33.23
C TYR B 33 45.24 13.77 -34.15
N GLN B 34 44.96 14.66 -35.10
CA GLN B 34 46.00 15.17 -35.99
C GLN B 34 46.13 16.68 -35.91
N GLN B 35 47.32 17.16 -35.54
CA GLN B 35 47.56 18.59 -35.44
C GLN B 35 48.68 19.05 -36.36
N HIS B 36 48.34 19.85 -37.36
CA HIS B 36 49.33 20.46 -38.22
C HIS B 36 50.03 21.60 -37.47
N ALA B 37 51.32 21.77 -37.72
CA ALA B 37 52.09 22.81 -37.06
C ALA B 37 51.55 24.20 -37.40
N GLY B 38 51.22 24.98 -36.37
CA GLY B 38 50.67 26.31 -36.56
C GLY B 38 49.17 26.27 -36.83
N LYS B 39 48.55 25.15 -36.51
CA LYS B 39 47.13 24.97 -36.73
C LYS B 39 46.46 24.29 -35.54
N ALA B 40 45.15 24.08 -35.63
CA ALA B 40 44.40 23.41 -34.59
C ALA B 40 44.35 21.90 -34.82
N PRO B 41 44.29 21.13 -33.73
CA PRO B 41 44.20 19.67 -33.82
C PRO B 41 42.87 19.20 -34.39
N LYS B 42 42.89 18.12 -35.16
CA LYS B 42 41.67 17.55 -35.73
C LYS B 42 41.56 16.06 -35.41
N LEU B 43 40.36 15.63 -35.02
CA LEU B 43 40.14 14.24 -34.65
C LEU B 43 40.03 13.38 -35.91
N VAL B 44 40.97 12.45 -36.07
CA VAL B 44 41.00 11.59 -37.23
C VAL B 44 40.34 10.23 -36.98
N ILE B 45 40.10 9.92 -35.71
CA ILE B 45 39.49 8.65 -35.36
C ILE B 45 38.88 8.74 -33.96
N TYR B 46 37.89 7.90 -33.70
CA TYR B 46 37.24 7.87 -32.40
C TYR B 46 36.68 6.49 -32.13
N ASP B 47 36.52 6.15 -30.85
CA ASP B 47 35.96 4.87 -30.43
C ASP B 47 36.76 3.75 -31.12
N VAL B 48 38.08 3.88 -31.04
CA VAL B 48 39.02 2.96 -31.66
C VAL B 48 38.85 3.08 -33.19
N ASN B 49 38.60 1.97 -33.88
CA ASN B 49 38.53 1.91 -35.34
C ASN B 49 37.63 2.90 -36.09
N LYS B 50 36.51 3.29 -35.47
CA LYS B 50 35.51 4.13 -36.15
C LYS B 50 36.05 5.45 -36.70
N ARG B 51 35.64 5.76 -37.93
CA ARG B 51 36.07 6.97 -38.62
C ARG B 51 34.99 8.05 -38.61
N PRO B 52 35.42 9.32 -38.60
CA PRO B 52 34.48 10.45 -38.71
C PRO B 52 34.25 10.90 -40.15
N SER B 53 33.47 11.97 -40.32
CA SER B 53 33.12 12.49 -41.63
C SER B 53 34.31 13.14 -42.34
N GLY B 54 34.44 12.86 -43.64
CA GLY B 54 35.47 13.47 -44.46
C GLY B 54 36.86 12.96 -44.16
N VAL B 55 36.93 11.78 -43.57
CA VAL B 55 38.22 11.16 -43.25
C VAL B 55 38.44 9.90 -44.08
N PRO B 56 39.56 9.85 -44.83
CA PRO B 56 39.92 8.74 -45.72
C PRO B 56 39.92 7.39 -45.01
N ASP B 57 39.65 6.34 -45.77
CA ASP B 57 39.57 4.98 -45.24
C ASP B 57 40.91 4.50 -44.69
N ARG B 58 41.99 5.08 -45.23
CA ARG B 58 43.34 4.64 -44.88
C ARG B 58 43.72 4.86 -43.42
N PHE B 59 42.91 5.64 -42.69
CA PHE B 59 43.09 5.80 -41.25
C PHE B 59 42.26 4.77 -40.48
N SER B 60 42.93 3.92 -39.71
CA SER B 60 42.24 2.89 -38.95
C SER B 60 42.78 2.74 -37.52
N GLY B 61 41.87 2.77 -36.55
CA GLY B 61 42.23 2.58 -35.15
C GLY B 61 42.16 1.11 -34.76
N SER B 62 43.02 0.70 -33.82
CA SER B 62 43.00 -0.66 -33.32
C SER B 62 43.51 -0.73 -31.89
N LYS B 63 42.93 -1.62 -31.09
CA LYS B 63 43.35 -1.80 -29.71
C LYS B 63 43.47 -3.27 -29.34
N SER B 64 44.67 -3.69 -28.95
CA SER B 64 44.89 -5.07 -28.53
C SER B 64 45.45 -5.13 -27.11
N GLY B 65 44.67 -5.72 -26.20
CA GLY B 65 45.06 -5.78 -24.80
C GLY B 65 45.09 -4.40 -24.18
N ASN B 66 46.26 -4.03 -23.64
CA ASN B 66 46.43 -2.72 -23.05
C ASN B 66 47.03 -1.74 -24.07
N THR B 67 47.25 -2.24 -25.28
CA THR B 67 47.89 -1.45 -26.33
C THR B 67 46.89 -1.02 -27.41
N ALA B 68 46.84 0.28 -27.69
CA ALA B 68 46.01 0.81 -28.77
C ALA B 68 46.89 1.23 -29.94
N SER B 69 46.39 1.06 -31.15
CA SER B 69 47.20 1.34 -32.34
C SER B 69 46.42 2.05 -33.45
N LEU B 70 47.06 3.02 -34.10
CA LEU B 70 46.51 3.70 -35.25
C LEU B 70 47.32 3.32 -36.49
N THR B 71 46.65 3.17 -37.63
CA THR B 71 47.34 2.74 -38.85
C THR B 71 47.04 3.64 -40.04
N VAL B 72 48.09 4.24 -40.60
CA VAL B 72 47.96 5.11 -41.76
C VAL B 72 48.65 4.51 -42.98
N SER B 73 47.86 4.10 -43.97
CA SER B 73 48.38 3.53 -45.20
C SER B 73 48.32 4.52 -46.36
N GLY B 74 49.26 4.43 -47.29
CA GLY B 74 49.29 5.34 -48.42
C GLY B 74 49.64 6.75 -48.03
N LEU B 75 50.83 6.91 -47.45
CA LEU B 75 51.30 8.19 -46.95
C LEU B 75 51.35 9.27 -48.02
N GLN B 76 51.12 10.51 -47.60
CA GLN B 76 51.17 11.66 -48.50
C GLN B 76 51.61 12.91 -47.73
N THR B 77 51.93 13.96 -48.48
CA THR B 77 52.45 15.21 -47.92
C THR B 77 51.62 15.75 -46.76
N ASP B 78 50.30 15.68 -46.90
CA ASP B 78 49.39 16.23 -45.90
C ASP B 78 49.32 15.39 -44.61
N ASP B 79 49.98 14.24 -44.61
CA ASP B 79 49.98 13.38 -43.44
C ASP B 79 51.07 13.78 -42.45
N GLU B 80 51.87 14.77 -42.82
CA GLU B 80 52.97 15.22 -41.98
C GLU B 80 52.45 16.14 -40.88
N ALA B 81 52.47 15.65 -39.64
CA ALA B 81 51.91 16.36 -38.50
C ALA B 81 52.24 15.65 -37.21
N VAL B 82 51.68 16.14 -36.10
CA VAL B 82 51.81 15.47 -34.81
C VAL B 82 50.52 14.73 -34.48
N TYR B 83 50.63 13.46 -34.13
CA TYR B 83 49.46 12.64 -33.85
C TYR B 83 49.35 12.29 -32.36
N TYR B 84 48.28 12.75 -31.72
CA TYR B 84 48.03 12.50 -30.31
C TYR B 84 46.97 11.43 -30.13
N CYS B 85 47.08 10.62 -29.08
CA CYS B 85 46.02 9.68 -28.73
C CYS B 85 45.43 10.04 -27.38
N GLY B 86 44.16 9.70 -27.17
CA GLY B 86 43.50 9.99 -25.91
C GLY B 86 42.36 9.03 -25.64
N SER B 87 42.05 8.84 -24.37
CA SER B 87 40.98 7.93 -23.97
C SER B 87 40.42 8.30 -22.61
N LEU B 88 39.19 7.90 -22.36
CA LEU B 88 38.55 8.12 -21.07
C LEU B 88 39.16 7.19 -20.03
N VAL B 89 39.30 7.67 -18.81
CA VAL B 89 39.80 6.84 -17.73
C VAL B 89 38.95 7.03 -16.48
N GLY B 90 38.73 5.94 -15.75
CA GLY B 90 37.95 6.00 -14.53
C GLY B 90 36.52 6.43 -14.70
N ASN B 91 36.16 7.51 -14.00
CA ASN B 91 34.79 8.00 -14.03
C ASN B 91 34.45 8.96 -15.16
N TRP B 92 35.16 10.07 -15.25
CA TRP B 92 34.88 11.01 -16.34
C TRP B 92 36.11 11.78 -16.81
N ASP B 93 37.25 11.56 -16.17
CA ASP B 93 38.47 12.24 -16.57
C ASP B 93 39.01 11.63 -17.86
N VAL B 94 39.70 12.45 -18.64
CA VAL B 94 40.29 12.00 -19.88
C VAL B 94 41.72 12.50 -20.00
N ILE B 95 42.60 11.66 -20.52
CA ILE B 95 44.01 12.00 -20.64
C ILE B 95 44.50 11.88 -22.07
N PHE B 96 45.62 12.52 -22.37
CA PHE B 96 46.21 12.47 -23.70
C PHE B 96 47.65 11.95 -23.62
N GLY B 97 48.10 11.30 -24.69
CA GLY B 97 49.47 10.82 -24.75
C GLY B 97 50.43 11.94 -25.09
N GLY B 98 51.71 11.61 -25.19
CA GLY B 98 52.71 12.58 -25.56
C GLY B 98 52.58 12.96 -27.02
N GLY B 99 51.94 12.07 -27.78
CA GLY B 99 51.75 12.29 -29.20
C GLY B 99 52.86 11.73 -30.05
N THR B 100 52.52 11.33 -31.27
CA THR B 100 53.51 10.79 -32.19
C THR B 100 53.66 11.71 -33.39
N LYS B 101 54.89 12.13 -33.64
CA LYS B 101 55.17 13.02 -34.76
C LYS B 101 55.50 12.22 -36.01
N LEU B 102 54.62 12.31 -37.01
CA LEU B 102 54.81 11.58 -38.25
C LEU B 102 55.15 12.56 -39.35
N THR B 103 56.26 12.29 -40.04
CA THR B 103 56.76 13.19 -41.07
C THR B 103 56.83 12.51 -42.43
N VAL B 104 56.30 13.17 -43.46
CA VAL B 104 56.35 12.62 -44.81
C VAL B 104 57.24 13.53 -45.66
N LEU B 105 58.28 14.07 -45.04
CA LEU B 105 59.18 15.00 -45.71
C LEU B 105 60.04 14.22 -46.71
N GLY B 106 60.63 14.95 -47.65
CA GLY B 106 61.55 14.35 -48.62
C GLY B 106 62.86 13.79 -48.09
N GLN B 107 63.47 12.96 -48.92
CA GLN B 107 64.73 12.27 -48.64
C GLN B 107 65.90 13.27 -48.58
N PRO B 108 67.08 12.86 -48.08
CA PRO B 108 67.56 11.56 -47.57
C PRO B 108 67.99 11.60 -46.10
N LYS B 109 68.09 10.43 -45.48
CA LYS B 109 68.43 10.32 -44.07
C LYS B 109 69.86 10.81 -43.83
N ALA B 110 70.13 11.34 -42.64
CA ALA B 110 71.46 11.84 -42.33
C ALA B 110 71.75 11.94 -40.83
N ALA B 111 73.00 11.70 -40.47
CA ALA B 111 73.47 11.83 -39.09
C ALA B 111 73.50 13.28 -38.65
N PRO B 112 73.19 13.55 -37.37
CA PRO B 112 73.20 14.92 -36.84
C PRO B 112 74.61 15.53 -36.80
N SER B 113 74.69 16.80 -36.44
CA SER B 113 75.96 17.51 -36.30
C SER B 113 75.97 18.38 -35.05
N VAL B 114 76.92 18.13 -34.16
CA VAL B 114 76.96 18.83 -32.87
C VAL B 114 78.13 19.80 -32.76
N THR B 115 77.83 21.02 -32.33
CA THR B 115 78.85 22.02 -32.04
C THR B 115 78.61 22.61 -30.65
N LEU B 116 79.53 22.35 -29.72
CA LEU B 116 79.36 22.76 -28.34
C LEU B 116 80.21 23.99 -27.98
N PHE B 117 79.55 25.01 -27.42
CA PHE B 117 80.21 26.24 -27.04
C PHE B 117 80.19 26.47 -25.53
N PRO B 118 81.38 26.55 -24.90
CA PRO B 118 81.50 26.87 -23.48
C PRO B 118 81.12 28.32 -23.20
N PRO B 119 80.84 28.67 -21.92
CA PRO B 119 80.47 30.05 -21.59
C PRO B 119 81.56 31.04 -21.96
N SER B 120 81.18 32.29 -22.19
CA SER B 120 82.15 33.31 -22.58
C SER B 120 82.74 34.00 -21.36
N SER B 121 83.69 34.91 -21.59
CA SER B 121 84.33 35.62 -20.50
C SER B 121 83.42 36.73 -19.98
N GLU B 122 82.65 37.32 -20.88
CA GLU B 122 81.73 38.39 -20.52
C GLU B 122 80.50 37.86 -19.79
N GLU B 123 80.15 36.61 -20.08
CA GLU B 123 78.98 35.98 -19.45
C GLU B 123 79.25 35.63 -17.98
N LEU B 124 80.48 35.19 -17.69
CA LEU B 124 80.84 34.80 -16.33
C LEU B 124 80.83 36.02 -15.42
N GLN B 125 80.97 37.20 -16.02
CA GLN B 125 80.92 38.46 -15.28
C GLN B 125 79.54 38.79 -14.77
N ALA B 126 78.52 38.22 -15.40
CA ALA B 126 77.14 38.41 -14.96
C ALA B 126 76.80 37.36 -13.92
N ASN B 127 77.82 36.63 -13.49
CA ASN B 127 77.69 35.54 -12.53
C ASN B 127 76.75 34.49 -13.10
N LYS B 128 76.88 34.26 -14.40
CA LYS B 128 76.06 33.28 -15.10
C LYS B 128 76.93 32.42 -16.01
N ALA B 129 76.55 31.16 -16.15
CA ALA B 129 77.26 30.24 -17.03
C ALA B 129 76.26 29.41 -17.84
N THR B 130 76.39 29.47 -19.16
CA THR B 130 75.47 28.75 -20.04
C THR B 130 76.18 28.09 -21.21
N LEU B 131 75.95 26.79 -21.38
CA LEU B 131 76.50 26.03 -22.49
C LEU B 131 75.39 25.64 -23.46
N VAL B 132 75.65 25.79 -24.76
CA VAL B 132 74.64 25.51 -25.77
C VAL B 132 75.11 24.47 -26.80
N CYS B 133 74.38 23.37 -26.88
CA CYS B 133 74.63 22.35 -27.90
C CYS B 133 73.78 22.62 -29.14
N LEU B 134 74.45 22.76 -30.28
CA LEU B 134 73.74 22.99 -31.54
C LEU B 134 73.73 21.73 -32.40
N ILE B 135 72.57 21.13 -32.52
CA ILE B 135 72.40 19.92 -33.32
C ILE B 135 71.60 20.21 -34.58
N SER B 136 72.08 19.74 -35.73
CA SER B 136 71.45 20.05 -37.00
C SER B 136 71.72 18.99 -38.07
N ASP B 137 70.98 19.08 -39.16
CA ASP B 137 71.16 18.20 -40.32
C ASP B 137 70.96 16.72 -39.97
N PHE B 138 69.82 16.41 -39.36
CA PHE B 138 69.51 15.03 -39.01
C PHE B 138 68.13 14.57 -39.48
N TYR B 139 68.00 13.27 -39.71
CA TYR B 139 66.71 12.66 -40.03
C TYR B 139 66.56 11.35 -39.25
N PRO B 140 65.39 11.12 -38.63
CA PRO B 140 64.20 11.98 -38.57
C PRO B 140 64.39 13.22 -37.71
N GLY B 141 63.32 14.00 -37.55
CA GLY B 141 63.39 15.27 -36.86
C GLY B 141 63.23 15.22 -35.35
N ALA B 142 63.47 14.06 -34.76
CA ALA B 142 63.38 13.90 -33.31
C ALA B 142 64.68 13.36 -32.73
N VAL B 143 65.30 14.15 -31.86
CA VAL B 143 66.57 13.78 -31.25
C VAL B 143 66.60 14.13 -29.77
N THR B 144 67.12 13.21 -28.96
CA THR B 144 67.30 13.44 -27.53
C THR B 144 68.72 13.87 -27.19
N VAL B 145 68.84 14.79 -26.24
CA VAL B 145 70.14 15.34 -25.85
C VAL B 145 70.41 15.07 -24.37
N ALA B 146 71.65 14.71 -24.04
CA ALA B 146 72.03 14.43 -22.66
C ALA B 146 73.29 15.20 -22.27
N TRP B 147 73.39 15.52 -20.98
CA TRP B 147 74.54 16.28 -20.47
C TRP B 147 75.32 15.52 -19.40
N LYS B 148 76.63 15.73 -19.37
CA LYS B 148 77.50 15.11 -18.36
C LYS B 148 78.60 16.06 -17.91
N ALA B 149 79.05 15.88 -16.68
CA ALA B 149 80.16 16.64 -16.13
C ALA B 149 81.29 15.70 -15.72
N ASP B 150 82.39 15.74 -16.47
CA ASP B 150 83.56 14.87 -16.24
C ASP B 150 83.20 13.40 -16.48
N SER B 151 82.27 12.89 -15.70
CA SER B 151 81.82 11.50 -15.84
C SER B 151 80.32 11.41 -15.56
N SER B 152 79.94 11.71 -14.32
CA SER B 152 78.54 11.65 -13.90
C SER B 152 77.67 12.60 -14.73
N PRO B 153 76.46 12.16 -15.08
CA PRO B 153 75.53 12.96 -15.89
C PRO B 153 75.00 14.18 -15.13
N VAL B 154 74.53 15.18 -15.87
CA VAL B 154 73.99 16.39 -15.27
C VAL B 154 72.49 16.48 -15.49
N LYS B 155 71.74 16.42 -14.40
CA LYS B 155 70.28 16.38 -14.46
C LYS B 155 69.63 17.74 -14.22
N ALA B 156 70.44 18.76 -13.95
CA ALA B 156 69.91 20.07 -13.59
C ALA B 156 70.29 21.15 -14.59
N GLY B 157 69.32 22.02 -14.90
CA GLY B 157 69.54 23.15 -15.79
C GLY B 157 69.36 22.85 -17.27
N VAL B 158 68.72 21.73 -17.58
CA VAL B 158 68.56 21.31 -18.97
C VAL B 158 67.29 21.87 -19.61
N GLU B 159 67.45 22.66 -20.65
CA GLU B 159 66.32 23.16 -21.44
C GLU B 159 66.44 22.74 -22.90
N THR B 160 65.58 21.83 -23.32
CA THR B 160 65.60 21.33 -24.71
C THR B 160 64.28 21.63 -25.43
N THR B 161 64.39 22.09 -26.68
CA THR B 161 63.22 22.48 -27.45
C THR B 161 63.04 21.63 -28.70
N THR B 162 61.79 21.54 -29.17
CA THR B 162 61.45 20.76 -30.36
C THR B 162 62.16 21.27 -31.63
N PRO B 163 62.82 20.36 -32.36
CA PRO B 163 63.53 20.68 -33.60
C PRO B 163 62.62 21.31 -34.66
N SER B 164 63.22 22.02 -35.61
CA SER B 164 62.48 22.65 -36.69
C SER B 164 63.20 22.46 -38.02
N LYS B 165 62.43 22.27 -39.09
CA LYS B 165 63.00 22.05 -40.41
C LYS B 165 63.71 23.31 -40.92
N GLN B 166 64.79 23.11 -41.66
CA GLN B 166 65.60 24.19 -42.21
C GLN B 166 65.31 24.39 -43.68
N SER B 167 66.08 25.27 -44.33
CA SER B 167 65.90 25.55 -45.74
C SER B 167 66.33 24.37 -46.61
N ASN B 168 67.29 23.59 -46.10
CA ASN B 168 67.76 22.40 -46.81
C ASN B 168 66.92 21.16 -46.49
N ASN B 169 65.84 21.37 -45.74
CA ASN B 169 64.87 20.33 -45.35
C ASN B 169 65.40 19.44 -44.24
N LYS B 170 66.55 19.79 -43.69
CA LYS B 170 67.16 19.03 -42.60
C LYS B 170 66.76 19.65 -41.28
N TYR B 171 66.41 18.84 -40.29
CA TYR B 171 65.96 19.38 -39.01
C TYR B 171 67.12 19.86 -38.14
N ALA B 172 66.83 20.78 -37.22
CA ALA B 172 67.84 21.34 -36.33
C ALA B 172 67.27 21.69 -34.96
N ALA B 173 68.06 21.50 -33.91
CA ALA B 173 67.62 21.80 -32.55
C ALA B 173 68.77 22.30 -31.68
N SER B 174 68.43 22.97 -30.57
CA SER B 174 69.42 23.51 -29.66
C SER B 174 69.03 23.31 -28.20
N SER B 175 69.95 22.78 -27.40
CA SER B 175 69.71 22.59 -25.97
C SER B 175 70.51 23.56 -25.12
N TYR B 176 69.86 24.16 -24.13
CA TYR B 176 70.48 25.20 -23.31
C TYR B 176 70.69 24.75 -21.86
N LEU B 177 71.95 24.74 -21.42
CA LEU B 177 72.29 24.38 -20.05
C LEU B 177 72.75 25.59 -19.24
N SER B 178 71.97 25.98 -18.24
CA SER B 178 72.32 27.12 -17.40
C SER B 178 72.68 26.70 -15.97
N LEU B 179 73.89 27.02 -15.56
CA LEU B 179 74.38 26.66 -14.23
C LEU B 179 75.12 27.81 -13.56
N THR B 180 75.69 27.55 -12.40
CA THR B 180 76.47 28.54 -11.67
C THR B 180 77.94 28.47 -12.11
N PRO B 181 78.64 29.62 -12.07
CA PRO B 181 80.05 29.66 -12.44
C PRO B 181 80.93 28.83 -11.51
N GLU B 182 80.44 28.56 -10.30
CA GLU B 182 81.21 27.79 -9.33
C GLU B 182 81.40 26.35 -9.77
N GLN B 183 80.31 25.71 -10.21
CA GLN B 183 80.37 24.32 -10.65
C GLN B 183 80.99 24.21 -12.04
N TRP B 184 81.09 25.33 -12.74
CA TRP B 184 81.69 25.35 -14.07
C TRP B 184 83.21 25.31 -14.00
N LYS B 185 83.79 26.08 -13.07
CA LYS B 185 85.24 26.12 -12.91
C LYS B 185 85.75 24.91 -12.14
N SER B 186 84.91 24.38 -11.25
CA SER B 186 85.27 23.20 -10.46
C SER B 186 85.40 21.97 -11.34
N HIS B 187 84.33 21.68 -12.09
CA HIS B 187 84.35 20.57 -13.05
C HIS B 187 85.04 21.00 -14.32
N ARG B 188 86.14 20.32 -14.66
CA ARG B 188 86.93 20.67 -15.83
C ARG B 188 86.12 20.58 -17.11
N SER B 189 85.79 19.36 -17.51
CA SER B 189 85.14 19.12 -18.78
C SER B 189 83.64 18.89 -18.62
N TYR B 190 82.87 19.38 -19.58
CA TYR B 190 81.42 19.17 -19.60
C TYR B 190 81.03 18.50 -20.91
N SER B 191 80.47 17.30 -20.81
CA SER B 191 80.13 16.53 -21.99
C SER B 191 78.66 16.68 -22.37
N CYS B 192 78.40 16.73 -23.66
CA CYS B 192 77.03 16.82 -24.18
C CYS B 192 76.74 15.67 -25.13
N GLN B 193 75.84 14.78 -24.71
CA GLN B 193 75.53 13.60 -25.49
C GLN B 193 74.26 13.78 -26.30
N VAL B 194 74.33 13.49 -27.59
CA VAL B 194 73.21 13.66 -28.50
C VAL B 194 72.84 12.34 -29.17
N THR B 195 71.68 11.79 -28.81
CA THR B 195 71.28 10.47 -29.27
C THR B 195 70.36 10.50 -30.48
N HIS B 196 70.85 9.99 -31.60
CA HIS B 196 70.06 9.95 -32.83
C HIS B 196 69.90 8.54 -33.39
N GLU B 197 68.68 8.02 -33.32
CA GLU B 197 68.33 6.70 -33.82
C GLU B 197 69.27 5.62 -33.28
N GLY B 198 69.46 5.60 -31.96
CA GLY B 198 70.33 4.62 -31.34
C GLY B 198 71.74 5.12 -31.17
N SER B 199 72.36 5.51 -32.29
CA SER B 199 73.71 6.03 -32.28
C SER B 199 73.78 7.42 -31.64
N THR B 200 74.84 7.69 -30.89
CA THR B 200 74.97 8.95 -30.17
C THR B 200 76.18 9.76 -30.65
N VAL B 201 76.08 11.08 -30.57
CA VAL B 201 77.19 11.97 -30.91
C VAL B 201 77.54 12.86 -29.73
N GLU B 202 78.80 12.86 -29.33
CA GLU B 202 79.22 13.57 -28.11
C GLU B 202 80.23 14.69 -28.38
N LYS B 203 80.15 15.73 -27.56
CA LYS B 203 81.10 16.84 -27.60
C LYS B 203 81.48 17.24 -26.18
N THR B 204 82.69 17.79 -26.02
CA THR B 204 83.19 18.14 -24.70
C THR B 204 84.00 19.43 -24.73
N VAL B 205 83.84 20.26 -23.71
CA VAL B 205 84.58 21.53 -23.61
C VAL B 205 85.12 21.77 -22.19
N ALA B 206 86.33 22.30 -22.13
CA ALA B 206 86.95 22.63 -20.84
C ALA B 206 87.68 23.97 -20.93
N PRO B 207 87.61 24.76 -19.84
CA PRO B 207 88.28 26.07 -19.80
C PRO B 207 89.78 25.94 -19.55
N ASN C 3 -53.62 13.21 33.14
CA ASN C 3 -53.54 14.62 33.47
C ASN C 3 -52.91 15.43 32.34
N LEU C 4 -51.74 14.98 31.89
CA LEU C 4 -50.93 15.72 30.92
C LEU C 4 -51.58 15.80 29.55
N TRP C 5 -50.90 16.46 28.62
CA TRP C 5 -51.39 16.62 27.26
C TRP C 5 -50.22 16.53 26.31
N VAL C 6 -50.46 16.07 25.09
CA VAL C 6 -49.37 15.89 24.14
C VAL C 6 -48.88 17.24 23.63
N THR C 7 -47.58 17.33 23.38
CA THR C 7 -46.98 18.55 22.86
C THR C 7 -45.87 18.28 21.85
N VAL C 8 -45.92 19.02 20.75
CA VAL C 8 -44.95 18.85 19.67
C VAL C 8 -43.65 19.59 19.98
N TYR C 9 -42.55 18.84 20.00
CA TYR C 9 -41.22 19.42 20.14
C TYR C 9 -40.50 19.34 18.80
N TYR C 10 -39.92 20.45 18.37
CA TYR C 10 -39.25 20.48 17.08
C TYR C 10 -37.74 20.64 17.23
N GLY C 11 -36.99 19.72 16.66
CA GLY C 11 -35.53 19.74 16.74
C GLY C 11 -34.96 18.88 17.85
N VAL C 12 -35.67 17.82 18.22
CA VAL C 12 -35.15 16.87 19.21
C VAL C 12 -34.02 16.04 18.63
N PRO C 13 -33.01 15.71 19.48
CA PRO C 13 -31.85 14.93 19.04
C PRO C 13 -32.18 13.46 18.76
N VAL C 14 -32.83 13.19 17.63
CA VAL C 14 -33.15 11.83 17.23
C VAL C 14 -32.79 11.60 15.76
N TRP C 15 -31.96 10.59 15.51
CA TRP C 15 -31.55 10.26 14.15
C TRP C 15 -31.62 8.77 13.83
N LYS C 16 -31.73 8.45 12.54
CA LYS C 16 -31.72 7.08 12.06
C LYS C 16 -30.70 6.89 10.94
N ASP C 17 -30.08 5.72 10.90
CA ASP C 17 -29.09 5.40 9.87
C ASP C 17 -29.72 5.35 8.48
N ALA C 18 -29.14 6.07 7.53
CA ALA C 18 -29.68 6.13 6.18
C ALA C 18 -28.61 6.44 5.14
N GLU C 19 -29.06 6.60 3.89
CA GLU C 19 -28.16 6.85 2.78
C GLU C 19 -28.63 8.04 1.95
N THR C 20 -27.69 8.91 1.60
CA THR C 20 -27.99 10.07 0.78
C THR C 20 -26.88 10.33 -0.23
N THR C 21 -27.08 11.36 -1.04
CA THR C 21 -26.10 11.72 -2.06
C THR C 21 -25.17 12.80 -1.52
N LEU C 22 -23.89 12.45 -1.37
CA LEU C 22 -22.92 13.37 -0.79
C LEU C 22 -22.14 14.14 -1.85
N PHE C 23 -21.85 15.40 -1.57
CA PHE C 23 -21.06 16.25 -2.45
C PHE C 23 -19.63 16.40 -1.93
N CYS C 24 -18.81 17.13 -2.68
CA CYS C 24 -17.39 17.27 -2.34
C CYS C 24 -17.10 18.63 -1.73
N ALA C 25 -15.87 18.81 -1.27
CA ALA C 25 -15.39 20.11 -0.81
C ALA C 25 -13.90 20.20 -1.10
N SER C 26 -13.48 21.33 -1.69
CA SER C 26 -12.11 21.47 -2.20
C SER C 26 -11.17 22.36 -1.39
N ASP C 27 -11.71 23.01 -0.35
CA ASP C 27 -10.94 23.89 0.55
C ASP C 27 -10.73 25.27 -0.07
N ALA C 28 -11.34 25.49 -1.22
CA ALA C 28 -11.35 26.79 -1.88
C ALA C 28 -9.93 27.31 -2.18
N LYS C 29 -8.94 26.44 -2.01
CA LYS C 29 -7.57 26.73 -2.40
C LYS C 29 -7.20 26.00 -3.69
N ALA C 30 -7.56 24.72 -3.76
CA ALA C 30 -7.44 23.91 -4.97
C ALA C 30 -7.89 24.62 -6.25
N TYR C 31 -8.80 25.58 -6.10
CA TYR C 31 -9.29 26.35 -7.23
C TYR C 31 -8.25 27.37 -7.69
N GLU C 32 -7.42 27.82 -6.76
CA GLU C 32 -6.33 28.75 -7.08
C GLU C 32 -5.11 28.00 -7.60
N THR C 33 -5.09 26.69 -7.38
CA THR C 33 -4.03 25.84 -7.89
C THR C 33 -4.15 25.75 -9.42
N GLU C 34 -5.35 26.02 -9.92
CA GLU C 34 -5.68 26.09 -11.35
C GLU C 34 -5.17 24.88 -12.14
N LYS C 35 -4.44 25.13 -13.22
CA LYS C 35 -3.94 24.09 -14.12
C LYS C 35 -5.11 23.37 -14.78
N HIS C 36 -6.14 24.15 -15.12
CA HIS C 36 -7.31 23.68 -15.86
C HIS C 36 -7.99 22.47 -15.21
N ASN C 37 -8.69 22.70 -14.11
CA ASN C 37 -9.48 21.66 -13.45
C ASN C 37 -8.64 20.46 -13.03
N VAL C 38 -7.82 20.64 -12.00
CA VAL C 38 -7.03 19.53 -11.47
C VAL C 38 -7.95 18.51 -10.80
N TRP C 39 -7.87 17.26 -11.28
CA TRP C 39 -8.66 16.16 -10.72
C TRP C 39 -10.15 16.52 -10.67
N ALA C 40 -10.65 16.64 -9.45
CA ALA C 40 -12.07 16.90 -9.21
C ALA C 40 -12.41 18.38 -9.33
N THR C 41 -11.72 19.20 -8.53
CA THR C 41 -12.12 20.60 -8.34
C THR C 41 -12.23 21.40 -9.62
N HIS C 42 -13.47 21.74 -9.94
CA HIS C 42 -13.80 22.63 -11.03
C HIS C 42 -14.86 23.58 -10.49
N ALA C 43 -16.05 23.03 -10.26
CA ALA C 43 -17.13 23.73 -9.59
C ALA C 43 -17.21 23.35 -8.11
N CYS C 44 -16.21 22.59 -7.66
CA CYS C 44 -16.20 21.97 -6.33
C CYS C 44 -16.41 22.96 -5.18
N VAL C 45 -17.23 22.49 -4.24
CA VAL C 45 -17.64 23.30 -3.11
C VAL C 45 -16.39 23.60 -2.35
N PRO C 46 -16.18 24.88 -2.08
CA PRO C 46 -15.11 25.31 -1.19
C PRO C 46 -15.51 24.89 0.19
N THR C 47 -14.51 24.56 0.99
CA THR C 47 -14.74 24.13 2.34
C THR C 47 -14.88 25.28 3.33
N ASP C 48 -15.83 25.12 4.26
CA ASP C 48 -15.97 26.10 5.33
C ASP C 48 -14.61 26.25 6.00
N PRO C 49 -14.09 27.49 6.06
CA PRO C 49 -12.80 27.79 6.70
C PRO C 49 -12.73 27.25 8.12
N ASN C 50 -13.88 27.17 8.78
CA ASN C 50 -13.96 26.62 10.12
C ASN C 50 -14.95 25.46 10.17
N PRO C 51 -14.49 24.25 9.81
CA PRO C 51 -15.36 23.08 9.90
C PRO C 51 -15.73 22.87 11.36
N GLN C 52 -16.95 22.41 11.62
CA GLN C 52 -17.39 22.28 13.00
C GLN C 52 -17.43 20.83 13.46
N GLU C 53 -16.79 20.58 14.59
CA GLU C 53 -16.79 19.25 15.19
C GLU C 53 -17.34 19.33 16.60
N ILE C 54 -18.51 18.75 16.81
CA ILE C 54 -19.17 18.79 18.11
C ILE C 54 -19.13 17.43 18.79
N HIS C 55 -18.47 17.35 19.93
CA HIS C 55 -18.36 16.10 20.69
C HIS C 55 -19.62 15.82 21.48
N LEU C 56 -20.22 14.66 21.26
CA LEU C 56 -21.45 14.28 21.94
C LEU C 56 -21.20 13.43 23.19
N GLU C 57 -21.47 14.01 24.35
CA GLU C 57 -21.23 13.34 25.62
C GLU C 57 -22.31 12.31 25.93
N ASN C 58 -21.91 11.24 26.61
CA ASN C 58 -22.84 10.23 27.13
C ASN C 58 -23.49 9.49 25.96
N VAL C 59 -22.75 9.37 24.86
CA VAL C 59 -23.25 8.71 23.66
C VAL C 59 -22.36 7.55 23.21
N THR C 60 -22.97 6.43 22.87
CA THR C 60 -22.25 5.29 22.30
C THR C 60 -22.93 4.77 21.05
N GLU C 61 -22.24 4.82 19.91
CA GLU C 61 -22.79 4.36 18.65
C GLU C 61 -21.94 3.26 18.02
N GLU C 62 -22.60 2.24 17.47
CA GLU C 62 -21.92 1.10 16.86
C GLU C 62 -21.64 1.33 15.38
N PHE C 63 -20.38 1.18 14.99
CA PHE C 63 -19.95 1.44 13.61
C PHE C 63 -19.55 0.19 12.85
N ASN C 64 -19.84 0.18 11.56
CA ASN C 64 -19.31 -0.83 10.65
C ASN C 64 -18.79 -0.16 9.39
N MET C 65 -17.49 -0.26 9.17
CA MET C 65 -16.84 0.41 8.04
C MET C 65 -17.06 -0.32 6.73
N TRP C 66 -17.34 -1.62 6.82
CA TRP C 66 -17.52 -2.44 5.64
C TRP C 66 -18.93 -2.28 5.07
N LYS C 67 -19.83 -1.80 5.92
CA LYS C 67 -21.21 -1.54 5.50
C LYS C 67 -21.40 -0.07 5.16
N ASN C 68 -20.32 0.70 5.26
CA ASN C 68 -20.38 2.13 5.03
C ASN C 68 -20.72 2.48 3.57
N ASN C 69 -21.70 3.37 3.41
CA ASN C 69 -22.18 3.74 2.09
C ASN C 69 -21.39 4.88 1.45
N MET C 70 -20.59 5.58 2.25
CA MET C 70 -19.79 6.68 1.74
C MET C 70 -18.71 6.14 0.81
N VAL C 71 -18.32 4.89 1.04
CA VAL C 71 -17.31 4.24 0.22
C VAL C 71 -17.84 3.97 -1.19
N GLU C 72 -19.05 3.42 -1.25
CA GLU C 72 -19.65 3.05 -2.53
C GLU C 72 -19.91 4.29 -3.39
N GLN C 73 -20.26 5.38 -2.72
CA GLN C 73 -20.51 6.64 -3.42
C GLN C 73 -19.19 7.20 -3.94
N MET C 74 -18.17 7.19 -3.09
CA MET C 74 -16.86 7.71 -3.45
C MET C 74 -16.24 6.89 -4.57
N HIS C 75 -16.43 5.57 -4.51
CA HIS C 75 -15.89 4.67 -5.53
C HIS C 75 -16.52 4.98 -6.88
N THR C 76 -17.85 5.14 -6.88
CA THR C 76 -18.58 5.47 -8.09
C THR C 76 -18.31 6.91 -8.52
N ASP C 77 -17.89 7.74 -7.57
CA ASP C 77 -17.57 9.14 -7.87
C ASP C 77 -16.31 9.23 -8.71
N ILE C 78 -15.25 8.57 -8.26
CA ILE C 78 -13.98 8.56 -8.97
C ILE C 78 -14.15 7.99 -10.36
N ILE C 79 -14.98 6.94 -10.47
CA ILE C 79 -15.27 6.32 -11.75
C ILE C 79 -16.01 7.29 -12.68
N SER C 80 -17.05 7.92 -12.16
CA SER C 80 -17.81 8.90 -12.94
C SER C 80 -16.95 10.12 -13.23
N LEU C 81 -16.07 10.46 -12.30
CA LEU C 81 -15.14 11.58 -12.48
C LEU C 81 -14.16 11.28 -13.60
N TRP C 82 -13.75 10.02 -13.71
CA TRP C 82 -12.76 9.61 -14.69
C TRP C 82 -13.27 9.77 -16.12
N ASP C 83 -14.52 9.39 -16.34
CA ASP C 83 -15.11 9.43 -17.66
C ASP C 83 -15.31 10.86 -18.14
N GLN C 84 -15.69 11.75 -17.22
CA GLN C 84 -15.95 13.14 -17.56
C GLN C 84 -14.67 13.89 -17.93
N SER C 85 -13.54 13.38 -17.46
CA SER C 85 -12.25 13.96 -17.79
C SER C 85 -11.80 13.54 -19.20
N LEU C 86 -12.22 12.36 -19.61
CA LEU C 86 -11.79 11.78 -20.88
C LEU C 86 -12.73 12.11 -22.03
N LYS C 87 -13.90 12.64 -21.70
CA LYS C 87 -14.90 12.98 -22.71
C LYS C 87 -14.48 14.16 -23.62
N PRO C 88 -14.07 15.30 -23.03
CA PRO C 88 -13.71 16.40 -23.95
C PRO C 88 -12.37 16.20 -24.66
N CYS C 89 -11.54 15.31 -24.14
CA CYS C 89 -10.18 15.15 -24.66
C CYS C 89 -10.14 14.50 -26.04
N VAL C 90 -8.92 14.33 -26.56
CA VAL C 90 -8.72 13.78 -27.90
C VAL C 90 -8.71 12.26 -27.93
N LYS C 91 -9.58 11.70 -28.77
CA LYS C 91 -9.67 10.26 -28.96
C LYS C 91 -8.62 9.73 -29.94
N LEU C 92 -7.98 8.62 -29.58
CA LEU C 92 -6.84 8.11 -30.32
C LEU C 92 -7.19 7.02 -31.34
N THR C 93 -8.48 6.90 -31.65
CA THR C 93 -9.01 5.77 -32.44
C THR C 93 -8.20 5.31 -33.68
N PRO C 94 -7.68 6.24 -34.51
CA PRO C 94 -6.94 5.68 -35.64
C PRO C 94 -5.46 5.48 -35.37
N LEU C 95 -5.13 4.91 -34.21
CA LEU C 95 -3.75 4.57 -33.86
C LEU C 95 -3.47 3.08 -34.01
N CYS C 96 -4.45 2.35 -34.53
CA CYS C 96 -4.34 0.89 -34.62
C CYS C 96 -3.51 0.46 -35.82
N VAL C 97 -2.92 1.42 -36.50
CA VAL C 97 -2.03 1.16 -37.64
C VAL C 97 -0.89 0.22 -37.26
N THR C 98 -0.45 -0.59 -38.23
CA THR C 98 0.65 -1.53 -38.04
C THR C 98 1.90 -0.85 -37.50
N LEU C 99 2.56 -1.50 -36.55
CA LEU C 99 3.78 -0.96 -35.95
C LEU C 99 4.99 -1.80 -36.31
N GLN C 100 5.92 -1.22 -37.05
CA GLN C 100 7.18 -1.90 -37.35
C GLN C 100 8.22 -1.50 -36.31
N CYS C 101 8.57 -2.44 -35.45
CA CYS C 101 9.36 -2.12 -34.26
C CYS C 101 10.72 -2.81 -34.26
N THR C 102 11.64 -2.25 -33.48
CA THR C 102 12.98 -2.80 -33.34
C THR C 102 13.50 -2.57 -31.92
N ASN C 103 14.55 -3.30 -31.57
CA ASN C 103 15.10 -3.23 -30.21
C ASN C 103 15.98 -2.00 -29.94
N VAL C 104 15.64 -1.29 -28.87
CA VAL C 104 16.38 -0.10 -28.46
C VAL C 104 17.79 -0.47 -28.01
N THR C 105 18.74 0.43 -28.27
CA THR C 105 20.14 0.21 -27.90
C THR C 105 20.31 -0.08 -26.41
N ASP C 110 21.02 -4.36 -23.42
CA ASP C 110 20.84 -3.89 -22.04
C ASP C 110 19.41 -4.07 -21.57
N MET C 111 19.24 -4.85 -20.51
CA MET C 111 17.95 -5.12 -19.89
C MET C 111 16.91 -5.67 -20.86
N ARG C 112 17.38 -6.44 -21.84
CA ARG C 112 16.53 -7.18 -22.78
C ARG C 112 15.49 -6.30 -23.47
N GLY C 113 15.95 -5.20 -24.08
CA GLY C 113 15.17 -4.42 -25.02
C GLY C 113 13.73 -4.11 -24.63
N GLU C 114 13.55 -3.49 -23.47
CA GLU C 114 12.21 -3.22 -22.96
C GLU C 114 11.44 -2.23 -23.82
N LEU C 115 12.17 -1.33 -24.48
CA LEU C 115 11.55 -0.30 -25.31
C LEU C 115 11.61 -0.63 -26.79
N LYS C 116 10.52 -0.35 -27.51
CA LYS C 116 10.44 -0.64 -28.93
C LYS C 116 10.33 0.63 -29.76
N ASN C 117 11.22 0.77 -30.74
CA ASN C 117 11.18 1.89 -31.67
C ASN C 117 10.36 1.50 -32.89
N CYS C 118 9.19 2.10 -33.03
CA CYS C 118 8.19 1.64 -33.99
C CYS C 118 7.88 2.64 -35.09
N SER C 119 7.95 2.17 -36.34
CA SER C 119 7.62 2.99 -37.50
C SER C 119 6.23 2.64 -38.03
N PHE C 120 5.46 3.66 -38.40
CA PHE C 120 4.08 3.45 -38.83
C PHE C 120 3.53 4.57 -39.71
N ASN C 121 2.45 4.25 -40.41
CA ASN C 121 1.74 5.20 -41.27
C ASN C 121 0.61 5.94 -40.54
N MET C 122 0.47 7.24 -40.79
CA MET C 122 -0.52 8.05 -40.08
C MET C 122 -1.21 9.07 -40.98
N THR C 123 -2.46 9.41 -40.65
CA THR C 123 -3.24 10.38 -41.39
C THR C 123 -2.90 11.80 -40.94
N THR C 124 -2.62 12.68 -41.91
CA THR C 124 -2.29 14.07 -41.61
C THR C 124 -3.55 14.91 -41.46
N GLU C 125 -3.36 16.23 -41.42
CA GLU C 125 -4.47 17.17 -41.41
C GLU C 125 -5.30 16.93 -42.66
N LEU C 126 -4.61 16.73 -43.77
CA LEU C 126 -5.25 16.43 -45.04
C LEU C 126 -5.64 14.96 -45.09
N ARG C 127 -6.68 14.65 -45.85
CA ARG C 127 -7.17 13.28 -45.95
C ARG C 127 -6.57 12.58 -47.16
N ASP C 128 -5.65 13.26 -47.83
CA ASP C 128 -5.07 12.73 -49.06
C ASP C 128 -3.86 11.84 -48.78
N LYS C 129 -2.74 12.46 -48.45
CA LYS C 129 -1.50 11.74 -48.24
C LYS C 129 -1.33 11.32 -46.79
N LYS C 130 -0.81 10.12 -46.58
CA LYS C 130 -0.54 9.62 -45.25
C LYS C 130 0.74 10.25 -44.68
N GLN C 131 1.17 9.78 -43.52
CA GLN C 131 2.37 10.30 -42.88
C GLN C 131 3.22 9.17 -42.33
N LYS C 132 4.47 9.11 -42.78
CA LYS C 132 5.40 8.10 -42.29
C LYS C 132 6.17 8.66 -41.10
N VAL C 133 5.83 8.17 -39.91
CA VAL C 133 6.44 8.65 -38.68
C VAL C 133 6.68 7.51 -37.70
N TYR C 134 7.63 7.73 -36.80
CA TYR C 134 8.00 6.72 -35.81
C TYR C 134 7.70 7.20 -34.39
N SER C 135 7.45 6.26 -33.49
CA SER C 135 7.23 6.59 -32.09
C SER C 135 7.93 5.58 -31.17
N LEU C 136 7.81 5.81 -29.87
CA LEU C 136 8.44 4.94 -28.88
C LEU C 136 7.42 4.45 -27.86
N PHE C 137 7.16 3.16 -27.85
CA PHE C 137 6.20 2.57 -26.93
C PHE C 137 6.85 1.52 -26.04
N TYR C 138 6.31 1.37 -24.83
CA TYR C 138 6.79 0.33 -23.94
C TYR C 138 6.26 -1.01 -24.41
N ARG C 139 6.91 -2.09 -24.00
CA ARG C 139 6.54 -3.44 -24.42
C ARG C 139 5.13 -3.77 -23.94
N LEU C 140 4.75 -3.16 -22.82
CA LEU C 140 3.44 -3.38 -22.22
C LEU C 140 2.31 -2.71 -23.00
N ASP C 141 2.64 -1.70 -23.80
CA ASP C 141 1.63 -0.97 -24.56
C ASP C 141 1.38 -1.57 -25.93
N VAL C 142 2.26 -2.49 -26.34
CA VAL C 142 2.16 -3.07 -27.67
C VAL C 142 2.16 -4.59 -27.63
N VAL C 143 1.62 -5.20 -28.68
CA VAL C 143 1.64 -6.65 -28.84
C VAL C 143 1.87 -7.00 -30.31
N GLN C 144 2.79 -7.91 -30.56
CA GLN C 144 3.11 -8.30 -31.92
C GLN C 144 1.99 -9.15 -32.51
N ILE C 145 1.88 -9.15 -33.83
CA ILE C 145 0.87 -9.95 -34.51
C ILE C 145 1.49 -10.73 -35.67
N ASN C 146 1.19 -12.02 -35.74
CA ASN C 146 1.75 -12.88 -36.76
C ASN C 146 0.68 -13.67 -37.50
N ASN C 157 10.34 -7.90 -40.81
CA ASN C 157 10.83 -7.53 -39.49
C ASN C 157 9.78 -7.75 -38.40
N LYS C 158 10.03 -7.18 -37.23
CA LYS C 158 9.09 -7.31 -36.12
C LYS C 158 7.93 -6.34 -36.28
N GLU C 159 6.71 -6.87 -36.35
CA GLU C 159 5.53 -6.03 -36.49
C GLU C 159 4.64 -6.13 -35.24
N TYR C 160 4.24 -4.97 -34.74
CA TYR C 160 3.45 -4.91 -33.51
C TYR C 160 2.15 -4.14 -33.72
N ARG C 161 1.37 -4.01 -32.66
CA ARG C 161 0.12 -3.27 -32.68
C ARG C 161 -0.21 -2.79 -31.28
N LEU C 162 -1.18 -1.89 -31.16
CA LEU C 162 -1.66 -1.46 -29.85
C LEU C 162 -2.27 -2.64 -29.11
N ILE C 163 -1.99 -2.73 -27.81
CA ILE C 163 -2.42 -3.87 -27.02
C ILE C 163 -3.92 -3.81 -26.72
N ASN C 164 -4.49 -2.62 -26.80
CA ASN C 164 -5.89 -2.42 -26.45
C ASN C 164 -6.84 -2.48 -27.63
N CYS C 165 -6.30 -2.55 -28.83
CA CYS C 165 -7.11 -2.46 -30.04
C CYS C 165 -8.03 -3.66 -30.21
N ASN C 166 -7.57 -4.84 -29.81
CA ASN C 166 -8.39 -6.02 -29.94
C ASN C 166 -9.47 -6.07 -28.86
N THR C 167 -9.14 -5.49 -27.71
CA THR C 167 -10.10 -5.44 -26.60
C THR C 167 -11.09 -4.29 -26.73
N SER C 168 -10.60 -3.09 -27.02
CA SER C 168 -11.46 -1.91 -26.96
C SER C 168 -10.90 -0.71 -27.74
N ALA C 169 -11.56 0.44 -27.55
CA ALA C 169 -11.11 1.70 -28.12
C ALA C 169 -10.15 2.40 -27.17
N ILE C 170 -9.65 3.57 -27.56
CA ILE C 170 -8.66 4.27 -26.76
C ILE C 170 -8.77 5.80 -26.91
N THR C 171 -8.53 6.52 -25.82
CA THR C 171 -8.51 7.97 -25.86
C THR C 171 -7.38 8.55 -25.01
N GLN C 172 -6.82 9.67 -25.45
CA GLN C 172 -5.70 10.31 -24.77
C GLN C 172 -6.15 11.33 -23.73
N ALA C 173 -5.54 11.29 -22.56
CA ALA C 173 -5.81 12.29 -21.52
C ALA C 173 -5.18 13.63 -21.91
N CYS C 174 -5.90 14.71 -21.65
CA CYS C 174 -5.43 16.06 -21.96
C CYS C 174 -4.24 16.45 -21.08
N PRO C 175 -3.21 17.06 -21.68
CA PRO C 175 -2.01 17.48 -20.95
C PRO C 175 -2.27 18.65 -20.00
N LYS C 176 -3.34 19.39 -20.25
CA LYS C 176 -3.70 20.53 -19.41
C LYS C 176 -4.09 20.10 -18.01
N VAL C 177 -5.00 19.13 -17.91
CA VAL C 177 -5.44 18.63 -16.62
C VAL C 177 -4.36 17.77 -15.99
N SER C 178 -4.38 17.66 -14.67
CA SER C 178 -3.43 16.81 -13.97
C SER C 178 -4.17 15.81 -13.09
N PHE C 179 -3.53 14.68 -12.82
CA PHE C 179 -4.14 13.64 -12.02
C PHE C 179 -3.82 13.83 -10.54
N GLU C 180 -3.19 14.96 -10.23
CA GLU C 180 -2.76 15.27 -8.86
C GLU C 180 -3.91 15.25 -7.88
N PRO C 181 -3.87 14.30 -6.92
CA PRO C 181 -4.89 14.17 -5.87
C PRO C 181 -4.93 15.39 -4.97
N ILE C 182 -6.13 15.92 -4.76
CA ILE C 182 -6.32 17.06 -3.88
C ILE C 182 -7.34 16.73 -2.80
N PRO C 183 -7.14 17.27 -1.58
CA PRO C 183 -8.02 16.98 -0.44
C PRO C 183 -9.49 17.27 -0.74
N ILE C 184 -10.33 16.28 -0.47
CA ILE C 184 -11.75 16.40 -0.73
C ILE C 184 -12.57 16.05 0.51
N HIS C 185 -13.32 17.02 0.99
CA HIS C 185 -14.17 16.82 2.16
C HIS C 185 -15.57 16.42 1.71
N TYR C 186 -16.02 15.26 2.14
CA TYR C 186 -17.39 14.86 1.85
C TYR C 186 -18.29 15.47 2.91
N CYS C 187 -19.31 16.17 2.48
CA CYS C 187 -20.26 16.79 3.39
C CYS C 187 -21.67 16.34 3.09
N ALA C 188 -22.57 16.55 4.05
CA ALA C 188 -23.95 16.13 3.88
C ALA C 188 -24.88 17.33 3.79
N PRO C 189 -25.93 17.22 2.97
CA PRO C 189 -26.89 18.30 2.77
C PRO C 189 -27.75 18.52 4.02
N ALA C 190 -28.65 19.47 3.96
CA ALA C 190 -29.53 19.76 5.09
C ALA C 190 -30.40 18.55 5.36
N GLY C 191 -30.60 18.25 6.65
CA GLY C 191 -31.40 17.11 7.05
C GLY C 191 -30.54 15.89 7.32
N PHE C 192 -29.26 15.98 6.97
CA PHE C 192 -28.34 14.88 7.23
C PHE C 192 -27.18 15.29 8.15
N ALA C 193 -26.37 14.31 8.52
CA ALA C 193 -25.22 14.55 9.39
C ALA C 193 -24.15 13.46 9.21
N ILE C 194 -22.91 13.81 9.52
CA ILE C 194 -21.80 12.86 9.40
C ILE C 194 -21.13 12.60 10.75
N LEU C 195 -21.06 11.32 11.12
CA LEU C 195 -20.49 10.93 12.41
C LEU C 195 -19.00 10.61 12.30
N LYS C 196 -18.24 11.02 13.31
CA LYS C 196 -16.80 10.79 13.32
C LYS C 196 -16.36 10.06 14.59
N CYS C 197 -15.59 8.99 14.43
CA CYS C 197 -15.13 8.21 15.57
C CYS C 197 -13.75 8.71 16.00
N LYS C 198 -13.69 9.23 17.23
CA LYS C 198 -12.50 9.94 17.71
C LYS C 198 -11.56 9.03 18.52
N ASP C 199 -11.92 7.76 18.68
CA ASP C 199 -11.07 6.85 19.45
C ASP C 199 -9.73 6.61 18.77
N LYS C 200 -8.70 6.36 19.57
CA LYS C 200 -7.37 6.15 19.05
C LYS C 200 -7.25 4.79 18.39
N LYS C 201 -7.84 3.78 19.03
CA LYS C 201 -7.82 2.42 18.49
C LYS C 201 -9.20 1.96 18.05
N PHE C 202 -9.40 1.87 16.74
CA PHE C 202 -10.67 1.41 16.21
C PHE C 202 -10.44 0.54 14.98
N ASN C 203 -11.01 -0.65 15.00
CA ASN C 203 -10.86 -1.60 13.90
C ASN C 203 -11.98 -1.48 12.87
N GLY C 204 -12.93 -0.59 13.12
CA GLY C 204 -13.99 -0.32 12.18
C GLY C 204 -15.26 -1.06 12.53
N THR C 205 -15.19 -1.88 13.57
CA THR C 205 -16.32 -2.66 14.02
C THR C 205 -16.45 -2.61 15.53
N GLY C 206 -17.68 -2.61 16.01
CA GLY C 206 -17.95 -2.55 17.43
C GLY C 206 -18.44 -1.18 17.85
N PRO C 207 -18.71 -1.00 19.15
CA PRO C 207 -19.22 0.26 19.70
C PRO C 207 -18.14 1.33 19.75
N CYS C 208 -18.53 2.59 19.59
CA CYS C 208 -17.57 3.70 19.67
C CYS C 208 -17.93 4.58 20.86
N PRO C 209 -17.05 4.60 21.87
CA PRO C 209 -17.25 5.33 23.13
C PRO C 209 -17.38 6.84 22.93
N SER C 210 -16.46 7.41 22.16
CA SER C 210 -16.46 8.86 21.95
C SER C 210 -16.77 9.20 20.50
N VAL C 211 -17.94 9.80 20.30
CA VAL C 211 -18.39 10.13 18.96
C VAL C 211 -18.62 11.64 18.80
N SER C 212 -18.09 12.20 17.73
CA SER C 212 -18.31 13.61 17.42
C SER C 212 -18.91 13.76 16.02
N THR C 213 -19.60 14.86 15.79
CA THR C 213 -20.24 15.12 14.51
C THR C 213 -19.60 16.26 13.75
N VAL C 214 -19.54 16.13 12.42
CA VAL C 214 -18.99 17.18 11.57
C VAL C 214 -19.87 17.40 10.34
N GLN C 215 -19.89 18.63 9.84
CA GLN C 215 -20.62 18.94 8.62
C GLN C 215 -19.85 18.38 7.44
N CYS C 216 -18.53 18.47 7.52
CA CYS C 216 -17.65 18.00 6.47
C CYS C 216 -16.62 17.04 7.03
N THR C 217 -16.34 15.96 6.31
CA THR C 217 -15.27 15.05 6.68
C THR C 217 -13.92 15.71 6.51
N HIS C 218 -12.88 15.11 7.09
CA HIS C 218 -11.54 15.67 7.02
C HIS C 218 -10.99 15.63 5.60
N GLY C 219 -9.78 16.16 5.43
CA GLY C 219 -9.15 16.19 4.13
C GLY C 219 -8.83 14.80 3.63
N ILE C 220 -9.42 14.42 2.51
CA ILE C 220 -9.23 13.09 1.95
C ILE C 220 -8.67 13.15 0.53
N LYS C 221 -7.44 12.70 0.37
CA LYS C 221 -6.79 12.68 -0.93
C LYS C 221 -7.10 11.37 -1.67
N PRO C 222 -7.84 11.48 -2.77
CA PRO C 222 -8.21 10.32 -3.59
C PRO C 222 -7.02 9.74 -4.34
N VAL C 223 -6.11 9.11 -3.61
CA VAL C 223 -4.93 8.51 -4.21
C VAL C 223 -5.21 7.07 -4.60
N VAL C 224 -5.19 6.79 -5.90
CA VAL C 224 -5.46 5.45 -6.39
C VAL C 224 -4.17 4.65 -6.46
N SER C 225 -4.09 3.60 -5.65
CA SER C 225 -2.89 2.78 -5.59
C SER C 225 -3.21 1.34 -5.22
N THR C 226 -2.28 0.44 -5.52
CA THR C 226 -2.45 -0.97 -5.21
C THR C 226 -1.30 -1.47 -4.36
N GLN C 227 -1.63 -2.34 -3.40
CA GLN C 227 -0.65 -2.98 -2.52
C GLN C 227 0.02 -1.99 -1.56
N LEU C 228 -0.29 -0.70 -1.71
CA LEU C 228 0.27 0.35 -0.87
C LEU C 228 -0.68 1.54 -0.76
N LEU C 229 -1.11 1.85 0.44
CA LEU C 229 -1.91 3.05 0.65
C LEU C 229 -0.98 4.25 0.72
N LEU C 230 -1.14 5.16 -0.23
CA LEU C 230 -0.25 6.30 -0.33
C LEU C 230 -0.96 7.58 0.06
N ASN C 231 -0.24 8.45 0.78
CA ASN C 231 -0.76 9.75 1.19
C ASN C 231 -2.07 9.66 1.97
N GLY C 232 -2.14 8.73 2.90
CA GLY C 232 -3.34 8.50 3.68
C GLY C 232 -3.22 9.07 5.09
N SER C 233 -4.14 8.67 5.96
CA SER C 233 -4.14 9.16 7.33
C SER C 233 -3.46 8.18 8.27
N LEU C 234 -2.63 8.71 9.16
CA LEU C 234 -1.87 7.89 10.10
C LEU C 234 -2.76 7.43 11.24
N ALA C 235 -2.39 6.30 11.85
CA ALA C 235 -3.12 5.79 13.00
C ALA C 235 -2.62 6.48 14.26
N GLU C 236 -3.24 6.16 15.40
CA GLU C 236 -2.81 6.72 16.67
C GLU C 236 -2.22 5.62 17.55
N GLU C 237 -1.11 5.93 18.20
CA GLU C 237 -0.42 4.96 19.06
C GLU C 237 -0.08 3.71 18.25
N GLU C 238 -0.69 2.59 18.63
CA GLU C 238 -0.45 1.32 17.96
C GLU C 238 -0.97 1.36 16.53
N VAL C 239 -0.35 0.57 15.65
CA VAL C 239 -0.81 0.46 14.28
C VAL C 239 -2.10 -0.34 14.26
N MET C 240 -2.96 -0.08 13.28
CA MET C 240 -4.29 -0.67 13.31
C MET C 240 -4.40 -1.83 12.32
N ILE C 241 -5.19 -2.83 12.70
CA ILE C 241 -5.44 -3.98 11.84
C ILE C 241 -6.94 -4.14 11.58
N ARG C 242 -7.34 -4.08 10.31
CA ARG C 242 -8.75 -4.14 9.96
C ARG C 242 -9.03 -5.21 8.90
N SER C 243 -10.04 -6.02 9.15
CA SER C 243 -10.47 -7.03 8.19
C SER C 243 -11.98 -7.25 8.30
N GLU C 244 -12.63 -7.48 7.16
CA GLU C 244 -14.06 -7.73 7.13
C GLU C 244 -14.39 -9.03 7.86
N ASN C 245 -13.77 -10.12 7.40
CA ASN C 245 -13.84 -11.39 8.10
C ASN C 245 -12.43 -11.95 8.23
N ILE C 246 -11.93 -11.99 9.46
CA ILE C 246 -10.52 -12.23 9.71
C ILE C 246 -10.12 -13.69 9.51
N THR C 247 -10.85 -14.60 10.14
CA THR C 247 -10.54 -16.02 10.03
C THR C 247 -10.74 -16.47 8.60
N ASN C 248 -11.55 -15.71 7.86
CA ASN C 248 -11.77 -15.96 6.45
C ASN C 248 -10.59 -15.45 5.62
N ASN C 249 -9.98 -16.35 4.86
CA ASN C 249 -8.81 -16.00 4.07
C ASN C 249 -9.19 -15.38 2.72
N ALA C 250 -10.49 -15.35 2.45
CA ALA C 250 -10.99 -14.80 1.19
C ALA C 250 -11.16 -13.29 1.30
N LYS C 251 -11.11 -12.78 2.53
CA LYS C 251 -11.31 -11.36 2.77
C LYS C 251 -9.99 -10.64 2.96
N ASN C 252 -9.84 -9.48 2.31
CA ASN C 252 -8.62 -8.71 2.40
C ASN C 252 -8.45 -8.10 3.80
N ILE C 253 -7.19 -7.86 4.18
CA ILE C 253 -6.89 -7.31 5.48
C ILE C 253 -6.26 -5.91 5.40
N LEU C 254 -7.00 -4.90 5.85
CA LEU C 254 -6.53 -3.52 5.80
C LEU C 254 -5.70 -3.13 7.03
N VAL C 255 -4.52 -2.57 6.78
CA VAL C 255 -3.61 -2.17 7.85
C VAL C 255 -3.41 -0.66 7.87
N GLN C 256 -3.39 -0.07 9.07
CA GLN C 256 -3.15 1.37 9.19
C GLN C 256 -1.86 1.63 9.96
N PHE C 257 -0.94 2.36 9.33
CA PHE C 257 0.37 2.63 9.90
C PHE C 257 0.36 3.73 10.94
N ASN C 258 1.34 3.70 11.83
CA ASN C 258 1.55 4.77 12.80
C ASN C 258 2.45 5.85 12.20
N THR C 259 3.70 5.47 11.92
CA THR C 259 4.64 6.37 11.26
C THR C 259 4.65 6.16 9.74
N PRO C 260 4.67 7.27 8.98
CA PRO C 260 4.69 7.24 7.51
C PRO C 260 6.01 6.69 6.96
N VAL C 261 5.92 5.92 5.89
CA VAL C 261 7.10 5.34 5.27
C VAL C 261 7.56 6.11 4.03
N GLN C 262 8.79 6.59 4.06
CA GLN C 262 9.36 7.32 2.93
C GLN C 262 9.51 6.42 1.71
N ILE C 263 8.91 6.85 0.60
CA ILE C 263 9.00 6.10 -0.65
C ILE C 263 9.36 7.04 -1.80
N ASN C 264 10.29 6.59 -2.64
CA ASN C 264 10.66 7.37 -3.81
C ASN C 264 10.40 6.62 -5.09
N CYS C 265 9.66 7.26 -5.98
CA CYS C 265 9.39 6.69 -7.28
C CYS C 265 9.73 7.74 -8.32
N THR C 266 10.67 7.40 -9.20
CA THR C 266 11.12 8.35 -10.20
C THR C 266 11.07 7.73 -11.58
N ARG C 267 11.21 8.59 -12.57
CA ARG C 267 11.22 8.16 -13.95
C ARG C 267 12.59 8.49 -14.53
N PRO C 268 13.57 7.61 -14.29
CA PRO C 268 14.96 7.89 -14.70
C PRO C 268 15.13 7.84 -16.21
N ASN C 269 14.20 8.48 -16.92
CA ASN C 269 14.28 8.69 -18.34
C ASN C 269 13.88 10.13 -18.63
N ASN C 270 14.83 10.90 -19.12
CA ASN C 270 14.59 12.31 -19.41
C ASN C 270 14.07 12.45 -20.84
N ASN C 271 12.80 12.80 -20.96
CA ASN C 271 12.09 12.69 -22.23
C ASN C 271 11.73 14.03 -22.86
N THR C 272 11.15 13.95 -24.05
CA THR C 272 10.71 15.13 -24.79
C THR C 272 9.36 14.85 -25.45
N ARG C 273 8.59 15.90 -25.72
CA ARG C 273 7.28 15.74 -26.33
C ARG C 273 7.30 16.14 -27.81
N LYS C 274 6.82 15.24 -28.65
CA LYS C 274 6.79 15.46 -30.10
C LYS C 274 5.72 16.47 -30.51
N SER C 275 4.55 16.37 -29.89
CA SER C 275 3.41 17.22 -30.21
C SER C 275 3.08 17.18 -31.71
N ILE C 276 2.96 15.97 -32.23
CA ILE C 276 2.66 15.78 -33.66
C ILE C 276 1.27 16.29 -34.01
N ARG C 277 1.10 16.68 -35.27
CA ARG C 277 -0.16 17.27 -35.71
C ARG C 277 -1.03 16.33 -36.55
N ILE C 278 -2.11 15.84 -35.95
CA ILE C 278 -3.10 15.07 -36.67
C ILE C 278 -4.38 15.90 -36.76
N GLY C 279 -4.30 16.98 -37.53
CA GLY C 279 -5.36 17.97 -37.60
C GLY C 279 -6.60 17.53 -38.36
N PRO C 280 -7.47 18.50 -38.69
CA PRO C 280 -7.34 19.92 -38.33
C PRO C 280 -7.66 20.21 -36.86
N GLY C 281 -6.78 20.96 -36.20
CA GLY C 281 -7.01 21.38 -34.84
C GLY C 281 -6.50 20.47 -33.74
N GLN C 282 -6.31 19.19 -34.05
CA GLN C 282 -5.86 18.23 -33.04
C GLN C 282 -4.36 18.00 -33.09
N ALA C 283 -3.75 17.84 -31.92
CA ALA C 283 -2.33 17.56 -31.81
C ALA C 283 -2.06 16.47 -30.79
N PHE C 284 -1.41 15.39 -31.22
CA PHE C 284 -1.07 14.29 -30.32
C PHE C 284 0.35 14.44 -29.79
N TYR C 285 0.55 14.04 -28.53
CA TYR C 285 1.86 14.10 -27.90
C TYR C 285 2.54 12.74 -27.89
N ALA C 286 3.49 12.55 -28.80
CA ALA C 286 4.23 11.30 -28.88
C ALA C 286 5.43 11.31 -27.93
N THR C 287 5.90 10.12 -27.58
CA THR C 287 7.10 9.99 -26.75
C THR C 287 8.35 9.99 -27.62
N GLY C 288 9.17 11.03 -27.48
CA GLY C 288 10.40 11.12 -28.23
C GLY C 288 11.52 10.27 -27.69
N ASP C 289 12.74 10.57 -28.13
CA ASP C 289 13.93 9.86 -27.67
C ASP C 289 14.28 10.20 -26.22
N ILE C 290 14.93 9.26 -25.54
CA ILE C 290 15.32 9.44 -24.16
C ILE C 290 16.74 9.99 -24.06
N ILE C 291 16.89 11.15 -23.43
CA ILE C 291 18.20 11.76 -23.26
C ILE C 291 18.64 11.80 -21.81
N GLY C 292 19.56 10.92 -21.43
CA GLY C 292 19.98 10.87 -20.05
C GLY C 292 20.42 9.48 -19.63
N ASP C 293 20.26 9.17 -18.35
CA ASP C 293 20.54 7.86 -17.83
C ASP C 293 19.72 6.80 -18.57
N ILE C 294 20.38 5.71 -18.97
CA ILE C 294 19.66 4.57 -19.52
C ILE C 294 19.33 3.62 -18.38
N ARG C 295 18.06 3.60 -17.99
CA ARG C 295 17.65 2.93 -16.76
C ARG C 295 16.18 2.51 -16.83
N GLN C 296 15.80 1.59 -15.96
CA GLN C 296 14.40 1.25 -15.77
C GLN C 296 13.87 1.96 -14.54
N ALA C 297 12.58 2.31 -14.54
CA ALA C 297 11.96 2.98 -13.42
C ALA C 297 12.19 2.19 -12.14
N HIS C 298 12.43 2.90 -11.04
CA HIS C 298 12.76 2.22 -9.79
C HIS C 298 12.13 2.87 -8.57
N CYS C 299 11.89 2.06 -7.56
CA CYS C 299 11.24 2.52 -6.34
C CYS C 299 12.13 2.26 -5.13
N ASN C 300 12.42 3.31 -4.37
CA ASN C 300 13.30 3.19 -3.21
C ASN C 300 12.56 3.13 -1.88
N VAL C 301 12.97 2.19 -1.03
CA VAL C 301 12.47 2.08 0.34
C VAL C 301 13.62 1.86 1.31
N SER C 302 13.71 2.68 2.35
CA SER C 302 14.82 2.59 3.28
C SER C 302 14.70 1.32 4.13
N LYS C 303 15.76 0.54 4.14
CA LYS C 303 15.74 -0.78 4.78
C LYS C 303 15.45 -0.70 6.28
N ALA C 304 15.93 0.35 6.92
CA ALA C 304 15.75 0.51 8.37
C ALA C 304 14.32 0.85 8.74
N THR C 305 13.70 1.72 7.97
CA THR C 305 12.36 2.22 8.28
C THR C 305 11.27 1.18 8.02
N TRP C 306 11.41 0.42 6.94
CA TRP C 306 10.46 -0.63 6.60
C TRP C 306 10.48 -1.77 7.61
N ASN C 307 11.68 -2.18 7.99
CA ASN C 307 11.90 -3.22 8.98
C ASN C 307 11.29 -2.86 10.33
N GLU C 308 11.62 -1.67 10.84
CA GLU C 308 11.10 -1.20 12.13
C GLU C 308 9.58 -1.31 12.19
N THR C 309 8.92 -0.88 11.11
CA THR C 309 7.47 -0.99 11.00
C THR C 309 7.03 -2.45 10.99
N LEU C 310 7.74 -3.26 10.22
CA LEU C 310 7.45 -4.68 10.09
C LEU C 310 7.46 -5.38 11.45
N GLY C 311 8.44 -5.04 12.27
CA GLY C 311 8.57 -5.62 13.59
C GLY C 311 7.40 -5.24 14.48
N LYS C 312 6.87 -4.05 14.27
CA LYS C 312 5.74 -3.57 15.05
C LYS C 312 4.43 -4.15 14.53
N VAL C 313 4.36 -4.32 13.21
CA VAL C 313 3.16 -4.84 12.58
C VAL C 313 2.98 -6.34 12.82
N VAL C 314 4.07 -7.09 12.71
CA VAL C 314 4.04 -8.54 12.87
C VAL C 314 3.60 -8.96 14.27
N LYS C 315 3.76 -8.06 15.24
CA LYS C 315 3.35 -8.33 16.61
C LYS C 315 1.85 -8.16 16.80
N GLN C 316 1.25 -7.33 15.94
CA GLN C 316 -0.18 -7.06 16.04
C GLN C 316 -0.99 -8.25 15.51
N LEU C 317 -0.40 -8.96 14.56
CA LEU C 317 -1.05 -10.14 14.00
C LEU C 317 -1.09 -11.26 15.02
N ARG C 318 -0.19 -11.18 16.00
CA ARG C 318 -0.10 -12.20 17.03
C ARG C 318 -1.05 -11.91 18.19
N LYS C 319 -1.80 -10.82 18.07
CA LYS C 319 -2.90 -10.56 18.99
C LYS C 319 -4.12 -11.36 18.54
N HIS C 320 -4.00 -11.98 17.39
CA HIS C 320 -5.06 -12.80 16.83
C HIS C 320 -4.56 -14.22 16.57
N PHE C 321 -3.49 -14.35 15.80
CA PHE C 321 -3.00 -15.65 15.39
C PHE C 321 -2.23 -16.36 16.50
N GLY C 322 -2.19 -15.75 17.68
CA GLY C 322 -1.57 -16.37 18.84
C GLY C 322 -0.23 -15.77 19.20
N ASN C 323 0.11 -15.85 20.48
CA ASN C 323 1.39 -15.32 21.00
C ASN C 323 2.59 -15.75 20.18
N ASN C 324 2.70 -17.05 19.95
CA ASN C 324 3.84 -17.62 19.24
C ASN C 324 3.40 -18.37 17.99
N THR C 325 4.00 -18.00 16.86
CA THR C 325 3.71 -18.63 15.58
C THR C 325 4.68 -18.07 14.54
N ILE C 326 4.81 -18.78 13.42
CA ILE C 326 5.73 -18.35 12.38
C ILE C 326 5.00 -17.59 11.29
N ILE C 327 5.42 -16.35 11.06
CA ILE C 327 4.82 -15.53 10.02
C ILE C 327 5.83 -15.26 8.90
N ARG C 328 5.55 -15.80 7.73
CA ARG C 328 6.43 -15.63 6.59
C ARG C 328 5.78 -14.71 5.57
N PHE C 329 6.59 -13.86 4.95
CA PHE C 329 6.09 -12.96 3.91
C PHE C 329 6.57 -13.40 2.53
N ALA C 330 5.74 -13.14 1.51
CA ALA C 330 6.08 -13.45 0.13
C ALA C 330 5.37 -12.51 -0.83
N ASN C 331 5.92 -12.38 -2.03
CA ASN C 331 5.34 -11.49 -3.04
C ASN C 331 4.04 -12.04 -3.61
N SER C 332 3.46 -11.31 -4.55
CA SER C 332 2.15 -11.67 -5.12
C SER C 332 2.15 -13.06 -5.76
N SER C 333 1.04 -13.77 -5.60
CA SER C 333 0.90 -15.11 -6.16
C SER C 333 0.87 -15.09 -7.67
N GLY C 334 -0.10 -14.37 -8.22
CA GLY C 334 -0.26 -14.25 -9.66
C GLY C 334 -1.62 -13.70 -10.02
N GLY C 335 -1.74 -13.22 -11.26
CA GLY C 335 -2.99 -12.63 -11.72
C GLY C 335 -2.74 -11.49 -12.68
N ASP C 336 -3.69 -10.56 -12.75
CA ASP C 336 -3.53 -9.35 -13.55
C ASP C 336 -2.38 -8.52 -13.01
N LEU C 337 -1.82 -7.66 -13.87
CA LEU C 337 -0.71 -6.80 -13.49
C LEU C 337 -1.09 -5.85 -12.36
N GLU C 338 -2.35 -5.43 -12.36
CA GLU C 338 -2.85 -4.53 -11.33
C GLU C 338 -2.83 -5.19 -9.96
N VAL C 339 -3.03 -6.51 -9.93
CA VAL C 339 -3.03 -7.26 -8.70
C VAL C 339 -1.62 -7.61 -8.24
N THR C 340 -0.78 -8.01 -9.19
CA THR C 340 0.54 -8.54 -8.88
C THR C 340 1.59 -7.46 -8.61
N THR C 341 1.30 -6.22 -8.99
CA THR C 341 2.24 -5.14 -8.80
C THR C 341 1.62 -3.92 -8.11
N HIS C 342 2.46 -2.98 -7.71
CA HIS C 342 1.99 -1.74 -7.11
C HIS C 342 1.71 -0.70 -8.19
N SER C 343 0.43 -0.37 -8.36
CA SER C 343 0.01 0.50 -9.45
C SER C 343 -0.35 1.88 -8.92
N PHE C 344 0.19 2.92 -9.52
CA PHE C 344 -0.12 4.28 -9.11
C PHE C 344 0.28 5.30 -10.18
N ASN C 345 0.11 6.58 -9.86
CA ASN C 345 0.45 7.65 -10.77
C ASN C 345 1.39 8.68 -10.14
N CYS C 346 2.51 8.95 -10.80
CA CYS C 346 3.44 9.97 -10.34
C CYS C 346 3.88 10.87 -11.49
N GLY C 347 3.54 12.16 -11.38
CA GLY C 347 3.89 13.13 -12.41
C GLY C 347 3.11 12.96 -13.70
N GLY C 348 2.01 12.20 -13.63
CA GLY C 348 1.19 11.94 -14.79
C GLY C 348 1.39 10.56 -15.37
N GLU C 349 2.57 9.98 -15.13
CA GLU C 349 2.87 8.63 -15.60
C GLU C 349 2.37 7.58 -14.62
N PHE C 350 2.10 6.38 -15.12
CA PHE C 350 1.60 5.28 -14.30
C PHE C 350 2.66 4.21 -14.08
N PHE C 351 3.13 4.11 -12.84
CA PHE C 351 4.15 3.13 -12.49
C PHE C 351 3.56 1.81 -12.01
N TYR C 352 4.22 0.71 -12.38
CA TYR C 352 3.92 -0.61 -11.85
C TYR C 352 5.19 -1.19 -11.27
N CYS C 353 5.26 -1.28 -9.94
CA CYS C 353 6.50 -1.63 -9.27
C CYS C 353 6.56 -3.07 -8.79
N ASN C 354 7.76 -3.63 -8.80
CA ASN C 354 7.99 -4.99 -8.32
C ASN C 354 8.32 -5.01 -6.84
N THR C 355 7.37 -5.49 -6.04
CA THR C 355 7.48 -5.43 -4.59
C THR C 355 8.08 -6.71 -4.02
N SER C 356 8.51 -7.60 -4.90
CA SER C 356 9.04 -8.90 -4.50
C SER C 356 10.22 -8.84 -3.55
N GLY C 357 11.00 -7.76 -3.62
CA GLY C 357 12.18 -7.62 -2.79
C GLY C 357 11.87 -7.30 -1.35
N LEU C 358 10.80 -6.55 -1.13
CA LEU C 358 10.41 -6.15 0.22
C LEU C 358 9.71 -7.29 0.95
N PHE C 359 8.98 -8.11 0.21
CA PHE C 359 8.14 -9.13 0.82
C PHE C 359 8.90 -10.43 0.99
N ASN C 360 10.21 -10.36 0.81
CA ASN C 360 11.07 -11.51 1.03
C ASN C 360 11.66 -11.43 2.44
N SER C 361 11.05 -12.16 3.37
CA SER C 361 11.50 -12.18 4.77
C SER C 361 10.86 -13.34 5.52
N THR C 362 11.45 -13.69 6.67
CA THR C 362 10.84 -14.67 7.57
C THR C 362 11.06 -14.24 9.02
N TRP C 363 9.97 -14.17 9.77
CA TRP C 363 10.02 -13.63 11.12
C TRP C 363 9.89 -14.69 12.21
N ILE C 364 10.58 -14.43 13.33
CA ILE C 364 10.50 -15.28 14.51
C ILE C 364 9.38 -14.67 15.35
N SER C 365 9.28 -15.05 16.62
CA SER C 365 8.20 -14.55 17.48
C SER C 365 8.24 -13.02 17.62
N ASN C 366 9.42 -12.46 17.88
CA ASN C 366 9.58 -11.01 17.98
C ASN C 366 10.57 -10.41 16.99
N THR C 367 11.28 -11.26 16.24
CA THR C 367 12.38 -10.78 15.40
C THR C 367 12.46 -11.48 14.05
N SER C 368 13.32 -10.94 13.18
CA SER C 368 13.58 -11.55 11.88
C SER C 368 15.05 -11.92 11.74
N VAL C 369 15.32 -13.08 11.17
CA VAL C 369 16.70 -13.53 10.96
C VAL C 369 17.24 -13.03 9.63
N ASN C 378 22.52 -2.70 5.70
CA ASN C 378 22.72 -1.88 4.51
C ASN C 378 21.92 -0.59 4.60
N ASP C 379 22.18 0.34 3.67
CA ASP C 379 21.63 1.68 3.79
C ASP C 379 20.46 1.99 2.85
N SER C 380 20.16 1.10 1.90
CA SER C 380 19.08 1.36 0.96
C SER C 380 18.56 0.13 0.24
N ILE C 381 17.41 0.27 -0.40
CA ILE C 381 16.76 -0.79 -1.17
C ILE C 381 16.13 -0.15 -2.42
N THR C 382 15.90 -0.95 -3.45
CA THR C 382 15.29 -0.45 -4.68
C THR C 382 14.26 -1.45 -5.22
N LEU C 383 13.33 -0.97 -6.04
CA LEU C 383 12.28 -1.81 -6.61
C LEU C 383 12.04 -1.52 -8.08
N PRO C 384 12.26 -2.53 -8.94
CA PRO C 384 12.05 -2.40 -10.38
C PRO C 384 10.60 -2.02 -10.70
N CYS C 385 10.42 -0.98 -11.49
CA CYS C 385 9.08 -0.50 -11.83
C CYS C 385 8.86 -0.52 -13.35
N ARG C 386 7.65 -0.86 -13.76
CA ARG C 386 7.30 -0.88 -15.17
C ARG C 386 6.32 0.26 -15.49
N ILE C 387 6.42 0.80 -16.70
CA ILE C 387 5.59 1.93 -17.10
C ILE C 387 4.61 1.55 -18.20
N LYS C 388 3.34 1.89 -18.00
CA LYS C 388 2.32 1.63 -19.02
C LYS C 388 1.43 2.85 -19.21
N GLN C 389 1.43 3.39 -20.42
CA GLN C 389 0.66 4.60 -20.74
C GLN C 389 -0.81 4.26 -21.02
N ILE C 390 -1.05 3.15 -21.72
CA ILE C 390 -2.40 2.73 -22.03
C ILE C 390 -2.92 1.81 -20.95
N ILE C 391 -3.95 2.25 -20.23
CA ILE C 391 -4.45 1.50 -19.09
C ILE C 391 -5.96 1.31 -19.08
N ASN C 392 -6.39 0.13 -18.64
CA ASN C 392 -7.77 -0.09 -18.25
C ASN C 392 -7.84 -0.51 -16.78
N MET C 393 -8.06 0.46 -15.89
CA MET C 393 -8.29 0.16 -14.49
C MET C 393 -9.78 -0.04 -14.20
N TRP C 394 -10.08 -0.68 -13.07
CA TRP C 394 -11.45 -0.94 -12.63
C TRP C 394 -12.18 -1.87 -13.59
N GLN C 395 -11.41 -2.69 -14.30
CA GLN C 395 -11.94 -3.65 -15.27
C GLN C 395 -12.85 -2.97 -16.30
N ARG C 396 -12.39 -1.84 -16.84
CA ARG C 396 -13.19 -1.09 -17.80
C ARG C 396 -12.91 -1.56 -19.23
N ILE C 397 -13.99 -1.88 -19.95
CA ILE C 397 -13.88 -2.28 -21.35
C ILE C 397 -14.66 -1.30 -22.22
N GLY C 398 -14.05 -0.90 -23.33
CA GLY C 398 -14.67 0.06 -24.23
C GLY C 398 -13.98 1.42 -24.14
N GLN C 399 -13.26 1.64 -23.05
CA GLN C 399 -12.52 2.88 -22.87
C GLN C 399 -11.14 2.65 -22.30
N ALA C 400 -10.12 3.01 -23.07
CA ALA C 400 -8.73 2.90 -22.62
C ALA C 400 -8.08 4.28 -22.65
N MET C 401 -7.41 4.64 -21.56
CA MET C 401 -6.81 5.96 -21.45
C MET C 401 -5.30 5.93 -21.71
N TYR C 402 -4.86 6.85 -22.55
CA TYR C 402 -3.44 6.98 -22.87
C TYR C 402 -2.79 8.10 -22.05
N ALA C 403 -1.85 7.74 -21.19
CA ALA C 403 -1.13 8.72 -20.39
C ALA C 403 -0.10 9.47 -21.24
N PRO C 404 -0.30 10.79 -21.41
CA PRO C 404 0.59 11.63 -22.22
C PRO C 404 2.00 11.76 -21.63
N PRO C 405 3.02 11.81 -22.49
CA PRO C 405 4.43 11.93 -22.11
C PRO C 405 4.74 13.21 -21.33
N ILE C 406 5.72 13.15 -20.44
CA ILE C 406 6.10 14.29 -19.62
C ILE C 406 7.54 14.74 -19.88
N GLN C 407 7.73 16.03 -20.11
CA GLN C 407 9.05 16.60 -20.33
C GLN C 407 9.92 16.49 -19.07
N GLY C 408 11.15 16.03 -19.24
CA GLY C 408 12.09 15.95 -18.15
C GLY C 408 11.91 14.72 -17.27
N VAL C 409 12.72 14.64 -16.21
CA VAL C 409 12.65 13.52 -15.27
C VAL C 409 11.62 13.77 -14.18
N ILE C 410 10.76 12.80 -13.95
CA ILE C 410 9.74 12.91 -12.91
C ILE C 410 10.23 12.32 -11.59
N ARG C 411 10.13 13.11 -10.52
CA ARG C 411 10.48 12.64 -9.19
C ARG C 411 9.36 12.96 -8.19
N CYS C 412 9.01 11.97 -7.37
CA CYS C 412 7.93 12.16 -6.40
C CYS C 412 8.23 11.46 -5.09
N VAL C 413 7.81 12.08 -4.00
CA VAL C 413 7.98 11.51 -2.67
C VAL C 413 6.63 11.44 -1.96
N SER C 414 6.24 10.26 -1.54
CA SER C 414 4.95 10.06 -0.90
C SER C 414 5.08 9.30 0.42
N ASN C 415 4.01 9.32 1.22
CA ASN C 415 3.93 8.50 2.42
C ASN C 415 3.25 7.17 2.15
N ILE C 416 3.81 6.09 2.68
CA ILE C 416 3.14 4.80 2.66
C ILE C 416 2.38 4.64 3.96
N THR C 417 1.05 4.76 3.89
CA THR C 417 0.22 4.76 5.10
C THR C 417 -0.53 3.46 5.39
N GLY C 418 -0.45 2.48 4.50
CA GLY C 418 -1.16 1.24 4.72
C GLY C 418 -1.10 0.25 3.57
N LEU C 419 -1.61 -0.96 3.81
CA LEU C 419 -1.52 -2.04 2.84
C LEU C 419 -2.85 -2.76 2.60
N ILE C 420 -2.91 -3.52 1.51
CA ILE C 420 -3.99 -4.46 1.25
C ILE C 420 -3.44 -5.88 1.25
N LEU C 421 -3.87 -6.70 2.21
CA LEU C 421 -3.27 -8.01 2.40
C LEU C 421 -4.28 -9.15 2.32
N THR C 422 -3.81 -10.32 1.87
CA THR C 422 -4.62 -11.53 1.83
C THR C 422 -3.90 -12.69 2.49
N ARG C 423 -4.67 -13.60 3.08
CA ARG C 423 -4.08 -14.78 3.73
C ARG C 423 -4.31 -16.02 2.88
N ASP C 424 -3.33 -16.92 2.87
CA ASP C 424 -3.42 -18.15 2.09
C ASP C 424 -4.46 -19.10 2.68
N GLY C 425 -5.02 -19.95 1.82
CA GLY C 425 -6.06 -20.88 2.23
C GLY C 425 -5.52 -22.23 2.66
N GLY C 426 -4.29 -22.52 2.25
CA GLY C 426 -3.66 -23.79 2.60
C GLY C 426 -3.45 -23.92 4.10
N SER C 427 -4.02 -24.96 4.68
CA SER C 427 -3.95 -25.17 6.12
C SER C 427 -4.05 -26.65 6.49
N THR C 428 -3.27 -27.16 7.44
CA THR C 428 -2.16 -26.55 8.19
C THR C 428 -2.42 -25.17 8.81
N ASN C 429 -3.53 -25.04 9.53
CA ASN C 429 -3.88 -23.79 10.16
C ASN C 429 -3.16 -23.64 11.48
N SER C 430 -2.94 -24.77 12.14
CA SER C 430 -2.33 -24.79 13.47
C SER C 430 -0.81 -24.78 13.39
N THR C 431 -0.28 -24.70 12.18
CA THR C 431 1.17 -24.72 11.98
C THR C 431 1.72 -23.32 11.79
N THR C 432 1.54 -22.77 10.59
CA THR C 432 2.02 -21.43 10.29
C THR C 432 1.13 -20.77 9.23
N GLU C 433 1.20 -19.45 9.14
CA GLU C 433 0.42 -18.70 8.16
C GLU C 433 1.28 -17.73 7.36
N THR C 434 0.97 -17.60 6.08
CA THR C 434 1.72 -16.74 5.19
C THR C 434 0.82 -15.67 4.59
N PHE C 435 1.32 -14.43 4.51
CA PHE C 435 0.54 -13.32 3.98
C PHE C 435 1.16 -12.73 2.71
N ARG C 436 0.31 -12.37 1.76
CA ARG C 436 0.74 -11.83 0.47
C ARG C 436 -0.04 -10.56 0.13
N PRO C 437 0.58 -9.65 -0.66
CA PRO C 437 -0.07 -8.39 -1.03
C PRO C 437 -1.35 -8.59 -1.81
N GLY C 438 -2.40 -7.87 -1.42
CA GLY C 438 -3.69 -7.96 -2.09
C GLY C 438 -3.82 -6.97 -3.24
N GLY C 439 -5.06 -6.67 -3.61
CA GLY C 439 -5.33 -5.82 -4.75
C GLY C 439 -6.79 -5.83 -5.10
N GLY C 440 -7.08 -5.62 -6.39
CA GLY C 440 -8.47 -5.64 -6.86
C GLY C 440 -9.27 -4.44 -6.43
N ASP C 441 -10.28 -4.68 -5.60
CA ASP C 441 -11.24 -3.66 -5.18
C ASP C 441 -10.56 -2.40 -4.66
N MET C 442 -10.97 -1.25 -5.19
CA MET C 442 -10.43 0.03 -4.77
C MET C 442 -11.25 0.64 -3.63
N ARG C 443 -12.37 0.01 -3.32
CA ARG C 443 -13.23 0.47 -2.23
C ARG C 443 -12.50 0.36 -0.90
N ASP C 444 -11.66 -0.66 -0.78
CA ASP C 444 -10.87 -0.88 0.42
C ASP C 444 -9.97 0.33 0.69
N ASN C 445 -9.47 0.93 -0.39
CA ASN C 445 -8.64 2.13 -0.28
C ASN C 445 -9.41 3.28 0.34
N TRP C 446 -10.69 3.38 -0.01
CA TRP C 446 -11.54 4.43 0.53
C TRP C 446 -12.06 4.05 1.91
N ARG C 447 -12.17 2.75 2.17
CA ARG C 447 -12.59 2.28 3.49
C ARG C 447 -11.52 2.59 4.52
N SER C 448 -10.31 2.85 4.06
CA SER C 448 -9.18 3.16 4.92
C SER C 448 -9.34 4.53 5.58
N GLU C 449 -9.91 5.47 4.84
CA GLU C 449 -10.13 6.81 5.35
C GLU C 449 -11.53 7.03 5.90
N LEU C 450 -12.46 6.15 5.51
CA LEU C 450 -13.87 6.35 5.84
C LEU C 450 -14.36 5.45 6.97
N TYR C 451 -13.45 4.70 7.59
CA TYR C 451 -13.83 3.73 8.60
C TYR C 451 -14.49 4.38 9.81
N LYS C 452 -14.14 5.63 10.07
CA LYS C 452 -14.65 6.34 11.24
C LYS C 452 -15.88 7.18 10.90
N TYR C 453 -16.35 7.06 9.65
CA TYR C 453 -17.49 7.85 9.21
C TYR C 453 -18.66 6.98 8.74
N LYS C 454 -19.88 7.46 8.99
CA LYS C 454 -21.09 6.85 8.46
C LYS C 454 -22.20 7.90 8.34
N VAL C 455 -23.17 7.63 7.47
CA VAL C 455 -24.21 8.61 7.18
C VAL C 455 -25.53 8.28 7.89
N VAL C 456 -26.08 9.27 8.58
CA VAL C 456 -27.39 9.14 9.21
C VAL C 456 -28.28 10.33 8.88
N LYS C 457 -29.59 10.10 8.85
CA LYS C 457 -30.53 11.19 8.62
C LYS C 457 -31.18 11.62 9.92
N ILE C 458 -31.38 12.92 10.09
CA ILE C 458 -31.91 13.45 11.33
C ILE C 458 -33.44 13.52 11.30
N GLU C 459 -34.07 13.03 12.37
CA GLU C 459 -35.52 13.12 12.52
C GLU C 459 -35.87 14.11 13.64
N PRO C 460 -36.16 15.37 13.27
CA PRO C 460 -36.38 16.49 14.19
C PRO C 460 -37.70 16.44 14.96
N LEU C 461 -38.74 15.90 14.35
CA LEU C 461 -40.07 15.92 14.94
C LEU C 461 -40.19 14.98 16.14
N GLY C 462 -40.80 15.49 17.22
CA GLY C 462 -41.00 14.70 18.42
C GLY C 462 -42.20 15.14 19.25
N VAL C 463 -42.74 14.23 20.06
CA VAL C 463 -43.91 14.50 20.88
C VAL C 463 -43.65 14.17 22.36
N ALA C 464 -44.11 15.04 23.25
CA ALA C 464 -43.96 14.81 24.68
C ALA C 464 -45.18 15.31 25.45
N PRO C 465 -45.58 14.57 26.50
CA PRO C 465 -46.72 14.92 27.35
C PRO C 465 -46.42 16.03 28.35
N THR C 466 -47.25 17.08 28.37
CA THR C 466 -47.09 18.19 29.32
C THR C 466 -48.46 18.81 29.64
N ARG C 467 -48.50 19.51 30.76
CA ARG C 467 -49.74 20.06 31.30
C ARG C 467 -50.29 21.30 30.57
N CYS C 468 -49.47 21.98 29.78
CA CYS C 468 -49.84 23.28 29.21
C CYS C 468 -51.17 23.34 28.46
N LYS C 469 -51.53 22.25 27.77
CA LYS C 469 -52.77 22.17 27.00
C LYS C 469 -52.86 23.42 26.08
N ARG C 470 -54.02 24.04 25.96
CA ARG C 470 -54.20 25.27 25.20
C ARG C 470 -55.50 25.94 25.61
N ARG C 471 -55.63 27.23 25.34
CA ARG C 471 -56.90 27.93 25.59
C ARG C 471 -57.84 27.81 24.40
N PHE D 11 -25.03 21.49 19.20
CA PHE D 11 -25.30 20.60 18.08
C PHE D 11 -25.34 19.13 18.53
N LEU D 12 -26.55 18.66 18.85
CA LEU D 12 -26.81 17.28 19.27
C LEU D 12 -26.17 16.92 20.62
N GLY D 13 -25.49 17.87 21.24
CA GLY D 13 -24.74 17.63 22.47
C GLY D 13 -25.50 16.99 23.62
N ALA D 14 -26.82 17.18 23.65
CA ALA D 14 -27.63 16.66 24.75
C ALA D 14 -28.30 15.33 24.41
N ALA D 15 -28.00 14.79 23.24
CA ALA D 15 -28.57 13.51 22.79
C ALA D 15 -28.28 12.40 23.79
N GLY D 16 -27.12 12.48 24.44
CA GLY D 16 -26.75 11.52 25.46
C GLY D 16 -27.31 11.95 26.80
N SER D 17 -27.60 13.24 26.93
CA SER D 17 -28.11 13.76 28.18
C SER D 17 -29.60 13.48 28.29
N THR D 18 -30.20 13.83 29.43
CA THR D 18 -31.61 13.57 29.67
C THR D 18 -32.50 14.53 28.87
N MET D 19 -33.76 14.15 28.70
CA MET D 19 -34.72 14.93 27.95
C MET D 19 -34.94 16.30 28.58
N GLY D 20 -34.83 16.35 29.91
CA GLY D 20 -35.00 17.59 30.64
C GLY D 20 -33.90 18.59 30.31
N ALA D 21 -32.68 18.07 30.15
CA ALA D 21 -31.54 18.90 29.81
C ALA D 21 -31.50 19.18 28.32
N ALA D 22 -32.16 18.33 27.54
CA ALA D 22 -32.13 18.42 26.08
C ALA D 22 -33.03 19.54 25.56
N SER D 23 -33.81 20.14 26.46
CA SER D 23 -34.74 21.19 26.07
C SER D 23 -34.10 22.57 25.98
N MET D 24 -32.90 22.70 26.55
CA MET D 24 -32.21 23.99 26.58
C MET D 24 -31.54 24.31 25.25
N THR D 25 -30.95 23.29 24.63
CA THR D 25 -30.20 23.49 23.39
C THR D 25 -31.07 23.24 22.17
N LEU D 26 -32.38 23.10 22.40
CA LEU D 26 -33.33 22.78 21.34
C LEU D 26 -33.23 23.71 20.13
N THR D 27 -32.93 24.98 20.41
CA THR D 27 -32.87 25.99 19.35
C THR D 27 -31.73 25.72 18.37
N VAL D 28 -30.61 25.23 18.89
CA VAL D 28 -29.42 24.98 18.09
C VAL D 28 -29.70 23.97 16.99
N GLN D 29 -30.43 22.91 17.35
CA GLN D 29 -30.75 21.86 16.39
C GLN D 29 -31.67 22.39 15.32
N ALA D 30 -32.59 23.26 15.72
CA ALA D 30 -33.53 23.87 14.80
C ALA D 30 -32.81 24.70 13.73
N ARG D 31 -31.85 25.50 14.18
CA ARG D 31 -31.09 26.37 13.29
C ARG D 31 -30.34 25.60 12.21
N ASN D 32 -29.35 24.82 12.64
CA ASN D 32 -28.40 24.18 11.74
C ASN D 32 -29.10 23.22 10.77
N LEU D 33 -30.07 22.50 11.30
CA LEU D 33 -30.88 21.58 10.52
C LEU D 33 -31.67 22.31 9.43
N LEU D 34 -32.23 23.46 9.78
CA LEU D 34 -33.17 24.14 8.90
C LEU D 34 -32.56 24.55 7.55
N SER D 35 -31.42 25.23 7.61
CA SER D 35 -30.88 25.86 6.43
C SER D 35 -29.47 25.40 6.12
N GLY D 36 -29.24 25.01 4.87
CA GLY D 36 -27.93 24.51 4.50
C GLY D 36 -27.63 24.89 3.06
N ASN D 37 -27.00 26.05 2.89
CA ASN D 37 -26.55 26.46 1.58
C ASN D 37 -25.04 26.64 1.59
N PRO D 38 -24.34 26.04 0.62
CA PRO D 38 -22.88 26.22 0.71
C PRO D 38 -22.39 27.71 0.57
N ASP D 39 -22.85 28.55 -0.36
CA ASP D 39 -23.67 28.16 -1.50
C ASP D 39 -22.97 28.47 -2.82
N TRP D 40 -22.88 27.46 -3.67
CA TRP D 40 -22.18 27.61 -4.93
C TRP D 40 -23.07 27.48 -6.14
N LEU D 41 -23.06 28.53 -6.94
CA LEU D 41 -23.75 28.57 -8.21
C LEU D 41 -23.16 27.58 -9.26
N PRO D 42 -21.81 27.40 -9.31
CA PRO D 42 -21.28 26.63 -10.44
C PRO D 42 -21.77 25.17 -10.46
N ASP D 43 -22.05 24.67 -11.65
CA ASP D 43 -22.47 23.28 -11.87
C ASP D 43 -22.12 22.80 -13.28
N MET D 44 -22.04 21.48 -13.46
CA MET D 44 -21.74 20.89 -14.75
C MET D 44 -22.62 19.67 -15.00
N THR D 45 -22.65 19.18 -16.23
CA THR D 45 -23.65 18.20 -16.65
C THR D 45 -23.60 16.96 -15.76
N VAL D 46 -22.39 16.55 -15.40
CA VAL D 46 -22.18 15.46 -14.46
C VAL D 46 -21.38 15.97 -13.27
N TRP D 47 -21.86 15.66 -12.06
CA TRP D 47 -21.33 16.14 -10.77
C TRP D 47 -21.93 17.51 -10.42
N GLY D 48 -22.83 17.97 -11.27
CA GLY D 48 -23.56 19.21 -11.05
C GLY D 48 -24.96 18.77 -10.70
N ILE D 49 -25.31 17.61 -11.24
CA ILE D 49 -26.57 16.96 -11.01
C ILE D 49 -26.51 16.21 -9.68
N LYS D 50 -25.27 15.97 -9.22
CA LYS D 50 -25.02 15.29 -7.96
C LYS D 50 -25.10 16.26 -6.78
N GLN D 51 -24.76 17.52 -7.03
CA GLN D 51 -24.82 18.56 -5.99
C GLN D 51 -26.20 19.22 -6.02
N LEU D 52 -27.07 18.67 -6.87
CA LEU D 52 -28.41 19.18 -7.03
C LEU D 52 -29.38 18.22 -6.37
N GLN D 53 -29.30 16.95 -6.79
CA GLN D 53 -30.12 15.87 -6.28
C GLN D 53 -30.15 15.78 -4.76
N ALA D 54 -29.05 16.17 -4.12
CA ALA D 54 -28.93 16.14 -2.66
C ALA D 54 -29.72 17.27 -1.99
N ARG D 55 -29.57 18.48 -2.51
CA ARG D 55 -30.20 19.67 -1.92
C ARG D 55 -31.67 19.82 -2.32
N VAL D 56 -32.06 19.13 -3.39
CA VAL D 56 -33.45 19.14 -3.82
C VAL D 56 -34.25 18.23 -2.89
N LEU D 57 -33.64 17.12 -2.51
CA LEU D 57 -34.25 16.20 -1.55
C LEU D 57 -34.31 16.84 -0.18
N ALA D 58 -33.44 17.82 0.06
CA ALA D 58 -33.42 18.54 1.33
C ALA D 58 -34.68 19.38 1.52
N VAL D 59 -35.06 20.11 0.48
CA VAL D 59 -36.25 20.96 0.54
C VAL D 59 -37.56 20.18 0.41
N GLU D 60 -37.50 19.00 -0.21
CA GLU D 60 -38.69 18.15 -0.28
C GLU D 60 -38.98 17.49 1.06
N ARG D 61 -37.92 17.10 1.76
CA ARG D 61 -38.07 16.50 3.08
C ARG D 61 -38.48 17.56 4.09
N TYR D 62 -38.03 18.79 3.85
CA TYR D 62 -38.36 19.91 4.72
C TYR D 62 -39.82 20.34 4.71
N LEU D 63 -40.39 20.56 3.53
CA LEU D 63 -41.78 20.99 3.44
C LEU D 63 -42.70 19.89 3.92
N ARG D 64 -42.21 18.65 3.86
CA ARG D 64 -42.96 17.49 4.34
C ARG D 64 -43.18 17.61 5.84
N ASP D 65 -42.14 18.05 6.56
CA ASP D 65 -42.21 18.28 7.99
C ASP D 65 -43.06 19.50 8.35
N GLN D 66 -42.98 20.54 7.51
CA GLN D 66 -43.66 21.80 7.78
C GLN D 66 -45.17 21.70 7.69
N GLN D 67 -45.66 20.79 6.87
CA GLN D 67 -47.10 20.60 6.76
C GLN D 67 -47.71 20.15 8.07
N LEU D 68 -47.00 19.27 8.76
CA LEU D 68 -47.46 18.75 10.03
C LEU D 68 -47.50 19.85 11.08
N LEU D 69 -46.54 20.77 11.01
CA LEU D 69 -46.48 21.86 11.97
C LEU D 69 -47.65 22.80 11.79
N GLY D 70 -48.06 22.98 10.53
CA GLY D 70 -49.17 23.85 10.22
C GLY D 70 -50.53 23.22 10.46
N ILE D 71 -50.71 21.99 9.97
CA ILE D 71 -52.00 21.32 10.07
C ILE D 71 -52.31 20.90 11.50
N TRP D 72 -51.29 20.87 12.34
CA TRP D 72 -51.50 20.57 13.75
C TRP D 72 -51.75 21.86 14.52
N GLY D 73 -51.76 21.77 15.85
CA GLY D 73 -52.10 22.89 16.68
C GLY D 73 -50.94 23.82 16.96
N CYS D 74 -49.95 23.80 16.08
CA CYS D 74 -48.75 24.60 16.28
C CYS D 74 -48.77 25.91 15.52
N SER D 75 -48.71 25.80 14.19
CA SER D 75 -48.71 26.96 13.29
C SER D 75 -47.51 27.86 13.55
N GLY D 76 -46.55 27.35 14.32
CA GLY D 76 -45.37 28.10 14.71
C GLY D 76 -44.29 27.08 15.03
N LYS D 77 -43.05 27.53 15.10
CA LYS D 77 -41.93 26.60 15.27
C LYS D 77 -41.59 26.36 16.73
N LEU D 78 -40.48 25.66 16.94
CA LEU D 78 -40.03 25.25 18.27
C LEU D 78 -41.09 24.44 19.00
N ILE D 79 -41.55 24.94 20.15
CA ILE D 79 -42.56 24.24 20.92
C ILE D 79 -43.95 24.88 20.81
N CYS D 80 -44.97 24.04 20.79
CA CYS D 80 -46.35 24.49 20.85
C CYS D 80 -47.18 23.37 21.47
N CYS D 81 -48.28 23.73 22.13
CA CYS D 81 -49.06 22.75 22.84
C CYS D 81 -50.40 22.46 22.16
N THR D 82 -51.14 21.51 22.71
CA THR D 82 -52.39 21.03 22.11
C THR D 82 -53.37 20.54 23.16
N ASN D 83 -54.61 20.29 22.73
CA ASN D 83 -55.66 19.83 23.62
C ASN D 83 -55.79 18.32 23.71
N VAL D 84 -54.88 17.59 23.08
CA VAL D 84 -54.93 16.13 23.13
C VAL D 84 -54.43 15.60 24.47
N PRO D 85 -55.32 14.92 25.22
CA PRO D 85 -54.97 14.32 26.51
C PRO D 85 -54.03 13.14 26.35
N TRP D 86 -53.07 13.02 27.25
CA TRP D 86 -52.12 11.92 27.16
C TRP D 86 -52.74 10.64 27.69
N ASN D 87 -52.84 9.63 26.82
CA ASN D 87 -53.41 8.35 27.19
C ASN D 87 -52.48 7.57 28.11
N SER D 88 -53.06 6.90 29.10
CA SER D 88 -52.28 6.10 30.03
C SER D 88 -51.63 4.93 29.30
N SER D 89 -52.35 4.37 28.33
CA SER D 89 -51.83 3.24 27.56
C SER D 89 -50.58 3.63 26.77
N TRP D 90 -50.41 4.93 26.57
CA TRP D 90 -49.23 5.44 25.90
C TRP D 90 -48.18 5.80 26.94
N SER D 91 -47.13 4.97 27.00
CA SER D 91 -46.04 5.10 27.96
C SER D 91 -46.49 5.52 29.35
N ASN D 92 -47.21 4.64 30.05
CA ASN D 92 -47.60 4.94 31.42
C ASN D 92 -46.34 5.07 32.27
N ARG D 93 -46.15 6.26 32.85
CA ARG D 93 -44.85 6.60 33.42
C ARG D 93 -44.96 7.62 34.54
N ASN D 94 -43.81 7.96 35.12
CA ASN D 94 -43.70 9.02 36.09
C ASN D 94 -43.11 10.25 35.40
N LEU D 95 -43.54 11.44 35.80
CA LEU D 95 -43.11 12.66 35.13
C LEU D 95 -41.60 12.85 35.28
N SER D 96 -41.09 12.53 36.46
CA SER D 96 -39.65 12.61 36.72
C SER D 96 -38.90 11.44 36.09
N GLU D 97 -39.65 10.42 35.66
CA GLU D 97 -39.07 9.25 35.02
C GLU D 97 -38.88 9.49 33.53
N ILE D 98 -39.44 10.59 33.04
CA ILE D 98 -39.37 10.92 31.62
C ILE D 98 -38.29 11.94 31.34
N TRP D 99 -38.45 13.14 31.91
CA TRP D 99 -37.52 14.23 31.67
C TRP D 99 -36.20 14.06 32.42
N ASP D 100 -36.29 13.70 33.68
CA ASP D 100 -35.11 13.64 34.55
C ASP D 100 -34.30 12.35 34.42
N ASN D 101 -34.98 11.22 34.24
CA ASN D 101 -34.29 9.93 34.25
C ASN D 101 -34.13 9.27 32.88
N MET D 102 -34.69 9.86 31.84
CA MET D 102 -34.75 9.20 30.54
C MET D 102 -34.28 10.10 29.40
N THR D 103 -33.85 9.49 28.30
CA THR D 103 -33.33 10.23 27.15
C THR D 103 -34.22 10.06 25.92
N TRP D 104 -34.15 11.03 25.01
CA TRP D 104 -35.04 11.10 23.85
C TRP D 104 -34.97 9.86 22.96
N LEU D 105 -33.76 9.39 22.69
CA LEU D 105 -33.56 8.21 21.87
C LEU D 105 -34.20 7.02 22.55
N GLN D 106 -34.05 6.99 23.87
CA GLN D 106 -34.65 5.95 24.70
C GLN D 106 -36.16 6.14 24.76
N TRP D 107 -36.59 7.38 24.59
CA TRP D 107 -38.01 7.72 24.65
C TRP D 107 -38.74 7.34 23.37
N ASP D 108 -38.21 7.77 22.23
CA ASP D 108 -38.83 7.47 20.94
C ASP D 108 -38.87 5.98 20.67
N LYS D 109 -38.03 5.24 21.38
CA LYS D 109 -37.93 3.80 21.22
C LYS D 109 -39.23 3.10 21.59
N GLU D 110 -39.82 3.52 22.71
CA GLU D 110 -41.05 2.89 23.20
C GLU D 110 -42.32 3.38 22.51
N ILE D 111 -42.37 4.68 22.21
CA ILE D 111 -43.57 5.28 21.63
C ILE D 111 -43.81 4.84 20.19
N SER D 112 -42.84 4.13 19.62
CA SER D 112 -42.87 3.72 18.22
C SER D 112 -44.19 3.08 17.78
N ASN D 113 -44.86 2.40 18.71
CA ASN D 113 -46.13 1.77 18.42
C ASN D 113 -47.30 2.73 18.40
N TYR D 114 -47.24 3.75 19.26
CA TYR D 114 -48.33 4.68 19.43
C TYR D 114 -48.10 5.98 18.65
N THR D 115 -46.96 6.06 17.98
CA THR D 115 -46.57 7.25 17.25
C THR D 115 -47.58 7.66 16.18
N GLN D 116 -48.05 6.69 15.40
CA GLN D 116 -49.01 6.96 14.34
C GLN D 116 -50.39 7.29 14.89
N ILE D 117 -50.72 6.78 16.07
CA ILE D 117 -52.00 7.05 16.70
C ILE D 117 -52.10 8.49 17.16
N ILE D 118 -51.05 8.96 17.81
CA ILE D 118 -50.99 10.33 18.33
C ILE D 118 -51.10 11.33 17.19
N TYR D 119 -50.45 11.02 16.08
CA TYR D 119 -50.46 11.90 14.90
C TYR D 119 -51.88 12.20 14.46
N GLY D 120 -52.75 11.19 14.54
CA GLY D 120 -54.13 11.35 14.14
C GLY D 120 -54.87 12.31 15.06
N LEU D 121 -54.51 12.29 16.34
CA LEU D 121 -55.18 13.12 17.33
C LEU D 121 -54.86 14.60 17.14
N LEU D 122 -53.73 14.89 16.51
CA LEU D 122 -53.30 16.26 16.31
C LEU D 122 -54.01 16.94 15.13
N GLU D 123 -54.04 16.25 14.00
CA GLU D 123 -54.63 16.81 12.79
C GLU D 123 -56.15 16.69 12.74
N GLU D 124 -56.67 15.53 13.13
CA GLU D 124 -58.11 15.28 13.09
C GLU D 124 -58.82 15.83 14.33
N SER D 125 -58.46 15.29 15.49
CA SER D 125 -59.16 15.60 16.73
C SER D 125 -59.00 17.07 17.12
N GLN D 126 -57.95 17.71 16.64
CA GLN D 126 -57.75 19.11 16.96
C GLN D 126 -58.11 20.01 15.78
N ASN D 127 -57.14 20.29 14.92
CA ASN D 127 -57.28 21.39 13.96
C ASN D 127 -58.42 21.21 12.96
N GLN D 128 -58.90 19.98 12.83
CA GLN D 128 -60.12 19.76 12.05
C GLN D 128 -61.33 20.12 12.91
N GLN D 129 -61.34 19.63 14.15
CA GLN D 129 -62.47 19.85 15.05
C GLN D 129 -62.32 21.11 15.91
N GLU D 130 -61.08 21.60 16.04
CA GLU D 130 -60.82 22.78 16.86
C GLU D 130 -61.14 24.06 16.09
N LYS D 131 -60.67 24.13 14.85
CA LYS D 131 -60.89 25.31 14.03
C LYS D 131 -62.37 25.46 13.71
N ASN D 132 -63.04 24.33 13.50
CA ASN D 132 -64.49 24.34 13.30
C ASN D 132 -65.18 24.78 14.58
N GLU D 133 -64.63 24.35 15.72
CA GLU D 133 -65.14 24.75 17.01
C GLU D 133 -64.92 26.25 17.18
N GLN D 134 -63.78 26.72 16.68
CA GLN D 134 -63.44 28.14 16.76
C GLN D 134 -64.41 28.96 15.92
N ASP D 135 -64.76 28.44 14.76
CA ASP D 135 -65.70 29.11 13.87
C ASP D 135 -67.06 29.26 14.54
N LEU D 136 -67.44 28.25 15.32
CA LEU D 136 -68.70 28.27 16.04
C LEU D 136 -68.63 29.15 17.29
N LEU D 137 -67.42 29.30 17.83
CA LEU D 137 -67.23 30.15 19.01
C LEU D 137 -66.87 31.59 18.66
N ALA D 138 -66.47 31.84 17.42
CA ALA D 138 -66.11 33.20 17.00
C ALA D 138 -67.31 33.93 16.39
N LEU D 139 -68.40 33.20 16.18
CA LEU D 139 -69.58 33.79 15.56
C LEU D 139 -70.34 34.65 16.57
N ASP D 140 -70.33 34.20 17.83
CA ASP D 140 -71.01 34.91 18.91
C ASP D 140 -70.06 35.84 19.63
N GLN E 1 -23.77 -18.96 7.62
CA GLN E 1 -24.44 -17.94 8.43
C GLN E 1 -24.03 -18.03 9.89
N ILE E 2 -24.91 -17.55 10.77
CA ILE E 2 -24.65 -17.55 12.20
C ILE E 2 -24.82 -18.95 12.81
N HIS E 3 -23.75 -19.44 13.44
CA HIS E 3 -23.79 -20.73 14.12
C HIS E 3 -23.12 -20.65 15.48
N LEU E 4 -23.85 -21.02 16.52
CA LEU E 4 -23.29 -20.98 17.87
C LEU E 4 -23.00 -22.39 18.37
N VAL E 5 -21.72 -22.73 18.46
CA VAL E 5 -21.30 -24.05 18.90
C VAL E 5 -20.70 -24.01 20.29
N GLN E 6 -21.37 -24.66 21.23
CA GLN E 6 -20.96 -24.65 22.64
C GLN E 6 -20.10 -25.87 22.95
N SER E 7 -19.63 -25.97 24.19
CA SER E 7 -18.76 -27.06 24.60
C SER E 7 -19.53 -28.35 24.80
N GLY E 8 -18.83 -29.41 25.16
CA GLY E 8 -19.45 -30.71 25.37
C GLY E 8 -20.15 -30.78 26.72
N THR E 9 -20.79 -31.92 26.98
CA THR E 9 -21.51 -32.12 28.23
C THR E 9 -20.56 -32.15 29.43
N GLU E 10 -20.83 -31.29 30.42
CA GLU E 10 -20.02 -31.23 31.62
C GLU E 10 -20.75 -31.81 32.84
N VAL E 11 -20.18 -32.84 33.44
CA VAL E 11 -20.73 -33.40 34.67
C VAL E 11 -19.78 -33.10 35.82
N LYS E 12 -20.18 -32.23 36.75
CA LYS E 12 -19.26 -31.80 37.79
C LYS E 12 -19.82 -31.94 39.20
N LYS E 13 -18.92 -32.13 40.17
CA LYS E 13 -19.32 -32.34 41.55
C LYS E 13 -19.43 -31.00 42.28
N PRO E 14 -20.30 -30.94 43.31
CA PRO E 14 -20.51 -29.73 44.11
C PRO E 14 -19.22 -29.16 44.70
N GLY E 15 -19.12 -27.84 44.74
CA GLY E 15 -17.95 -27.17 45.29
C GLY E 15 -16.89 -26.84 44.25
N SER E 16 -16.97 -27.50 43.10
CA SER E 16 -15.99 -27.30 42.04
C SER E 16 -16.34 -26.09 41.18
N SER E 17 -15.51 -25.83 40.18
CA SER E 17 -15.68 -24.72 39.26
C SER E 17 -15.87 -25.24 37.86
N VAL E 18 -16.84 -24.70 37.12
CA VAL E 18 -17.15 -25.20 35.79
C VAL E 18 -16.89 -24.17 34.70
N THR E 19 -16.36 -24.65 33.57
CA THR E 19 -16.11 -23.77 32.44
C THR E 19 -16.71 -24.31 31.15
N VAL E 20 -17.65 -23.57 30.58
CA VAL E 20 -18.22 -23.90 29.28
C VAL E 20 -17.80 -22.85 28.28
N SER E 21 -17.64 -23.23 27.02
CA SER E 21 -17.21 -22.29 26.00
C SER E 21 -18.24 -22.22 24.89
N CYS E 22 -18.42 -21.02 24.33
CA CYS E 22 -19.32 -20.83 23.20
C CYS E 22 -18.60 -20.26 21.99
N LYS E 23 -18.46 -21.08 20.95
CA LYS E 23 -17.86 -20.63 19.71
C LYS E 23 -18.93 -20.08 18.78
N ALA E 24 -18.83 -18.78 18.47
CA ALA E 24 -19.85 -18.13 17.66
C ALA E 24 -19.40 -18.03 16.21
N TYR E 25 -19.98 -18.87 15.36
CA TYR E 25 -19.60 -18.94 13.96
C TYR E 25 -20.51 -18.02 13.15
N GLY E 26 -19.91 -17.20 12.30
CA GLY E 26 -20.69 -16.28 11.47
C GLY E 26 -20.74 -14.89 12.04
N VAL E 27 -20.26 -14.73 13.27
CA VAL E 27 -20.27 -13.44 13.93
C VAL E 27 -18.98 -12.65 13.65
N ASN E 28 -19.14 -11.46 13.09
CA ASN E 28 -18.00 -10.61 12.76
C ASN E 28 -17.27 -10.11 14.00
N THR E 29 -18.02 -9.85 15.07
CA THR E 29 -17.47 -9.38 16.34
C THR E 29 -18.54 -9.30 17.42
N PHE E 30 -18.10 -9.26 18.67
CA PHE E 30 -19.02 -9.13 19.79
C PHE E 30 -19.30 -7.66 20.08
N GLY E 31 -18.70 -6.80 19.25
CA GLY E 31 -18.95 -5.38 19.35
C GLY E 31 -20.31 -4.99 18.79
N LEU E 32 -20.69 -5.63 17.69
CA LEU E 32 -21.97 -5.36 17.06
C LEU E 32 -23.00 -6.40 17.49
N TYR E 33 -22.57 -7.34 18.33
CA TYR E 33 -23.44 -8.41 18.78
C TYR E 33 -23.32 -8.63 20.28
N ALA E 34 -24.44 -8.51 20.98
CA ALA E 34 -24.46 -8.72 22.42
C ALA E 34 -24.62 -10.20 22.73
N VAL E 35 -23.86 -10.68 23.70
CA VAL E 35 -23.90 -12.10 24.05
C VAL E 35 -24.60 -12.29 25.39
N ASN E 36 -25.64 -13.11 25.40
CA ASN E 36 -26.39 -13.39 26.61
C ASN E 36 -26.35 -14.88 26.95
N TRP E 37 -26.13 -15.18 28.23
CA TRP E 37 -26.11 -16.55 28.69
C TRP E 37 -27.42 -16.87 29.41
N VAL E 38 -28.17 -17.83 28.87
CA VAL E 38 -29.47 -18.20 29.45
C VAL E 38 -29.54 -19.69 29.73
N ARG E 39 -30.08 -20.05 30.90
CA ARG E 39 -30.20 -21.46 31.28
C ARG E 39 -31.66 -21.91 31.36
N GLN E 40 -31.88 -23.20 31.18
CA GLN E 40 -33.22 -23.77 31.24
C GLN E 40 -33.29 -24.95 32.19
N ALA E 41 -34.03 -24.79 33.28
CA ALA E 41 -34.22 -25.85 34.25
C ALA E 41 -35.10 -26.97 33.66
N PRO E 42 -34.78 -28.23 33.99
CA PRO E 42 -35.52 -29.38 33.46
C PRO E 42 -36.99 -29.37 33.86
N GLY E 43 -37.88 -29.47 32.87
CA GLY E 43 -39.31 -29.43 33.12
C GLY E 43 -39.80 -28.06 33.56
N GLN E 44 -38.91 -27.09 33.55
CA GLN E 44 -39.24 -25.74 34.00
C GLN E 44 -38.95 -24.71 32.91
N SER E 45 -39.13 -23.44 33.26
CA SER E 45 -39.01 -22.36 32.28
C SER E 45 -37.58 -21.87 32.10
N LEU E 46 -37.42 -20.82 31.29
CA LEU E 46 -36.12 -20.24 30.98
C LEU E 46 -35.77 -19.12 31.95
N GLU E 47 -34.48 -19.03 32.32
CA GLU E 47 -34.03 -17.98 33.21
C GLU E 47 -32.79 -17.25 32.69
N TYR E 48 -32.86 -15.93 32.67
CA TYR E 48 -31.75 -15.10 32.24
C TYR E 48 -30.69 -15.03 33.33
N ILE E 49 -29.46 -15.36 32.97
CA ILE E 49 -28.36 -15.31 33.93
C ILE E 49 -27.61 -13.99 33.83
N GLY E 50 -26.93 -13.79 32.70
CA GLY E 50 -26.15 -12.59 32.50
C GLY E 50 -25.80 -12.32 31.04
N GLN E 51 -24.94 -11.34 30.81
CA GLN E 51 -24.57 -10.96 29.46
C GLN E 51 -23.21 -10.29 29.39
N ILE E 52 -22.66 -10.26 28.17
CA ILE E 52 -21.52 -9.41 27.88
C ILE E 52 -21.84 -8.62 26.63
N TRP E 53 -21.84 -7.30 26.76
CA TRP E 53 -22.28 -6.40 25.71
C TRP E 53 -21.42 -5.16 25.71
N ARG E 54 -20.96 -4.76 24.52
CA ARG E 54 -19.97 -3.71 24.37
C ARG E 54 -18.75 -4.08 25.21
N TRP E 55 -18.45 -5.37 25.22
CA TRP E 55 -17.34 -5.94 25.99
C TRP E 55 -17.47 -5.68 27.50
N LYS E 56 -18.71 -5.56 27.97
CA LYS E 56 -18.96 -5.39 29.40
C LYS E 56 -19.79 -6.53 29.97
N SER E 57 -19.18 -7.31 30.86
CA SER E 57 -19.87 -8.44 31.48
C SER E 57 -20.86 -7.97 32.54
N SER E 58 -22.04 -8.58 32.56
CA SER E 58 -23.08 -8.23 33.53
C SER E 58 -23.99 -9.42 33.81
N ALA E 59 -24.59 -9.47 35.00
CA ALA E 59 -25.49 -10.57 35.35
C ALA E 59 -26.54 -10.20 36.39
N SER E 60 -27.61 -11.00 36.43
CA SER E 60 -28.74 -10.79 37.33
C SER E 60 -28.40 -10.83 38.82
N HIS E 61 -29.27 -10.20 39.61
CA HIS E 61 -29.09 -10.07 41.06
C HIS E 61 -29.10 -11.40 41.82
N HIS E 62 -29.61 -12.45 41.20
CA HIS E 62 -29.49 -13.79 41.79
C HIS E 62 -28.04 -14.18 41.91
N PHE E 63 -27.34 -14.04 40.79
CA PHE E 63 -25.98 -14.52 40.61
C PHE E 63 -24.88 -13.49 40.81
N ARG E 64 -25.17 -12.37 41.47
CA ARG E 64 -24.23 -11.25 41.38
C ARG E 64 -22.83 -11.66 41.80
N GLY E 65 -21.87 -11.31 40.95
CA GLY E 65 -20.47 -11.59 41.27
C GLY E 65 -20.06 -13.06 41.30
N ARG E 66 -21.03 -13.97 41.45
CA ARG E 66 -20.73 -15.40 41.50
C ARG E 66 -20.66 -16.04 40.14
N VAL E 67 -21.09 -15.31 39.12
CA VAL E 67 -21.12 -15.83 37.77
C VAL E 67 -20.24 -14.90 36.95
N LEU E 68 -19.33 -15.50 36.19
CA LEU E 68 -18.33 -14.72 35.48
C LEU E 68 -18.33 -15.01 33.98
N ILE E 69 -18.62 -13.98 33.21
CA ILE E 69 -18.74 -14.11 31.76
C ILE E 69 -17.57 -13.46 31.04
N SER E 70 -16.79 -14.28 30.35
CA SER E 70 -15.62 -13.79 29.64
C SER E 70 -15.73 -14.12 28.15
N ALA E 71 -15.16 -13.27 27.31
CA ALA E 71 -15.21 -13.47 25.87
C ALA E 71 -14.03 -12.87 25.13
N VAL E 72 -13.62 -13.53 24.05
CA VAL E 72 -12.58 -13.01 23.17
C VAL E 72 -13.17 -12.86 21.78
N ASP E 73 -12.72 -11.84 21.05
CA ASP E 73 -13.32 -11.52 19.75
C ASP E 73 -12.85 -12.48 18.66
N LEU E 74 -13.24 -12.17 17.42
CA LEU E 74 -12.82 -12.95 16.26
C LEU E 74 -11.31 -12.95 16.12
N THR E 75 -10.74 -14.14 16.01
CA THR E 75 -9.30 -14.28 15.83
C THR E 75 -8.99 -14.84 14.45
N GLY E 76 -7.71 -15.04 14.17
CA GLY E 76 -7.28 -15.47 12.84
C GLY E 76 -7.42 -16.96 12.59
N SER E 77 -7.72 -17.72 13.64
CA SER E 77 -7.78 -19.18 13.52
C SER E 77 -9.15 -19.72 13.89
N SER E 78 -9.95 -18.89 14.56
CA SER E 78 -11.26 -19.33 15.03
C SER E 78 -12.22 -18.14 15.20
N PRO E 79 -13.53 -18.41 15.15
CA PRO E 79 -14.56 -17.39 15.40
C PRO E 79 -14.55 -16.87 16.85
N PRO E 80 -15.27 -15.77 17.13
CA PRO E 80 -15.37 -15.21 18.48
C PRO E 80 -15.88 -16.20 19.53
N ILE E 81 -15.19 -16.29 20.67
CA ILE E 81 -15.56 -17.26 21.70
C ILE E 81 -15.86 -16.60 23.06
N SER E 82 -16.96 -17.02 23.69
CA SER E 82 -17.29 -16.60 25.05
C SER E 82 -17.37 -17.80 26.01
N SER E 83 -17.09 -17.55 27.29
CA SER E 83 -17.14 -18.62 28.30
C SER E 83 -17.85 -18.18 29.57
N LEU E 84 -18.60 -19.10 30.15
CA LEU E 84 -19.35 -18.85 31.38
C LEU E 84 -18.89 -19.75 32.53
N GLU E 85 -18.56 -19.14 33.68
CA GLU E 85 -18.14 -19.90 34.86
C GLU E 85 -19.01 -19.75 36.09
N ILE E 86 -19.26 -20.87 36.75
CA ILE E 86 -20.01 -20.90 38.00
C ILE E 86 -19.20 -21.64 39.07
N LYS E 87 -18.73 -20.91 40.07
CA LYS E 87 -18.02 -21.53 41.19
C LYS E 87 -18.99 -21.80 42.31
N ASN E 88 -18.56 -22.62 43.28
CA ASN E 88 -19.42 -23.05 44.38
C ASN E 88 -20.67 -23.71 43.80
N LEU E 89 -20.44 -24.74 42.99
CA LEU E 89 -21.51 -25.46 42.32
C LEU E 89 -22.44 -26.14 43.31
N THR E 90 -23.73 -26.10 43.04
CA THR E 90 -24.73 -26.75 43.87
C THR E 90 -25.62 -27.68 43.04
N SER E 91 -26.56 -28.34 43.70
CA SER E 91 -27.43 -29.31 43.06
C SER E 91 -28.58 -28.68 42.28
N ASP E 92 -28.80 -27.38 42.50
CA ASP E 92 -29.90 -26.67 41.84
C ASP E 92 -29.46 -26.02 40.54
N ASP E 93 -28.17 -26.18 40.21
CA ASP E 93 -27.61 -25.54 39.03
C ASP E 93 -27.63 -26.47 37.82
N THR E 94 -28.38 -27.57 37.93
CA THR E 94 -28.34 -28.63 36.94
C THR E 94 -29.07 -28.29 35.63
N ALA E 95 -29.51 -27.04 35.51
CA ALA E 95 -30.23 -26.58 34.33
C ALA E 95 -29.39 -26.72 33.04
N VAL E 96 -30.08 -26.74 31.90
CA VAL E 96 -29.41 -26.76 30.61
C VAL E 96 -29.05 -25.34 30.18
N TYR E 97 -27.77 -25.11 29.89
CA TYR E 97 -27.29 -23.76 29.59
C TYR E 97 -27.20 -23.49 28.09
N PHE E 98 -27.66 -22.31 27.69
CA PHE E 98 -27.67 -21.92 26.29
C PHE E 98 -26.85 -20.64 26.06
N CYS E 99 -26.06 -20.64 25.00
CA CYS E 99 -25.31 -19.46 24.60
C CYS E 99 -26.10 -18.70 23.52
N THR E 100 -26.47 -17.47 23.83
CA THR E 100 -27.29 -16.68 22.91
C THR E 100 -26.66 -15.34 22.55
N THR E 101 -27.03 -14.84 21.37
CA THR E 101 -26.57 -13.53 20.93
C THR E 101 -27.65 -12.79 20.15
N THR E 102 -27.48 -11.49 20.00
CA THR E 102 -28.48 -10.67 19.31
C THR E 102 -27.78 -9.52 18.57
N SER E 103 -28.30 -9.17 17.40
CA SER E 103 -27.70 -8.11 16.59
C SER E 103 -28.07 -6.75 17.16
N THR E 104 -27.06 -6.02 17.61
CA THR E 104 -27.29 -4.72 18.25
C THR E 104 -26.99 -3.53 17.34
N TYR E 105 -26.60 -3.79 16.10
CA TYR E 105 -26.23 -2.71 15.20
C TYR E 105 -27.43 -1.84 14.89
N ASP E 106 -28.60 -2.47 14.73
CA ASP E 106 -29.82 -1.73 14.49
C ASP E 106 -30.24 -1.05 15.79
N LYS E 107 -30.15 0.27 15.80
CA LYS E 107 -30.31 1.04 17.02
C LYS E 107 -31.78 1.17 17.38
N TRP E 108 -32.63 1.10 16.35
CA TRP E 108 -34.07 1.14 16.54
C TRP E 108 -34.74 -0.21 16.37
N SER E 109 -34.00 -1.28 16.62
CA SER E 109 -34.57 -2.62 16.55
C SER E 109 -35.26 -2.96 17.86
N GLY E 110 -36.33 -3.73 17.77
CA GLY E 110 -37.09 -4.10 18.95
C GLY E 110 -36.46 -5.25 19.69
N LEU E 111 -35.36 -5.75 19.13
CA LEU E 111 -34.63 -6.86 19.73
C LEU E 111 -34.07 -6.48 21.09
N HIS E 112 -33.51 -5.29 21.18
CA HIS E 112 -32.83 -4.85 22.39
C HIS E 112 -33.54 -3.69 23.08
N HIS E 113 -33.34 -3.58 24.39
CA HIS E 113 -33.88 -2.48 25.15
C HIS E 113 -32.89 -2.08 26.25
N ASP E 114 -31.81 -1.42 25.84
CA ASP E 114 -30.81 -0.88 26.75
C ASP E 114 -30.17 -1.93 27.67
N GLY E 115 -29.62 -2.99 27.08
CA GLY E 115 -28.94 -4.01 27.84
C GLY E 115 -29.80 -5.25 27.99
N VAL E 116 -31.10 -5.02 28.22
CA VAL E 116 -32.06 -6.11 28.34
C VAL E 116 -32.66 -6.34 26.96
N MET E 117 -32.61 -7.57 26.48
CA MET E 117 -32.95 -7.82 25.08
C MET E 117 -33.52 -9.21 24.85
N ALA E 118 -34.00 -9.42 23.63
CA ALA E 118 -34.41 -10.75 23.19
C ALA E 118 -33.16 -11.47 22.69
N PHE E 119 -33.32 -12.72 22.28
CA PHE E 119 -32.16 -13.51 21.85
C PHE E 119 -32.41 -14.12 20.49
N SER E 120 -31.76 -13.54 19.47
CA SER E 120 -31.96 -13.96 18.09
C SER E 120 -31.36 -15.33 17.79
N SER E 121 -30.08 -15.49 18.10
CA SER E 121 -29.39 -16.74 17.79
C SER E 121 -29.21 -17.60 19.02
N TRP E 122 -29.54 -18.89 18.86
CA TRP E 122 -29.41 -19.85 19.95
C TRP E 122 -28.35 -20.91 19.63
N GLY E 123 -27.61 -21.32 20.65
CA GLY E 123 -26.58 -22.34 20.48
C GLY E 123 -27.14 -23.75 20.49
N GLN E 124 -26.25 -24.73 20.52
CA GLN E 124 -26.65 -26.13 20.54
C GLN E 124 -27.12 -26.52 21.94
N GLY E 125 -26.65 -25.77 22.94
CA GLY E 125 -26.98 -26.05 24.32
C GLY E 125 -25.98 -26.99 24.96
N THR E 126 -25.78 -26.82 26.26
CA THR E 126 -24.86 -27.67 27.00
C THR E 126 -25.47 -28.05 28.35
N LEU E 127 -25.64 -29.36 28.58
CA LEU E 127 -26.20 -29.84 29.83
C LEU E 127 -25.13 -30.02 30.90
N ILE E 128 -25.37 -29.43 32.08
CA ILE E 128 -24.48 -29.61 33.22
C ILE E 128 -25.20 -30.32 34.36
N SER E 129 -24.80 -31.55 34.63
CA SER E 129 -25.37 -32.32 35.72
C SER E 129 -24.45 -32.36 36.93
N VAL E 130 -24.90 -31.80 38.05
CA VAL E 130 -24.08 -31.76 39.25
C VAL E 130 -24.49 -32.86 40.23
N SER E 131 -23.67 -33.91 40.30
CA SER E 131 -23.94 -35.02 41.21
C SER E 131 -22.66 -35.78 41.58
N ALA E 132 -22.63 -36.29 42.81
CA ALA E 132 -21.51 -37.09 43.30
C ALA E 132 -21.69 -38.58 43.02
N ALA E 133 -21.38 -39.03 41.82
CA ALA E 133 -21.56 -40.45 41.48
C ALA E 133 -20.53 -40.95 40.46
N SER E 134 -20.23 -42.25 40.55
CA SER E 134 -19.27 -42.91 39.66
C SER E 134 -19.94 -43.83 38.63
N THR E 135 -19.30 -43.96 37.48
CA THR E 135 -19.79 -44.78 36.36
C THR E 135 -20.05 -46.24 36.74
N LYS E 136 -21.20 -46.76 36.30
CA LYS E 136 -21.57 -48.15 36.58
C LYS E 136 -22.28 -48.82 35.40
N GLY E 137 -22.23 -50.14 35.37
CA GLY E 137 -22.88 -50.91 34.32
C GLY E 137 -24.35 -51.18 34.58
N PRO E 138 -25.15 -51.25 33.50
CA PRO E 138 -26.60 -51.47 33.57
C PRO E 138 -26.99 -52.90 33.94
N SER E 139 -28.06 -53.02 34.72
CA SER E 139 -28.66 -54.32 35.00
C SER E 139 -29.89 -54.50 34.11
N VAL E 140 -29.90 -55.58 33.34
CA VAL E 140 -30.98 -55.79 32.38
C VAL E 140 -31.87 -56.95 32.80
N PHE E 141 -33.17 -56.69 32.89
CA PHE E 141 -34.13 -57.71 33.25
C PHE E 141 -35.25 -57.83 32.22
N PRO E 142 -35.62 -59.07 31.87
CA PRO E 142 -36.73 -59.33 30.95
C PRO E 142 -38.10 -59.18 31.60
N LEU E 143 -39.07 -58.69 30.83
CA LEU E 143 -40.45 -58.60 31.29
C LEU E 143 -41.34 -59.57 30.50
N ALA E 144 -41.75 -60.65 31.16
CA ALA E 144 -42.49 -61.72 30.50
C ALA E 144 -44.00 -61.52 30.51
N PRO E 145 -44.64 -61.74 29.35
CA PRO E 145 -46.10 -61.63 29.20
C PRO E 145 -46.84 -62.81 29.83
N SER E 146 -47.87 -62.52 30.62
CA SER E 146 -48.73 -63.57 31.17
C SER E 146 -49.72 -64.08 30.13
N SER E 147 -50.39 -63.15 29.46
CA SER E 147 -51.37 -63.48 28.43
C SER E 147 -51.86 -62.22 27.73
N GLY E 153 -56.03 -58.15 26.62
CA GLY E 153 -56.01 -58.87 25.36
C GLY E 153 -54.63 -58.91 24.73
N THR E 154 -54.48 -59.76 23.71
CA THR E 154 -53.22 -59.92 22.99
C THR E 154 -52.06 -60.25 23.91
N ALA E 155 -50.90 -59.63 23.66
CA ALA E 155 -49.70 -59.87 24.47
C ALA E 155 -48.72 -58.71 24.37
N ALA E 156 -47.96 -58.50 25.44
CA ALA E 156 -46.92 -57.46 25.44
C ALA E 156 -45.69 -57.95 26.19
N LEU E 157 -44.51 -57.71 25.61
CA LEU E 157 -43.26 -58.13 26.22
C LEU E 157 -42.17 -57.08 26.02
N GLY E 158 -41.25 -56.99 26.98
CA GLY E 158 -40.19 -56.00 26.92
C GLY E 158 -39.03 -56.32 27.85
N CYS E 159 -37.98 -55.50 27.77
CA CYS E 159 -36.83 -55.64 28.66
C CYS E 159 -36.68 -54.42 29.56
N LEU E 160 -36.19 -54.65 30.77
CA LEU E 160 -36.03 -53.59 31.75
C LEU E 160 -34.56 -53.33 32.06
N VAL E 161 -34.12 -52.10 31.82
CA VAL E 161 -32.75 -51.70 32.14
C VAL E 161 -32.74 -50.81 33.37
N LYS E 162 -32.03 -51.26 34.41
CA LYS E 162 -31.99 -50.53 35.67
C LYS E 162 -30.57 -50.27 36.15
N ASP E 163 -30.41 -49.14 36.86
CA ASP E 163 -29.19 -48.83 37.57
C ASP E 163 -27.94 -48.78 36.69
N TYR E 164 -27.90 -47.80 35.80
CA TYR E 164 -26.70 -47.58 35.00
C TYR E 164 -26.25 -46.14 35.14
N PHE E 165 -25.00 -45.87 34.79
CA PHE E 165 -24.40 -44.55 34.94
C PHE E 165 -23.03 -44.51 34.30
N PRO E 166 -22.73 -43.44 33.56
CA PRO E 166 -23.69 -42.36 33.25
C PRO E 166 -24.53 -42.68 32.02
N GLU E 167 -25.43 -41.76 31.67
CA GLU E 167 -26.24 -41.89 30.48
C GLU E 167 -25.41 -41.58 29.23
N PRO E 168 -25.89 -41.97 28.04
CA PRO E 168 -27.09 -42.77 27.76
C PRO E 168 -26.80 -44.24 27.55
N VAL E 169 -27.85 -44.99 27.26
CA VAL E 169 -27.74 -46.38 26.81
C VAL E 169 -28.63 -46.56 25.60
N THR E 170 -28.17 -47.37 24.65
CA THR E 170 -28.95 -47.58 23.44
C THR E 170 -29.55 -48.97 23.49
N VAL E 171 -30.88 -49.03 23.39
CA VAL E 171 -31.58 -50.31 23.47
C VAL E 171 -32.21 -50.64 22.13
N SER E 172 -31.92 -51.83 21.65
CA SER E 172 -32.45 -52.28 20.36
C SER E 172 -33.21 -53.60 20.53
N TRP E 173 -33.79 -54.06 19.42
CA TRP E 173 -34.54 -55.31 19.43
C TRP E 173 -34.18 -56.13 18.21
N ASN E 174 -33.72 -57.37 18.46
CA ASN E 174 -33.24 -58.25 17.40
C ASN E 174 -32.16 -57.57 16.58
N SER E 175 -31.34 -56.77 17.26
CA SER E 175 -30.27 -56.00 16.64
C SER E 175 -30.78 -55.05 15.55
N GLY E 176 -31.86 -54.35 15.86
CA GLY E 176 -32.41 -53.36 14.95
C GLY E 176 -33.38 -53.91 13.93
N ALA E 177 -33.66 -55.21 14.01
CA ALA E 177 -34.57 -55.86 13.08
C ALA E 177 -36.02 -55.48 13.38
N LEU E 178 -36.32 -55.27 14.65
CA LEU E 178 -37.67 -54.91 15.08
C LEU E 178 -37.73 -53.42 15.43
N THR E 179 -38.23 -52.62 14.50
CA THR E 179 -38.30 -51.17 14.67
C THR E 179 -39.70 -50.61 14.87
N SER E 180 -40.73 -51.46 14.78
CA SER E 180 -42.11 -50.97 14.78
C SER E 180 -42.88 -51.39 16.02
N GLY E 181 -43.70 -50.47 16.52
CA GLY E 181 -44.53 -50.72 17.68
C GLY E 181 -43.74 -50.61 18.97
N VAL E 182 -42.46 -50.28 18.84
CA VAL E 182 -41.56 -50.18 19.99
C VAL E 182 -41.58 -48.77 20.59
N HIS E 183 -41.79 -48.71 21.91
CA HIS E 183 -41.73 -47.45 22.62
C HIS E 183 -40.69 -47.55 23.73
N THR E 184 -39.61 -46.80 23.57
CA THR E 184 -38.53 -46.81 24.55
C THR E 184 -38.71 -45.63 25.48
N PHE E 185 -39.01 -45.94 26.73
CA PHE E 185 -39.28 -44.91 27.73
C PHE E 185 -38.00 -44.28 28.20
N PRO E 186 -38.02 -42.94 28.38
CA PRO E 186 -36.82 -42.20 28.80
C PRO E 186 -36.33 -42.65 30.17
N ALA E 187 -35.03 -42.53 30.40
CA ALA E 187 -34.45 -42.95 31.65
C ALA E 187 -34.98 -42.11 32.81
N VAL E 188 -35.33 -42.77 33.90
CA VAL E 188 -35.80 -42.08 35.08
C VAL E 188 -34.69 -42.08 36.12
N LEU E 189 -34.51 -40.96 36.81
CA LEU E 189 -33.46 -40.87 37.81
C LEU E 189 -33.97 -41.40 39.13
N GLN E 190 -33.45 -42.55 39.53
CA GLN E 190 -33.87 -43.18 40.77
C GLN E 190 -33.30 -42.46 41.97
N SER E 191 -33.90 -42.67 43.13
CA SER E 191 -33.45 -42.03 44.36
C SER E 191 -32.02 -42.43 44.73
N SER E 192 -31.54 -43.50 44.11
CA SER E 192 -30.19 -44.01 44.35
C SER E 192 -29.16 -43.33 43.47
N GLY E 193 -29.62 -42.44 42.59
CA GLY E 193 -28.72 -41.72 41.70
C GLY E 193 -28.36 -42.55 40.48
N LEU E 194 -29.10 -43.63 40.26
CA LEU E 194 -28.88 -44.51 39.13
C LEU E 194 -30.06 -44.43 38.18
N TYR E 195 -29.80 -44.63 36.88
CA TYR E 195 -30.84 -44.47 35.89
C TYR E 195 -31.51 -45.78 35.52
N SER E 196 -32.80 -45.71 35.24
CA SER E 196 -33.58 -46.87 34.84
C SER E 196 -34.56 -46.51 33.73
N LEU E 197 -34.64 -47.35 32.72
CA LEU E 197 -35.57 -47.13 31.61
C LEU E 197 -36.14 -48.45 31.14
N SER E 198 -37.01 -48.39 30.12
CA SER E 198 -37.64 -49.59 29.61
C SER E 198 -37.93 -49.52 28.11
N SER E 199 -37.93 -50.68 27.47
CA SER E 199 -38.28 -50.80 26.06
C SER E 199 -39.28 -51.92 25.89
N VAL E 200 -40.48 -51.59 25.44
CA VAL E 200 -41.56 -52.57 25.36
C VAL E 200 -42.05 -52.75 23.93
N VAL E 201 -42.37 -53.99 23.57
CA VAL E 201 -42.90 -54.30 22.25
C VAL E 201 -44.27 -54.99 22.34
N THR E 202 -45.18 -54.59 21.47
CA THR E 202 -46.53 -55.14 21.44
C THR E 202 -46.62 -56.32 20.47
N VAL E 203 -47.10 -57.46 20.96
CA VAL E 203 -47.17 -58.67 20.15
C VAL E 203 -48.58 -59.26 20.14
N PRO E 204 -49.08 -59.65 18.94
CA PRO E 204 -50.38 -60.32 18.85
C PRO E 204 -50.31 -61.78 19.25
N SER E 205 -51.39 -62.52 19.02
CA SER E 205 -51.48 -63.94 19.35
C SER E 205 -51.22 -64.19 20.83
N THR E 210 -43.00 -67.33 19.85
CA THR E 210 -42.62 -68.11 18.69
C THR E 210 -41.33 -67.57 18.05
N GLN E 211 -41.34 -66.27 17.76
CA GLN E 211 -40.16 -65.61 17.19
C GLN E 211 -38.98 -65.58 18.16
N THR E 212 -39.28 -65.48 19.45
CA THR E 212 -38.28 -65.56 20.52
C THR E 212 -37.32 -64.36 20.51
N TYR E 213 -37.91 -63.18 20.64
CA TYR E 213 -37.19 -61.91 20.53
C TYR E 213 -36.02 -61.79 21.51
N ILE E 214 -35.21 -60.75 21.33
CA ILE E 214 -34.05 -60.49 22.18
C ILE E 214 -33.86 -58.99 22.37
N CYS E 215 -33.08 -58.62 23.38
CA CYS E 215 -32.79 -57.22 23.64
C CYS E 215 -31.33 -56.89 23.39
N ASN E 216 -31.09 -55.80 22.69
CA ASN E 216 -29.73 -55.34 22.44
C ASN E 216 -29.46 -54.04 23.20
N VAL E 217 -28.65 -54.13 24.25
CA VAL E 217 -28.36 -52.99 25.11
C VAL E 217 -26.88 -52.63 25.04
N ASN E 218 -26.59 -51.37 24.70
CA ASN E 218 -25.20 -50.91 24.62
C ASN E 218 -24.94 -49.72 25.53
N HIS E 219 -24.11 -49.93 26.55
CA HIS E 219 -23.69 -48.84 27.42
C HIS E 219 -22.22 -48.54 27.18
N LYS E 220 -21.96 -47.45 26.47
CA LYS E 220 -20.62 -47.09 26.03
C LYS E 220 -19.68 -46.59 27.15
N PRO E 221 -20.16 -45.72 28.06
CA PRO E 221 -19.26 -45.30 29.15
C PRO E 221 -18.73 -46.45 30.00
N SER E 222 -19.56 -47.46 30.24
CA SER E 222 -19.14 -48.62 31.04
C SER E 222 -18.65 -49.75 30.15
N ASN E 223 -18.70 -49.52 28.83
CA ASN E 223 -18.25 -50.47 27.83
C ASN E 223 -18.99 -51.81 27.90
N THR E 224 -20.22 -51.79 28.40
CA THR E 224 -21.01 -53.01 28.52
C THR E 224 -22.06 -53.11 27.42
N LYS E 225 -21.86 -54.06 26.51
CA LYS E 225 -22.76 -54.25 25.38
C LYS E 225 -23.78 -55.35 25.66
N VAL E 226 -23.92 -55.72 26.94
CA VAL E 226 -24.71 -56.86 27.36
C VAL E 226 -26.10 -56.96 26.73
N ASP E 227 -26.48 -58.18 26.35
CA ASP E 227 -27.75 -58.44 25.71
C ASP E 227 -28.56 -59.49 26.47
N LYS E 228 -29.83 -59.21 26.72
CA LYS E 228 -30.69 -60.14 27.45
C LYS E 228 -31.87 -60.60 26.60
N LYS E 229 -32.30 -61.84 26.81
CA LYS E 229 -33.42 -62.40 26.06
C LYS E 229 -34.72 -62.24 26.85
N VAL E 230 -35.83 -62.63 26.23
CA VAL E 230 -37.14 -62.57 26.89
C VAL E 230 -37.92 -63.86 26.69
N GLU E 231 -38.17 -64.57 27.78
CA GLU E 231 -38.93 -65.81 27.72
C GLU E 231 -40.26 -65.68 28.49
N PRO E 232 -41.36 -66.08 27.84
CA PRO E 232 -42.68 -66.11 28.48
C PRO E 232 -42.81 -67.20 29.54
N LYS E 233 -43.42 -66.88 30.66
CA LYS E 233 -43.62 -67.85 31.74
C LYS E 233 -44.75 -68.81 31.39
N ASP F 1 -38.65 -6.72 39.29
CA ASP F 1 -38.61 -8.11 38.84
C ASP F 1 -39.97 -8.56 38.33
N ILE F 2 -40.08 -8.75 37.02
CA ILE F 2 -41.36 -9.06 36.39
C ILE F 2 -41.66 -10.55 36.48
N GLN F 3 -42.92 -10.89 36.65
CA GLN F 3 -43.35 -12.28 36.64
C GLN F 3 -44.36 -12.51 35.51
N MET F 4 -44.02 -13.43 34.61
CA MET F 4 -44.85 -13.68 33.44
C MET F 4 -45.74 -14.89 33.65
N THR F 5 -47.04 -14.72 33.43
CA THR F 5 -48.00 -15.79 33.60
C THR F 5 -48.60 -16.22 32.26
N GLN F 6 -48.46 -17.49 31.92
CA GLN F 6 -49.01 -18.01 30.67
C GLN F 6 -50.25 -18.86 30.94
N SER F 7 -51.20 -18.83 30.03
CA SER F 7 -52.36 -19.70 30.12
C SER F 7 -52.75 -20.27 28.76
N PRO F 8 -53.05 -21.56 28.70
CA PRO F 8 -52.87 -22.54 29.79
C PRO F 8 -51.45 -23.08 29.85
N SER F 9 -51.20 -23.98 30.80
CA SER F 9 -49.89 -24.61 30.91
C SER F 9 -49.70 -25.60 29.77
N THR F 10 -50.79 -26.22 29.34
CA THR F 10 -50.78 -27.08 28.16
C THR F 10 -52.17 -27.13 27.52
N LEU F 11 -52.21 -27.37 26.22
CA LEU F 11 -53.48 -27.40 25.50
C LEU F 11 -53.49 -28.42 24.35
N SER F 12 -54.67 -28.91 24.01
CA SER F 12 -54.86 -29.82 22.90
C SER F 12 -55.55 -29.12 21.72
N ALA F 13 -54.88 -29.07 20.57
CA ALA F 13 -55.44 -28.41 19.39
C ALA F 13 -55.14 -29.21 18.12
N SER F 14 -56.04 -29.12 17.15
CA SER F 14 -55.91 -29.90 15.92
C SER F 14 -55.32 -29.12 14.76
N ILE F 15 -55.18 -29.80 13.63
CA ILE F 15 -54.62 -29.19 12.43
C ILE F 15 -55.66 -28.33 11.73
N GLY F 16 -55.29 -27.08 11.43
CA GLY F 16 -56.18 -26.16 10.76
C GLY F 16 -56.83 -25.22 11.76
N ASP F 17 -56.76 -25.59 13.04
CA ASP F 17 -57.34 -24.80 14.10
C ASP F 17 -56.59 -23.48 14.29
N THR F 18 -57.27 -22.51 14.89
CA THR F 18 -56.66 -21.25 15.27
C THR F 18 -56.34 -21.25 16.76
N VAL F 19 -55.05 -21.26 17.08
CA VAL F 19 -54.61 -21.36 18.47
C VAL F 19 -54.23 -20.01 19.07
N ARG F 20 -54.82 -19.70 20.23
CA ARG F 20 -54.51 -18.48 20.95
C ARG F 20 -53.91 -18.76 22.32
N ILE F 21 -52.65 -18.36 22.50
CA ILE F 21 -51.99 -18.50 23.80
C ILE F 21 -51.73 -17.12 24.39
N SER F 22 -52.36 -16.84 25.53
CA SER F 22 -52.20 -15.53 26.14
C SER F 22 -51.10 -15.54 27.19
N CYS F 23 -50.76 -14.35 27.67
CA CYS F 23 -49.75 -14.21 28.69
C CYS F 23 -49.98 -12.90 29.44
N ARG F 24 -49.69 -12.88 30.73
CA ARG F 24 -49.87 -11.67 31.50
C ARG F 24 -48.64 -11.39 32.36
N ALA F 25 -48.24 -10.12 32.39
CA ALA F 25 -47.07 -9.70 33.13
C ALA F 25 -47.46 -9.11 34.47
N SER F 26 -46.58 -9.26 35.45
CA SER F 26 -46.84 -8.76 36.80
C SER F 26 -47.14 -7.26 36.80
N GLN F 27 -46.69 -6.57 35.75
CA GLN F 27 -46.99 -5.15 35.58
C GLN F 27 -47.33 -4.85 34.13
N SER F 28 -47.61 -3.57 33.84
CA SER F 28 -47.93 -3.15 32.49
C SER F 28 -46.65 -2.86 31.71
N ILE F 29 -46.54 -3.47 30.54
CA ILE F 29 -45.38 -3.24 29.68
C ILE F 29 -45.79 -2.35 28.52
N THR F 30 -45.15 -1.20 28.43
CA THR F 30 -45.45 -0.27 27.36
C THR F 30 -44.18 -0.04 26.54
N GLY F 31 -44.36 0.21 25.25
CA GLY F 31 -43.25 0.15 24.32
C GLY F 31 -43.31 -1.25 23.74
N ASN F 32 -44.19 -2.04 24.34
CA ASN F 32 -44.47 -3.41 23.92
C ASN F 32 -43.23 -4.26 23.83
N TRP F 33 -42.46 -4.33 24.91
CA TRP F 33 -41.29 -5.18 24.93
C TRP F 33 -41.63 -6.57 25.45
N VAL F 34 -41.90 -7.46 24.50
CA VAL F 34 -42.35 -8.82 24.78
C VAL F 34 -41.88 -9.71 23.65
N ALA F 35 -41.43 -10.91 23.98
CA ALA F 35 -40.96 -11.84 22.97
C ALA F 35 -41.63 -13.20 23.11
N TRP F 36 -41.86 -13.86 21.97
CA TRP F 36 -42.41 -15.21 21.96
C TRP F 36 -41.46 -16.19 21.29
N TYR F 37 -41.15 -17.27 21.99
CA TYR F 37 -40.21 -18.27 21.49
C TYR F 37 -40.89 -19.61 21.25
N GLN F 38 -40.37 -20.35 20.27
CA GLN F 38 -40.86 -21.70 20.00
C GLN F 38 -39.76 -22.73 20.31
N GLN F 39 -40.12 -23.78 21.02
CA GLN F 39 -39.18 -24.85 21.31
C GLN F 39 -39.78 -26.21 21.03
N ARG F 40 -39.19 -26.92 20.07
CA ARG F 40 -39.54 -28.30 19.81
C ARG F 40 -38.76 -29.19 20.77
N PRO F 41 -39.34 -30.33 21.18
CA PRO F 41 -38.70 -31.19 22.15
C PRO F 41 -37.33 -31.68 21.69
N GLY F 42 -36.32 -31.54 22.55
CA GLY F 42 -34.97 -31.96 22.24
C GLY F 42 -34.17 -30.95 21.44
N LYS F 43 -34.79 -29.83 21.10
CA LYS F 43 -34.12 -28.78 20.33
C LYS F 43 -34.05 -27.46 21.08
N ALA F 44 -33.11 -26.61 20.70
CA ALA F 44 -32.97 -25.29 21.30
C ALA F 44 -34.16 -24.42 20.92
N PRO F 45 -34.61 -23.55 21.83
CA PRO F 45 -35.75 -22.67 21.58
C PRO F 45 -35.44 -21.63 20.50
N ARG F 46 -36.41 -21.38 19.62
CA ARG F 46 -36.23 -20.44 18.53
C ARG F 46 -37.09 -19.19 18.71
N LEU F 47 -36.53 -18.03 18.35
CA LEU F 47 -37.23 -16.76 18.47
C LEU F 47 -38.22 -16.54 17.33
N LEU F 48 -39.46 -16.22 17.69
CA LEU F 48 -40.50 -15.99 16.70
C LEU F 48 -40.85 -14.51 16.53
N ILE F 49 -41.41 -13.91 17.57
CA ILE F 49 -41.90 -12.54 17.51
C ILE F 49 -41.26 -11.67 18.59
N TYR F 50 -40.84 -10.47 18.19
CA TYR F 50 -40.30 -9.50 19.13
C TYR F 50 -41.23 -8.28 19.13
N ARG F 51 -41.14 -7.47 20.18
CA ARG F 51 -42.02 -6.31 20.35
C ARG F 51 -43.50 -6.68 20.29
N GLY F 52 -43.80 -7.95 20.52
CA GLY F 52 -45.14 -8.44 20.70
C GLY F 52 -45.92 -8.73 19.43
N ALA F 53 -45.79 -7.88 18.41
CA ALA F 53 -46.39 -8.18 17.11
C ALA F 53 -45.36 -8.30 15.99
N ALA F 54 -44.11 -7.94 16.27
CA ALA F 54 -43.15 -7.84 15.18
C ALA F 54 -42.57 -9.21 14.93
N LEU F 55 -42.99 -9.80 13.82
CA LEU F 55 -42.59 -11.13 13.43
C LEU F 55 -41.21 -11.11 12.79
N LEU F 56 -40.40 -12.11 13.11
CA LEU F 56 -39.06 -12.19 12.55
C LEU F 56 -39.12 -12.72 11.13
N GLY F 57 -38.17 -12.30 10.30
CA GLY F 57 -38.12 -12.70 8.91
C GLY F 57 -37.87 -14.18 8.73
N GLY F 58 -38.72 -14.82 7.93
CA GLY F 58 -38.63 -16.25 7.68
C GLY F 58 -39.70 -17.04 8.41
N VAL F 59 -40.43 -16.36 9.29
CA VAL F 59 -41.54 -16.99 10.00
C VAL F 59 -42.82 -16.86 9.19
N PRO F 60 -43.57 -17.96 9.05
CA PRO F 60 -44.85 -17.96 8.30
C PRO F 60 -45.83 -16.90 8.79
N SER F 61 -46.72 -16.48 7.91
CA SER F 61 -47.67 -15.41 8.21
C SER F 61 -48.81 -15.88 9.13
N ARG F 62 -48.84 -17.18 9.40
CA ARG F 62 -49.89 -17.77 10.23
C ARG F 62 -49.79 -17.32 11.69
N PHE F 63 -48.63 -16.82 12.08
CA PHE F 63 -48.41 -16.39 13.46
C PHE F 63 -48.69 -14.91 13.63
N SER F 64 -49.46 -14.57 14.67
CA SER F 64 -49.82 -13.18 14.93
C SER F 64 -49.75 -12.86 16.41
N GLY F 65 -49.08 -11.76 16.75
CA GLY F 65 -48.99 -11.30 18.12
C GLY F 65 -49.93 -10.15 18.44
N SER F 66 -50.20 -9.96 19.73
CA SER F 66 -51.00 -8.82 20.18
C SER F 66 -50.51 -8.33 21.53
N ALA F 67 -50.36 -7.01 21.68
CA ALA F 67 -49.81 -6.43 22.90
C ALA F 67 -50.62 -5.23 23.37
N ALA F 68 -51.27 -5.38 24.52
CA ALA F 68 -51.98 -4.27 25.15
C ALA F 68 -51.83 -4.29 26.67
N GLY F 69 -51.16 -3.28 27.22
CA GLY F 69 -51.02 -3.13 28.66
C GLY F 69 -50.40 -4.32 29.36
N THR F 70 -51.09 -4.84 30.36
CA THR F 70 -50.60 -5.97 31.14
C THR F 70 -50.87 -7.31 30.45
N ASP F 71 -51.82 -7.29 29.52
CA ASP F 71 -52.27 -8.52 28.88
C ASP F 71 -51.67 -8.71 27.50
N PHE F 72 -51.02 -9.84 27.28
CA PHE F 72 -50.42 -10.14 26.00
C PHE F 72 -50.93 -11.48 25.48
N THR F 73 -51.07 -11.59 24.16
CA THR F 73 -51.54 -12.82 23.56
C THR F 73 -50.92 -13.08 22.18
N LEU F 74 -50.56 -14.33 21.93
CA LEU F 74 -50.02 -14.74 20.64
C LEU F 74 -51.04 -15.60 19.90
N THR F 75 -51.37 -15.21 18.67
CA THR F 75 -52.39 -15.90 17.91
C THR F 75 -51.82 -16.69 16.73
N ILE F 76 -52.12 -17.98 16.70
CA ILE F 76 -51.67 -18.84 15.61
C ILE F 76 -52.85 -19.43 14.86
N GLY F 77 -53.03 -19.00 13.62
CA GLY F 77 -54.11 -19.53 12.80
C GLY F 77 -53.65 -20.68 11.93
N ASN F 78 -54.59 -21.55 11.56
CA ASN F 78 -54.31 -22.72 10.74
C ASN F 78 -53.16 -23.54 11.29
N LEU F 79 -53.38 -24.17 12.44
CA LEU F 79 -52.35 -24.93 13.12
C LEU F 79 -51.85 -26.10 12.30
N GLN F 80 -50.54 -26.33 12.32
CA GLN F 80 -49.92 -27.42 11.57
C GLN F 80 -48.98 -28.22 12.45
N ALA F 81 -48.53 -29.36 11.94
CA ALA F 81 -47.73 -30.31 12.70
C ALA F 81 -46.44 -29.72 13.26
N GLU F 82 -45.73 -28.95 12.44
CA GLU F 82 -44.43 -28.40 12.83
C GLU F 82 -44.55 -27.34 13.92
N ASP F 83 -45.77 -26.86 14.15
CA ASP F 83 -46.02 -25.80 15.12
C ASP F 83 -46.10 -26.32 16.55
N PHE F 84 -46.36 -27.61 16.69
CA PHE F 84 -46.52 -28.23 18.01
C PHE F 84 -45.23 -28.22 18.83
N GLY F 85 -45.36 -27.89 20.11
CA GLY F 85 -44.22 -27.84 21.01
C GLY F 85 -44.52 -26.99 22.22
N THR F 86 -43.47 -26.50 22.88
CA THR F 86 -43.63 -25.66 24.06
C THR F 86 -43.26 -24.22 23.76
N PHE F 87 -44.16 -23.30 24.08
CA PHE F 87 -43.95 -21.87 23.81
C PHE F 87 -43.75 -21.06 25.09
N TYR F 88 -42.88 -20.06 25.01
CA TYR F 88 -42.59 -19.20 26.15
C TYR F 88 -42.74 -17.72 25.78
N CYS F 89 -43.22 -16.94 26.73
CA CYS F 89 -43.28 -15.49 26.55
C CYS F 89 -42.22 -14.83 27.43
N GLN F 90 -41.55 -13.81 26.90
CA GLN F 90 -40.44 -13.17 27.59
C GLN F 90 -40.52 -11.65 27.53
N GLN F 91 -40.15 -11.00 28.62
CA GLN F 91 -40.09 -9.54 28.66
C GLN F 91 -38.64 -9.08 28.78
N TYR F 92 -38.21 -8.25 27.83
CA TYR F 92 -36.91 -7.61 27.94
C TYR F 92 -37.08 -6.15 28.35
N ASP F 93 -38.30 -5.79 28.75
CA ASP F 93 -38.64 -4.44 29.15
C ASP F 93 -37.69 -3.86 30.21
N THR F 94 -37.39 -4.65 31.23
CA THR F 94 -36.52 -4.19 32.31
C THR F 94 -35.54 -5.27 32.76
N TYR F 95 -34.46 -4.83 33.40
CA TYR F 95 -33.41 -5.70 33.88
C TYR F 95 -33.80 -6.44 35.16
N PRO F 96 -33.70 -7.78 35.15
CA PRO F 96 -33.33 -8.61 33.99
C PRO F 96 -34.56 -9.14 33.25
N GLY F 97 -34.35 -9.83 32.14
CA GLY F 97 -35.44 -10.42 31.38
C GLY F 97 -36.02 -11.65 32.06
N THR F 98 -37.35 -11.76 32.04
CA THR F 98 -38.03 -12.90 32.66
C THR F 98 -38.99 -13.58 31.70
N PHE F 99 -39.02 -14.90 31.75
CA PHE F 99 -39.86 -15.70 30.87
C PHE F 99 -41.17 -16.10 31.54
N GLY F 100 -42.02 -16.80 30.81
CA GLY F 100 -43.31 -17.24 31.31
C GLY F 100 -43.28 -18.68 31.80
N GLN F 101 -44.43 -19.17 32.27
CA GLN F 101 -44.55 -20.52 32.79
C GLN F 101 -44.24 -21.53 31.70
N GLY F 102 -44.57 -21.16 30.46
CA GLY F 102 -44.44 -22.04 29.31
C GLY F 102 -45.78 -22.66 28.97
N THR F 103 -46.00 -22.91 27.68
CA THR F 103 -47.24 -23.51 27.23
C THR F 103 -46.97 -24.64 26.25
N LYS F 104 -47.41 -25.84 26.61
CA LYS F 104 -47.18 -27.00 25.77
C LYS F 104 -48.32 -27.17 24.79
N VAL F 105 -48.03 -26.96 23.51
CA VAL F 105 -49.03 -27.14 22.47
C VAL F 105 -49.01 -28.60 22.04
N GLU F 106 -50.11 -29.29 22.26
CA GLU F 106 -50.13 -30.74 22.10
C GLU F 106 -51.14 -31.12 21.02
N VAL F 107 -50.77 -32.09 20.19
CA VAL F 107 -51.58 -32.47 19.03
C VAL F 107 -52.95 -32.98 19.46
N LYS F 108 -54.00 -32.57 18.76
CA LYS F 108 -55.33 -33.08 19.06
C LYS F 108 -55.72 -34.19 18.07
N ARG F 109 -56.48 -35.14 18.58
CA ARG F 109 -56.86 -36.34 17.86
C ARG F 109 -57.92 -37.01 18.71
N THR F 110 -58.65 -37.97 18.15
CA THR F 110 -59.69 -38.66 18.89
C THR F 110 -59.09 -39.25 20.17
N VAL F 111 -59.83 -39.12 21.28
CA VAL F 111 -59.34 -39.63 22.54
C VAL F 111 -59.14 -41.13 22.45
N ALA F 112 -57.93 -41.57 22.78
CA ALA F 112 -57.58 -42.98 22.64
C ALA F 112 -57.22 -43.59 23.99
N ALA F 113 -57.86 -44.71 24.31
CA ALA F 113 -57.60 -45.41 25.55
C ALA F 113 -56.33 -46.25 25.44
N PRO F 114 -55.52 -46.27 26.51
CA PRO F 114 -54.29 -47.06 26.55
C PRO F 114 -54.61 -48.54 26.74
N SER F 115 -53.69 -49.40 26.31
CA SER F 115 -53.81 -50.82 26.60
C SER F 115 -52.84 -51.13 27.72
N VAL F 116 -53.38 -51.41 28.91
CA VAL F 116 -52.57 -51.55 30.11
C VAL F 116 -52.03 -52.96 30.29
N PHE F 117 -50.73 -53.07 30.52
CA PHE F 117 -50.09 -54.35 30.76
C PHE F 117 -49.21 -54.26 32.00
N ILE F 118 -49.26 -55.27 32.85
CA ILE F 118 -48.46 -55.27 34.07
C ILE F 118 -47.45 -56.41 34.02
N PHE F 119 -46.21 -56.12 34.39
CA PHE F 119 -45.16 -57.11 34.36
C PHE F 119 -44.64 -57.41 35.76
N PRO F 120 -44.76 -58.67 36.19
CA PRO F 120 -44.19 -59.09 37.48
C PRO F 120 -42.67 -59.05 37.44
N PRO F 121 -42.02 -58.86 38.60
CA PRO F 121 -40.57 -58.77 38.66
C PRO F 121 -39.89 -60.02 38.10
N SER F 122 -38.76 -59.83 37.43
CA SER F 122 -38.01 -60.96 36.89
C SER F 122 -37.36 -61.75 38.01
N ASP F 123 -37.02 -63.01 37.70
CA ASP F 123 -36.44 -63.90 38.69
C ASP F 123 -35.06 -63.44 39.13
N GLU F 124 -34.24 -63.00 38.17
CA GLU F 124 -32.88 -62.57 38.47
C GLU F 124 -32.87 -61.31 39.31
N GLN F 125 -33.92 -60.51 39.18
CA GLN F 125 -34.05 -59.28 39.94
C GLN F 125 -34.34 -59.56 41.42
N LEU F 126 -35.12 -60.60 41.67
CA LEU F 126 -35.47 -60.99 43.04
C LEU F 126 -34.23 -61.40 43.83
N LYS F 127 -33.23 -61.91 43.12
CA LYS F 127 -31.99 -62.35 43.74
C LYS F 127 -31.10 -61.16 44.11
N SER F 128 -31.41 -59.99 43.54
CA SER F 128 -30.62 -58.79 43.81
C SER F 128 -31.01 -58.18 45.15
N GLY F 129 -32.20 -58.53 45.64
CA GLY F 129 -32.67 -58.04 46.92
C GLY F 129 -33.74 -56.97 46.77
N THR F 130 -34.11 -56.66 45.53
CA THR F 130 -35.14 -55.68 45.27
C THR F 130 -36.13 -56.19 44.23
N ALA F 131 -37.35 -55.66 44.27
CA ALA F 131 -38.39 -56.06 43.33
C ALA F 131 -39.09 -54.82 42.78
N SER F 132 -39.16 -54.72 41.45
CA SER F 132 -39.79 -53.57 40.81
C SER F 132 -40.97 -53.98 39.94
N VAL F 133 -42.15 -53.53 40.31
CA VAL F 133 -43.35 -53.79 39.52
C VAL F 133 -43.55 -52.67 38.52
N VAL F 134 -43.71 -53.05 37.25
CA VAL F 134 -43.83 -52.07 36.18
C VAL F 134 -45.22 -52.09 35.56
N CYS F 135 -45.94 -50.98 35.71
CA CYS F 135 -47.23 -50.83 35.05
C CYS F 135 -47.04 -50.11 33.73
N LEU F 136 -47.65 -50.63 32.68
CA LEU F 136 -47.46 -50.09 31.34
C LEU F 136 -48.72 -49.45 30.77
N LEU F 137 -48.56 -48.26 30.22
CA LEU F 137 -49.62 -47.63 29.46
C LEU F 137 -49.16 -47.46 28.02
N ASN F 138 -49.80 -48.19 27.11
CA ASN F 138 -49.46 -48.12 25.70
C ASN F 138 -50.01 -46.84 25.10
N ASN F 139 -50.03 -46.76 23.78
CA ASN F 139 -50.47 -45.56 23.08
C ASN F 139 -51.81 -45.05 23.59
N PHE F 140 -51.83 -43.79 24.02
CA PHE F 140 -53.04 -43.23 24.62
C PHE F 140 -53.10 -41.73 24.41
N TYR F 141 -54.33 -41.22 24.42
CA TYR F 141 -54.55 -39.79 24.28
C TYR F 141 -55.60 -39.26 25.24
N PRO F 142 -55.32 -38.10 25.85
CA PRO F 142 -54.09 -37.28 25.85
C PRO F 142 -53.07 -37.75 26.89
N ARG F 143 -51.98 -36.99 27.01
CA ARG F 143 -50.87 -37.34 27.89
C ARG F 143 -51.26 -37.43 29.37
N GLU F 144 -52.17 -36.56 29.81
CA GLU F 144 -52.58 -36.53 31.21
C GLU F 144 -53.27 -37.82 31.61
N ALA F 145 -52.75 -38.48 32.65
CA ALA F 145 -53.28 -39.76 33.12
C ALA F 145 -52.91 -40.05 34.57
N LYS F 146 -53.59 -41.02 35.16
CA LYS F 146 -53.34 -41.42 36.55
C LYS F 146 -52.89 -42.87 36.68
N VAL F 147 -51.84 -43.09 37.46
CA VAL F 147 -51.43 -44.43 37.82
C VAL F 147 -51.20 -44.53 39.33
N GLN F 148 -52.02 -45.32 40.01
CA GLN F 148 -51.88 -45.52 41.45
C GLN F 148 -51.53 -46.96 41.78
N TRP F 149 -50.82 -47.16 42.88
CA TRP F 149 -50.40 -48.50 43.28
C TRP F 149 -51.13 -49.00 44.52
N LYS F 150 -51.95 -50.02 44.36
CA LYS F 150 -52.64 -50.65 45.47
C LYS F 150 -52.06 -52.02 45.83
N VAL F 151 -51.61 -52.17 47.07
CA VAL F 151 -51.12 -53.46 47.55
C VAL F 151 -52.13 -54.05 48.52
N ASP F 152 -52.73 -55.18 48.13
CA ASP F 152 -53.80 -55.81 48.92
C ASP F 152 -54.89 -54.79 49.26
N ASN F 153 -55.34 -54.05 48.24
CA ASN F 153 -56.33 -53.00 48.39
C ASN F 153 -55.87 -51.92 49.36
N ALA F 154 -54.60 -51.53 49.25
CA ALA F 154 -54.06 -50.44 50.05
C ALA F 154 -53.10 -49.61 49.23
N LEU F 155 -53.25 -48.29 49.29
CA LEU F 155 -52.44 -47.38 48.51
C LEU F 155 -50.99 -47.39 48.99
N GLN F 156 -50.09 -46.98 48.10
CA GLN F 156 -48.67 -46.92 48.45
C GLN F 156 -48.13 -45.55 48.20
N SER F 157 -47.46 -45.02 49.22
CA SER F 157 -46.83 -43.72 49.12
C SER F 157 -45.32 -43.86 49.05
N GLY F 158 -44.70 -43.09 48.17
CA GLY F 158 -43.26 -43.15 48.01
C GLY F 158 -42.89 -44.33 47.15
N ASN F 159 -41.59 -44.48 46.88
CA ASN F 159 -41.08 -45.58 46.09
C ASN F 159 -41.77 -45.76 44.73
N SER F 160 -42.28 -44.67 44.17
CA SER F 160 -42.97 -44.75 42.90
C SER F 160 -42.40 -43.74 41.90
N GLN F 161 -42.12 -44.24 40.70
CA GLN F 161 -41.56 -43.41 39.63
C GLN F 161 -42.25 -43.72 38.32
N GLU F 162 -42.65 -42.68 37.58
CA GLU F 162 -43.30 -42.87 36.30
C GLU F 162 -42.47 -42.30 35.15
N SER F 163 -42.69 -42.85 33.95
CA SER F 163 -41.98 -42.39 32.77
C SER F 163 -42.96 -42.15 31.63
N VAL F 164 -42.72 -41.12 30.85
CA VAL F 164 -43.61 -40.75 29.75
C VAL F 164 -42.83 -40.54 28.46
N THR F 165 -43.26 -41.20 27.38
CA THR F 165 -42.67 -40.99 26.08
C THR F 165 -43.15 -39.66 25.51
N GLU F 166 -42.40 -39.11 24.56
CA GLU F 166 -42.85 -37.92 23.85
C GLU F 166 -44.03 -38.29 22.97
N GLN F 167 -44.80 -37.29 22.56
CA GLN F 167 -45.94 -37.55 21.69
C GLN F 167 -45.47 -38.19 20.40
N ASP F 168 -46.11 -39.29 20.03
CA ASP F 168 -45.68 -40.08 18.89
C ASP F 168 -45.66 -39.27 17.61
N SER F 169 -44.71 -39.56 16.73
CA SER F 169 -44.50 -38.79 15.52
C SER F 169 -45.69 -38.87 14.56
N LYS F 170 -46.30 -40.05 14.49
CA LYS F 170 -47.42 -40.27 13.57
C LYS F 170 -48.75 -40.38 14.31
N ASP F 171 -48.84 -41.34 15.21
CA ASP F 171 -50.05 -41.57 16.00
C ASP F 171 -50.43 -40.35 16.85
N SER F 172 -49.45 -39.48 17.08
CA SER F 172 -49.61 -38.31 17.94
C SER F 172 -50.13 -38.76 19.29
N THR F 173 -49.48 -39.77 19.85
CA THR F 173 -49.92 -40.35 21.10
C THR F 173 -48.77 -40.43 22.08
N TYR F 174 -49.11 -40.73 23.34
CA TYR F 174 -48.12 -40.85 24.39
C TYR F 174 -48.08 -42.29 24.92
N SER F 175 -46.99 -42.65 25.56
CA SER F 175 -46.88 -43.94 26.23
C SER F 175 -46.29 -43.71 27.61
N LEU F 176 -46.84 -44.40 28.62
CA LEU F 176 -46.44 -44.14 29.99
C LEU F 176 -45.98 -45.40 30.71
N SER F 177 -44.95 -45.24 31.53
CA SER F 177 -44.44 -46.31 32.38
C SER F 177 -44.55 -45.92 33.84
N SER F 178 -44.58 -46.91 34.71
CA SER F 178 -44.60 -46.67 36.15
C SER F 178 -43.68 -47.65 36.85
N THR F 179 -42.83 -47.13 37.72
CA THR F 179 -41.82 -47.95 38.38
C THR F 179 -41.99 -47.90 39.89
N LEU F 180 -42.24 -49.07 40.47
CA LEU F 180 -42.39 -49.22 41.91
C LEU F 180 -41.18 -49.93 42.50
N THR F 181 -40.36 -49.21 43.25
CA THR F 181 -39.13 -49.78 43.79
C THR F 181 -39.27 -50.15 45.26
N LEU F 182 -39.27 -51.45 45.55
CA LEU F 182 -39.33 -51.94 46.92
C LEU F 182 -38.27 -52.99 47.19
N SER F 183 -38.00 -53.27 48.46
CA SER F 183 -37.01 -54.28 48.84
C SER F 183 -37.55 -55.70 48.77
N LYS F 184 -36.70 -56.67 49.08
CA LYS F 184 -37.08 -58.08 49.07
C LYS F 184 -37.86 -58.48 50.30
N ALA F 185 -37.46 -57.95 51.45
CA ALA F 185 -38.07 -58.31 52.73
C ALA F 185 -39.54 -57.88 52.75
N ASP F 186 -39.79 -56.64 52.37
CA ASP F 186 -41.14 -56.10 52.35
C ASP F 186 -41.96 -56.74 51.25
N TYR F 187 -41.27 -57.32 50.26
CA TYR F 187 -41.92 -57.96 49.12
C TYR F 187 -42.57 -59.30 49.47
N GLU F 188 -41.97 -60.01 50.42
CA GLU F 188 -42.48 -61.33 50.81
C GLU F 188 -43.65 -61.21 51.76
N LYS F 189 -43.81 -60.03 52.36
CA LYS F 189 -44.84 -59.81 53.37
C LYS F 189 -46.23 -59.55 52.78
N HIS F 190 -46.30 -59.41 51.46
CA HIS F 190 -47.56 -59.10 50.80
C HIS F 190 -47.88 -60.07 49.67
N LYS F 191 -49.17 -60.17 49.32
CA LYS F 191 -49.63 -61.17 48.37
C LYS F 191 -49.97 -60.57 47.00
N VAL F 192 -51.03 -59.77 46.96
CA VAL F 192 -51.53 -59.23 45.70
C VAL F 192 -51.08 -57.79 45.47
N TYR F 193 -50.53 -57.52 44.30
CA TYR F 193 -50.11 -56.17 43.94
C TYR F 193 -50.93 -55.65 42.77
N ALA F 194 -51.47 -54.44 42.90
CA ALA F 194 -52.35 -53.90 41.88
C ALA F 194 -51.90 -52.54 41.34
N CYS F 195 -52.13 -52.33 40.05
CA CYS F 195 -51.82 -51.07 39.40
C CYS F 195 -53.12 -50.42 38.90
N GLU F 196 -53.51 -49.31 39.53
CA GLU F 196 -54.77 -48.68 39.18
C GLU F 196 -54.58 -47.48 38.28
N VAL F 197 -55.16 -47.54 37.09
CA VAL F 197 -55.08 -46.45 36.14
C VAL F 197 -56.47 -45.93 35.77
N THR F 198 -56.58 -44.61 35.64
CA THR F 198 -57.82 -43.98 35.23
C THR F 198 -57.51 -42.96 34.15
N HIS F 199 -58.20 -43.05 33.02
CA HIS F 199 -57.90 -42.17 31.90
C HIS F 199 -59.18 -41.87 31.12
N GLN F 200 -59.14 -40.74 30.43
CA GLN F 200 -60.29 -40.16 29.76
C GLN F 200 -60.84 -41.10 28.69
N GLY F 201 -59.97 -41.97 28.20
CA GLY F 201 -60.27 -42.96 27.19
C GLY F 201 -60.98 -44.23 27.60
N LEU F 202 -60.67 -44.73 28.80
CA LEU F 202 -61.10 -46.07 29.21
C LEU F 202 -62.61 -46.32 29.26
N SER F 203 -63.36 -45.41 29.88
CA SER F 203 -64.81 -45.59 30.05
C SER F 203 -65.07 -46.86 30.87
N SER F 204 -64.11 -47.21 31.71
CA SER F 204 -64.16 -48.39 32.56
C SER F 204 -63.00 -48.30 33.53
N PRO F 205 -63.10 -48.96 34.69
CA PRO F 205 -61.96 -48.81 35.59
C PRO F 205 -60.92 -49.85 35.27
N VAL F 206 -59.64 -49.49 35.33
CA VAL F 206 -58.67 -50.51 35.01
C VAL F 206 -57.70 -50.67 36.17
N THR F 207 -57.43 -51.94 36.46
CA THR F 207 -56.53 -52.36 37.50
C THR F 207 -55.91 -53.64 36.99
N LYS F 208 -54.60 -53.70 36.93
CA LYS F 208 -53.96 -54.93 36.50
C LYS F 208 -53.14 -55.48 37.65
N SER F 209 -53.41 -56.73 38.01
CA SER F 209 -52.78 -57.34 39.17
C SER F 209 -52.33 -58.75 38.87
N PHE F 210 -51.51 -59.29 39.77
CA PHE F 210 -51.00 -60.65 39.64
C PHE F 210 -50.96 -61.32 41.01
N ASN F 211 -51.29 -62.61 41.03
CA ASN F 211 -51.35 -63.37 42.27
C ASN F 211 -50.02 -64.04 42.58
N ARG F 212 -49.01 -63.72 41.77
CA ARG F 212 -47.64 -64.24 41.91
C ARG F 212 -47.61 -65.75 42.06
#